data_3NZI
# 
_entry.id   3NZI 
# 
_audit_conform.dict_name       mmcif_pdbx.dic 
_audit_conform.dict_version    5.399 
_audit_conform.dict_location   http://mmcif.pdb.org/dictionaries/ascii/mmcif_pdbx.dic 
# 
loop_
_database_2.database_id 
_database_2.database_code 
_database_2.pdbx_database_accession 
_database_2.pdbx_DOI 
PDB   3NZI         pdb_00003nzi 10.2210/pdb3nzi/pdb 
RCSB  RCSB060474   ?            ?                   
WWPDB D_1000060474 ?            ?                   
# 
loop_
_pdbx_audit_revision_history.ordinal 
_pdbx_audit_revision_history.data_content_type 
_pdbx_audit_revision_history.major_revision 
_pdbx_audit_revision_history.minor_revision 
_pdbx_audit_revision_history.revision_date 
1 'Structure model' 1 0 2011-02-23 
2 'Structure model' 1 1 2011-07-13 
3 'Structure model' 1 2 2018-04-18 
4 'Structure model' 1 3 2023-09-06 
5 'Structure model' 1 4 2023-11-22 
6 'Structure model' 1 5 2024-11-20 
# 
_pdbx_audit_revision_details.ordinal             1 
_pdbx_audit_revision_details.revision_ordinal    1 
_pdbx_audit_revision_details.data_content_type   'Structure model' 
_pdbx_audit_revision_details.provider            repository 
_pdbx_audit_revision_details.type                'Initial release' 
_pdbx_audit_revision_details.description         ? 
_pdbx_audit_revision_details.details             ? 
# 
loop_
_pdbx_audit_revision_group.ordinal 
_pdbx_audit_revision_group.revision_ordinal 
_pdbx_audit_revision_group.data_content_type 
_pdbx_audit_revision_group.group 
1 2 'Structure model' 'Version format compliance' 
2 3 'Structure model' 'Data collection'           
3 4 'Structure model' 'Data collection'           
4 4 'Structure model' 'Database references'       
5 4 'Structure model' 'Derived calculations'      
6 4 'Structure model' 'Refinement description'    
7 5 'Structure model' 'Data collection'           
8 6 'Structure model' 'Structure summary'         
# 
loop_
_pdbx_audit_revision_category.ordinal 
_pdbx_audit_revision_category.revision_ordinal 
_pdbx_audit_revision_category.data_content_type 
_pdbx_audit_revision_category.category 
1  3 'Structure model' diffrn_detector               
2  4 'Structure model' chem_comp_atom                
3  4 'Structure model' chem_comp_bond                
4  4 'Structure model' database_2                    
5  4 'Structure model' pdbx_initial_refinement_model 
6  4 'Structure model' struct_conn                   
7  4 'Structure model' struct_ref_seq_dif            
8  5 'Structure model' chem_comp_atom                
9  5 'Structure model' chem_comp_bond                
10 6 'Structure model' pdbx_entry_details            
11 6 'Structure model' pdbx_modification_feature     
# 
loop_
_pdbx_audit_revision_item.ordinal 
_pdbx_audit_revision_item.revision_ordinal 
_pdbx_audit_revision_item.data_content_type 
_pdbx_audit_revision_item.item 
1  3 'Structure model' '_diffrn_detector.detector'           
2  4 'Structure model' '_database_2.pdbx_DOI'                
3  4 'Structure model' '_database_2.pdbx_database_accession' 
4  4 'Structure model' '_struct_conn.pdbx_dist_value'        
5  4 'Structure model' '_struct_conn.pdbx_leaving_atom_flag' 
6  4 'Structure model' '_struct_conn.ptnr1_auth_asym_id'     
7  4 'Structure model' '_struct_conn.ptnr1_auth_comp_id'     
8  4 'Structure model' '_struct_conn.ptnr1_auth_seq_id'      
9  4 'Structure model' '_struct_conn.ptnr1_label_asym_id'    
10 4 'Structure model' '_struct_conn.ptnr1_label_atom_id'    
11 4 'Structure model' '_struct_conn.ptnr1_label_comp_id'    
12 4 'Structure model' '_struct_conn.ptnr1_label_seq_id'     
13 4 'Structure model' '_struct_conn.ptnr2_label_atom_id'    
14 4 'Structure model' '_struct_ref_seq_dif.details'         
15 5 'Structure model' '_chem_comp_atom.atom_id'             
16 5 'Structure model' '_chem_comp_bond.atom_id_2'           
# 
_pdbx_database_status.status_code                     REL 
_pdbx_database_status.entry_id                        3NZI 
_pdbx_database_status.recvd_initial_deposition_date   2010-07-16 
_pdbx_database_status.deposit_site                    RCSB 
_pdbx_database_status.process_site                    RCSB 
_pdbx_database_status.status_code_sf                  REL 
_pdbx_database_status.status_code_mr                  ? 
_pdbx_database_status.SG_entry                        ? 
_pdbx_database_status.status_code_cs                  ? 
_pdbx_database_status.pdb_format_compatible           Y 
_pdbx_database_status.methods_development_category    ? 
_pdbx_database_status.status_code_nmr_data            ? 
# 
loop_
_pdbx_database_related.db_name 
_pdbx_database_related.db_id 
_pdbx_database_related.details 
_pdbx_database_related.content_type 
PDB 3NUM . unspecified 
PDB 3NWU . unspecified 
# 
loop_
_audit_author.name 
_audit_author.pdbx_ordinal 
'Truebestein, L.' 1 
'Tennstaedt, A.'  2 
'Hauske, P.'      3 
'Krojer, T.'      4 
'Kaiser, M.'      5 
'Clausen, T.'     6 
'Ehrmann, M.'     7 
# 
_citation.id                        primary 
_citation.title                     'Substrate-induced remodeling of the active site regulates human HTRA1 activity.' 
_citation.journal_abbrev            Nat.Struct.Mol.Biol. 
_citation.journal_volume            18 
_citation.page_first                386 
_citation.page_last                 388 
_citation.year                      2011 
_citation.journal_id_ASTM           ? 
_citation.country                   US 
_citation.journal_id_ISSN           1545-9993 
_citation.journal_id_CSD            ? 
_citation.book_publisher            ? 
_citation.pdbx_database_id_PubMed   21297635 
_citation.pdbx_database_id_DOI      10.1038/nsmb.2013 
# 
loop_
_citation_author.citation_id 
_citation_author.name 
_citation_author.ordinal 
_citation_author.identifier_ORCID 
primary 'Truebestein, L.' 1 ? 
primary 'Tennstaedt, A.'  2 ? 
primary 'Monig, T.'       3 ? 
primary 'Krojer, T.'      4 ? 
primary 'Canellas, F.'    5 ? 
primary 'Kaiser, M.'      6 ? 
primary 'Clausen, T.'     7 ? 
primary 'Ehrmann, M.'     8 ? 
# 
loop_
_entity.id 
_entity.type 
_entity.src_method 
_entity.pdbx_description 
_entity.formula_weight 
_entity.pdbx_number_of_molecules 
_entity.pdbx_ec 
_entity.pdbx_mutation 
_entity.pdbx_fragment 
_entity.details 
1 polymer man 'Serine protease HTRA1' 36685.902 1 3.4.21.- ? 'unp residues 158-480' ? 
2 polymer syn 'Citrate synthase'      849.865   1 ?        ? 'unp residues 371-377' ? 
# 
_entity_name_com.entity_id   1 
_entity_name_com.name        'L56, Serine protease 11' 
# 
loop_
_entity_poly.entity_id 
_entity_poly.type 
_entity_poly.nstd_linkage 
_entity_poly.nstd_monomer 
_entity_poly.pdbx_seq_one_letter_code 
_entity_poly.pdbx_seq_one_letter_code_can 
_entity_poly.pdbx_strand_id 
_entity_poly.pdbx_target_identifier 
1 'polypeptide(L)' no no  
;MGQEDPNSLRHKYNFIADVVEKIAPAVVHIELFRKLPFSKREVPVASGSGFIVSEDGLIVTNAHVVTNKHRVKVELKNGA
TYEAKIKDVDEKADIALIKIDHQGKLPVLLLGRSSELRPGEFVVAIGSPFSLQNTVTTGIVSTTQRGGKELGLRNSDMDY
IQTDAIINYGNSGGPLVNLDGEVIGINTLKVTAGISFAIPSDKIKKFLTESHDRQAKGKAITKKKYIGIRMMSLTSSKAK
ELKDRHRDFPDVISGAYIIEVIPDTPAEAGGLKENDVIISINGQSVVSANDVSDVIKRESTLNMVVRRGNEDIMITVIPE
EIDPRSLEHHHHHH
;
;MGQEDPNSLRHKYNFIADVVEKIAPAVVHIELFRKLPFSKREVPVASGSGFIVSEDGLIVTNAHVVTNKHRVKVELKNGA
TYEAKIKDVDEKADIALIKIDHQGKLPVLLLGRSSELRPGEFVVAIGSPFSLQNTVTTGIVSTTQRGGKELGLRNSDMDY
IQTDAIINYGNSGGPLVNLDGEVIGINTLKVTAGISFAIPSDKIKKFLTESHDRQAKGKAITKKKYIGIRMMSLTSSKAK
ELKDRHRDFPDVISGAYIIEVIPDTPAEAGGLKENDVIISINGQSVVSANDVSDVIKRESTLNMVVRRGNEDIMITVIPE
EIDPRSLEHHHHHH
;
A ? 
2 'polypeptide(L)' no yes 'DPMFKL(B2V)' DPMFKLV B ? 
# 
loop_
_entity_poly_seq.entity_id 
_entity_poly_seq.num 
_entity_poly_seq.mon_id 
_entity_poly_seq.hetero 
1 1   MET n 
1 2   GLY n 
1 3   GLN n 
1 4   GLU n 
1 5   ASP n 
1 6   PRO n 
1 7   ASN n 
1 8   SER n 
1 9   LEU n 
1 10  ARG n 
1 11  HIS n 
1 12  LYS n 
1 13  TYR n 
1 14  ASN n 
1 15  PHE n 
1 16  ILE n 
1 17  ALA n 
1 18  ASP n 
1 19  VAL n 
1 20  VAL n 
1 21  GLU n 
1 22  LYS n 
1 23  ILE n 
1 24  ALA n 
1 25  PRO n 
1 26  ALA n 
1 27  VAL n 
1 28  VAL n 
1 29  HIS n 
1 30  ILE n 
1 31  GLU n 
1 32  LEU n 
1 33  PHE n 
1 34  ARG n 
1 35  LYS n 
1 36  LEU n 
1 37  PRO n 
1 38  PHE n 
1 39  SER n 
1 40  LYS n 
1 41  ARG n 
1 42  GLU n 
1 43  VAL n 
1 44  PRO n 
1 45  VAL n 
1 46  ALA n 
1 47  SER n 
1 48  GLY n 
1 49  SER n 
1 50  GLY n 
1 51  PHE n 
1 52  ILE n 
1 53  VAL n 
1 54  SER n 
1 55  GLU n 
1 56  ASP n 
1 57  GLY n 
1 58  LEU n 
1 59  ILE n 
1 60  VAL n 
1 61  THR n 
1 62  ASN n 
1 63  ALA n 
1 64  HIS n 
1 65  VAL n 
1 66  VAL n 
1 67  THR n 
1 68  ASN n 
1 69  LYS n 
1 70  HIS n 
1 71  ARG n 
1 72  VAL n 
1 73  LYS n 
1 74  VAL n 
1 75  GLU n 
1 76  LEU n 
1 77  LYS n 
1 78  ASN n 
1 79  GLY n 
1 80  ALA n 
1 81  THR n 
1 82  TYR n 
1 83  GLU n 
1 84  ALA n 
1 85  LYS n 
1 86  ILE n 
1 87  LYS n 
1 88  ASP n 
1 89  VAL n 
1 90  ASP n 
1 91  GLU n 
1 92  LYS n 
1 93  ALA n 
1 94  ASP n 
1 95  ILE n 
1 96  ALA n 
1 97  LEU n 
1 98  ILE n 
1 99  LYS n 
1 100 ILE n 
1 101 ASP n 
1 102 HIS n 
1 103 GLN n 
1 104 GLY n 
1 105 LYS n 
1 106 LEU n 
1 107 PRO n 
1 108 VAL n 
1 109 LEU n 
1 110 LEU n 
1 111 LEU n 
1 112 GLY n 
1 113 ARG n 
1 114 SER n 
1 115 SER n 
1 116 GLU n 
1 117 LEU n 
1 118 ARG n 
1 119 PRO n 
1 120 GLY n 
1 121 GLU n 
1 122 PHE n 
1 123 VAL n 
1 124 VAL n 
1 125 ALA n 
1 126 ILE n 
1 127 GLY n 
1 128 SER n 
1 129 PRO n 
1 130 PHE n 
1 131 SER n 
1 132 LEU n 
1 133 GLN n 
1 134 ASN n 
1 135 THR n 
1 136 VAL n 
1 137 THR n 
1 138 THR n 
1 139 GLY n 
1 140 ILE n 
1 141 VAL n 
1 142 SER n 
1 143 THR n 
1 144 THR n 
1 145 GLN n 
1 146 ARG n 
1 147 GLY n 
1 148 GLY n 
1 149 LYS n 
1 150 GLU n 
1 151 LEU n 
1 152 GLY n 
1 153 LEU n 
1 154 ARG n 
1 155 ASN n 
1 156 SER n 
1 157 ASP n 
1 158 MET n 
1 159 ASP n 
1 160 TYR n 
1 161 ILE n 
1 162 GLN n 
1 163 THR n 
1 164 ASP n 
1 165 ALA n 
1 166 ILE n 
1 167 ILE n 
1 168 ASN n 
1 169 TYR n 
1 170 GLY n 
1 171 ASN n 
1 172 SER n 
1 173 GLY n 
1 174 GLY n 
1 175 PRO n 
1 176 LEU n 
1 177 VAL n 
1 178 ASN n 
1 179 LEU n 
1 180 ASP n 
1 181 GLY n 
1 182 GLU n 
1 183 VAL n 
1 184 ILE n 
1 185 GLY n 
1 186 ILE n 
1 187 ASN n 
1 188 THR n 
1 189 LEU n 
1 190 LYS n 
1 191 VAL n 
1 192 THR n 
1 193 ALA n 
1 194 GLY n 
1 195 ILE n 
1 196 SER n 
1 197 PHE n 
1 198 ALA n 
1 199 ILE n 
1 200 PRO n 
1 201 SER n 
1 202 ASP n 
1 203 LYS n 
1 204 ILE n 
1 205 LYS n 
1 206 LYS n 
1 207 PHE n 
1 208 LEU n 
1 209 THR n 
1 210 GLU n 
1 211 SER n 
1 212 HIS n 
1 213 ASP n 
1 214 ARG n 
1 215 GLN n 
1 216 ALA n 
1 217 LYS n 
1 218 GLY n 
1 219 LYS n 
1 220 ALA n 
1 221 ILE n 
1 222 THR n 
1 223 LYS n 
1 224 LYS n 
1 225 LYS n 
1 226 TYR n 
1 227 ILE n 
1 228 GLY n 
1 229 ILE n 
1 230 ARG n 
1 231 MET n 
1 232 MET n 
1 233 SER n 
1 234 LEU n 
1 235 THR n 
1 236 SER n 
1 237 SER n 
1 238 LYS n 
1 239 ALA n 
1 240 LYS n 
1 241 GLU n 
1 242 LEU n 
1 243 LYS n 
1 244 ASP n 
1 245 ARG n 
1 246 HIS n 
1 247 ARG n 
1 248 ASP n 
1 249 PHE n 
1 250 PRO n 
1 251 ASP n 
1 252 VAL n 
1 253 ILE n 
1 254 SER n 
1 255 GLY n 
1 256 ALA n 
1 257 TYR n 
1 258 ILE n 
1 259 ILE n 
1 260 GLU n 
1 261 VAL n 
1 262 ILE n 
1 263 PRO n 
1 264 ASP n 
1 265 THR n 
1 266 PRO n 
1 267 ALA n 
1 268 GLU n 
1 269 ALA n 
1 270 GLY n 
1 271 GLY n 
1 272 LEU n 
1 273 LYS n 
1 274 GLU n 
1 275 ASN n 
1 276 ASP n 
1 277 VAL n 
1 278 ILE n 
1 279 ILE n 
1 280 SER n 
1 281 ILE n 
1 282 ASN n 
1 283 GLY n 
1 284 GLN n 
1 285 SER n 
1 286 VAL n 
1 287 VAL n 
1 288 SER n 
1 289 ALA n 
1 290 ASN n 
1 291 ASP n 
1 292 VAL n 
1 293 SER n 
1 294 ASP n 
1 295 VAL n 
1 296 ILE n 
1 297 LYS n 
1 298 ARG n 
1 299 GLU n 
1 300 SER n 
1 301 THR n 
1 302 LEU n 
1 303 ASN n 
1 304 MET n 
1 305 VAL n 
1 306 VAL n 
1 307 ARG n 
1 308 ARG n 
1 309 GLY n 
1 310 ASN n 
1 311 GLU n 
1 312 ASP n 
1 313 ILE n 
1 314 MET n 
1 315 ILE n 
1 316 THR n 
1 317 VAL n 
1 318 ILE n 
1 319 PRO n 
1 320 GLU n 
1 321 GLU n 
1 322 ILE n 
1 323 ASP n 
1 324 PRO n 
1 325 ARG n 
1 326 SER n 
1 327 LEU n 
1 328 GLU n 
1 329 HIS n 
1 330 HIS n 
1 331 HIS n 
1 332 HIS n 
1 333 HIS n 
1 334 HIS n 
2 1   ASP n 
2 2   PRO n 
2 3   MET n 
2 4   PHE n 
2 5   LYS n 
2 6   LEU n 
2 7   B2V n 
# 
_entity_src_gen.entity_id                          1 
_entity_src_gen.pdbx_src_id                        1 
_entity_src_gen.pdbx_alt_source_flag               sample 
_entity_src_gen.pdbx_seq_type                      ? 
_entity_src_gen.pdbx_beg_seq_num                   ? 
_entity_src_gen.pdbx_end_seq_num                   ? 
_entity_src_gen.gene_src_common_name               human 
_entity_src_gen.gene_src_genus                     ? 
_entity_src_gen.pdbx_gene_src_gene                 'HTRA1, HTRA, PRSS11' 
_entity_src_gen.gene_src_species                   ? 
_entity_src_gen.gene_src_strain                    ? 
_entity_src_gen.gene_src_tissue                    ? 
_entity_src_gen.gene_src_tissue_fraction           ? 
_entity_src_gen.gene_src_details                   ? 
_entity_src_gen.pdbx_gene_src_fragment             ? 
_entity_src_gen.pdbx_gene_src_scientific_name      'Homo sapiens' 
_entity_src_gen.pdbx_gene_src_ncbi_taxonomy_id     9606 
_entity_src_gen.pdbx_gene_src_variant              ? 
_entity_src_gen.pdbx_gene_src_cell_line            ? 
_entity_src_gen.pdbx_gene_src_atcc                 ? 
_entity_src_gen.pdbx_gene_src_organ                ? 
_entity_src_gen.pdbx_gene_src_organelle            ? 
_entity_src_gen.pdbx_gene_src_cell                 ? 
_entity_src_gen.pdbx_gene_src_cellular_location    ? 
_entity_src_gen.host_org_common_name               ? 
_entity_src_gen.pdbx_host_org_scientific_name      'Escherichia coli' 
_entity_src_gen.pdbx_host_org_ncbi_taxonomy_id     562 
_entity_src_gen.host_org_genus                     ? 
_entity_src_gen.pdbx_host_org_gene                 ? 
_entity_src_gen.pdbx_host_org_organ                ? 
_entity_src_gen.host_org_species                   ? 
_entity_src_gen.pdbx_host_org_tissue               ? 
_entity_src_gen.pdbx_host_org_tissue_fraction      ? 
_entity_src_gen.pdbx_host_org_strain               ? 
_entity_src_gen.pdbx_host_org_variant              ? 
_entity_src_gen.pdbx_host_org_cell_line            ? 
_entity_src_gen.pdbx_host_org_atcc                 ? 
_entity_src_gen.pdbx_host_org_culture_collection   ? 
_entity_src_gen.pdbx_host_org_cell                 ? 
_entity_src_gen.pdbx_host_org_organelle            ? 
_entity_src_gen.pdbx_host_org_cellular_location    ? 
_entity_src_gen.pdbx_host_org_vector_type          ? 
_entity_src_gen.pdbx_host_org_vector               ? 
_entity_src_gen.host_org_details                   ? 
_entity_src_gen.expression_system_id               ? 
_entity_src_gen.plasmid_name                       ? 
_entity_src_gen.plasmid_details                    ? 
_entity_src_gen.pdbx_description                   ? 
# 
_pdbx_entity_src_syn.entity_id              2 
_pdbx_entity_src_syn.pdbx_src_id            1 
_pdbx_entity_src_syn.pdbx_alt_source_flag   sample 
_pdbx_entity_src_syn.pdbx_beg_seq_num       ? 
_pdbx_entity_src_syn.pdbx_end_seq_num       ? 
_pdbx_entity_src_syn.organism_scientific    ? 
_pdbx_entity_src_syn.organism_common_name   ? 
_pdbx_entity_src_syn.ncbi_taxonomy_id       ? 
_pdbx_entity_src_syn.details                'peptidyl boronic acid inhibitor' 
# 
loop_
_chem_comp.id 
_chem_comp.type 
_chem_comp.mon_nstd_flag 
_chem_comp.name 
_chem_comp.pdbx_synonyms 
_chem_comp.formula 
_chem_comp.formula_weight 
ALA 'L-peptide linking' y ALANINE               ? 'C3 H7 N O2'     89.093  
ARG 'L-peptide linking' y ARGININE              ? 'C6 H15 N4 O2 1' 175.209 
ASN 'L-peptide linking' y ASPARAGINE            ? 'C4 H8 N2 O3'    132.118 
ASP 'L-peptide linking' y 'ASPARTIC ACID'       ? 'C4 H7 N O4'     133.103 
B2V peptide-like        n 'VALINE BORONIC ACID' ? 'C4 H12 B N O2'  116.955 
GLN 'L-peptide linking' y GLUTAMINE             ? 'C5 H10 N2 O3'   146.144 
GLU 'L-peptide linking' y 'GLUTAMIC ACID'       ? 'C5 H9 N O4'     147.129 
GLY 'peptide linking'   y GLYCINE               ? 'C2 H5 N O2'     75.067  
HIS 'L-peptide linking' y HISTIDINE             ? 'C6 H10 N3 O2 1' 156.162 
ILE 'L-peptide linking' y ISOLEUCINE            ? 'C6 H13 N O2'    131.173 
LEU 'L-peptide linking' y LEUCINE               ? 'C6 H13 N O2'    131.173 
LYS 'L-peptide linking' y LYSINE                ? 'C6 H15 N2 O2 1' 147.195 
MET 'L-peptide linking' y METHIONINE            ? 'C5 H11 N O2 S'  149.211 
PHE 'L-peptide linking' y PHENYLALANINE         ? 'C9 H11 N O2'    165.189 
PRO 'L-peptide linking' y PROLINE               ? 'C5 H9 N O2'     115.130 
SER 'L-peptide linking' y SERINE                ? 'C3 H7 N O3'     105.093 
THR 'L-peptide linking' y THREONINE             ? 'C4 H9 N O3'     119.119 
TYR 'L-peptide linking' y TYROSINE              ? 'C9 H11 N O3'    181.189 
VAL 'L-peptide linking' y VALINE                ? 'C5 H11 N O2'    117.146 
# 
loop_
_pdbx_poly_seq_scheme.asym_id 
_pdbx_poly_seq_scheme.entity_id 
_pdbx_poly_seq_scheme.seq_id 
_pdbx_poly_seq_scheme.mon_id 
_pdbx_poly_seq_scheme.ndb_seq_num 
_pdbx_poly_seq_scheme.pdb_seq_num 
_pdbx_poly_seq_scheme.auth_seq_num 
_pdbx_poly_seq_scheme.pdb_mon_id 
_pdbx_poly_seq_scheme.auth_mon_id 
_pdbx_poly_seq_scheme.pdb_strand_id 
_pdbx_poly_seq_scheme.pdb_ins_code 
_pdbx_poly_seq_scheme.hetero 
A 1 1   MET 1   157 ?   ?   ?   A . n 
A 1 2   GLY 2   158 ?   ?   ?   A . n 
A 1 3   GLN 3   159 ?   ?   ?   A . n 
A 1 4   GLU 4   160 160 GLU GLU A . n 
A 1 5   ASP 5   161 161 ASP ASP A . n 
A 1 6   PRO 6   162 162 PRO PRO A . n 
A 1 7   ASN 7   163 163 ASN ASN A . n 
A 1 8   SER 8   164 164 SER SER A . n 
A 1 9   LEU 9   165 165 LEU LEU A . n 
A 1 10  ARG 10  166 166 ARG ARG A . n 
A 1 11  HIS 11  167 167 HIS HIS A . n 
A 1 12  LYS 12  168 168 LYS LYS A . n 
A 1 13  TYR 13  169 169 TYR TYR A . n 
A 1 14  ASN 14  170 170 ASN ASN A . n 
A 1 15  PHE 15  171 171 PHE PHE A . n 
A 1 16  ILE 16  172 172 ILE ILE A . n 
A 1 17  ALA 17  173 173 ALA ALA A . n 
A 1 18  ASP 18  174 174 ASP ASP A . n 
A 1 19  VAL 19  175 175 VAL VAL A . n 
A 1 20  VAL 20  176 176 VAL VAL A . n 
A 1 21  GLU 21  177 177 GLU GLU A . n 
A 1 22  LYS 22  178 178 LYS LYS A . n 
A 1 23  ILE 23  179 179 ILE ILE A . n 
A 1 24  ALA 24  180 180 ALA ALA A . n 
A 1 25  PRO 25  181 181 PRO PRO A . n 
A 1 26  ALA 26  182 182 ALA ALA A . n 
A 1 27  VAL 27  183 183 VAL VAL A . n 
A 1 28  VAL 28  184 184 VAL VAL A . n 
A 1 29  HIS 29  185 185 HIS HIS A . n 
A 1 30  ILE 30  186 186 ILE ILE A . n 
A 1 31  GLU 31  187 187 GLU GLU A . n 
A 1 32  LEU 32  188 188 LEU LEU A . n 
A 1 33  PHE 33  189 189 PHE PHE A . n 
A 1 34  ARG 34  190 190 ARG ARG A . n 
A 1 35  LYS 35  191 191 LYS LYS A . n 
A 1 36  LEU 36  192 192 LEU LEU A . n 
A 1 37  PRO 37  193 193 PRO PRO A . n 
A 1 38  PHE 38  194 194 PHE PHE A . n 
A 1 39  SER 39  195 195 SER SER A . n 
A 1 40  LYS 40  196 196 LYS LYS A . n 
A 1 41  ARG 41  197 197 ARG ARG A . n 
A 1 42  GLU 42  198 198 GLU GLU A . n 
A 1 43  VAL 43  199 199 VAL VAL A . n 
A 1 44  PRO 44  200 200 PRO PRO A . n 
A 1 45  VAL 45  201 201 VAL VAL A . n 
A 1 46  ALA 46  202 202 ALA ALA A . n 
A 1 47  SER 47  203 203 SER SER A . n 
A 1 48  GLY 48  204 204 GLY GLY A . n 
A 1 49  SER 49  205 205 SER SER A . n 
A 1 50  GLY 50  206 206 GLY GLY A . n 
A 1 51  PHE 51  207 207 PHE PHE A . n 
A 1 52  ILE 52  208 208 ILE ILE A . n 
A 1 53  VAL 53  209 209 VAL VAL A . n 
A 1 54  SER 54  210 210 SER SER A . n 
A 1 55  GLU 55  211 211 GLU GLU A . n 
A 1 56  ASP 56  212 212 ASP ASP A . n 
A 1 57  GLY 57  213 213 GLY GLY A . n 
A 1 58  LEU 58  214 214 LEU LEU A . n 
A 1 59  ILE 59  215 215 ILE ILE A . n 
A 1 60  VAL 60  216 216 VAL VAL A . n 
A 1 61  THR 61  217 217 THR THR A . n 
A 1 62  ASN 62  218 218 ASN ASN A . n 
A 1 63  ALA 63  219 219 ALA ALA A . n 
A 1 64  HIS 64  220 220 HIS HIS A . n 
A 1 65  VAL 65  221 221 VAL VAL A . n 
A 1 66  VAL 66  222 222 VAL VAL A . n 
A 1 67  THR 67  223 223 THR THR A . n 
A 1 68  ASN 68  224 224 ASN ASN A . n 
A 1 69  LYS 69  225 225 LYS LYS A . n 
A 1 70  HIS 70  226 226 HIS HIS A . n 
A 1 71  ARG 71  227 227 ARG ARG A . n 
A 1 72  VAL 72  228 228 VAL VAL A . n 
A 1 73  LYS 73  229 229 LYS LYS A . n 
A 1 74  VAL 74  230 230 VAL VAL A . n 
A 1 75  GLU 75  231 231 GLU GLU A . n 
A 1 76  LEU 76  232 232 LEU LEU A . n 
A 1 77  LYS 77  233 233 LYS LYS A . n 
A 1 78  ASN 78  234 234 ASN ASN A . n 
A 1 79  GLY 79  235 235 GLY GLY A . n 
A 1 80  ALA 80  236 236 ALA ALA A . n 
A 1 81  THR 81  237 237 THR THR A . n 
A 1 82  TYR 82  238 238 TYR TYR A . n 
A 1 83  GLU 83  239 239 GLU GLU A . n 
A 1 84  ALA 84  240 240 ALA ALA A . n 
A 1 85  LYS 85  241 241 LYS LYS A . n 
A 1 86  ILE 86  242 242 ILE ILE A . n 
A 1 87  LYS 87  243 243 LYS LYS A . n 
A 1 88  ASP 88  244 244 ASP ASP A . n 
A 1 89  VAL 89  245 245 VAL VAL A . n 
A 1 90  ASP 90  246 246 ASP ASP A . n 
A 1 91  GLU 91  247 247 GLU GLU A . n 
A 1 92  LYS 92  248 248 LYS LYS A . n 
A 1 93  ALA 93  249 249 ALA ALA A . n 
A 1 94  ASP 94  250 250 ASP ASP A . n 
A 1 95  ILE 95  251 251 ILE ILE A . n 
A 1 96  ALA 96  252 252 ALA ALA A . n 
A 1 97  LEU 97  253 253 LEU LEU A . n 
A 1 98  ILE 98  254 254 ILE ILE A . n 
A 1 99  LYS 99  255 255 LYS LYS A . n 
A 1 100 ILE 100 256 256 ILE ILE A . n 
A 1 101 ASP 101 257 257 ASP ASP A . n 
A 1 102 HIS 102 258 258 HIS HIS A . n 
A 1 103 GLN 103 259 259 GLN GLN A . n 
A 1 104 GLY 104 260 260 GLY GLY A . n 
A 1 105 LYS 105 261 261 LYS LYS A . n 
A 1 106 LEU 106 262 262 LEU LEU A . n 
A 1 107 PRO 107 263 263 PRO PRO A . n 
A 1 108 VAL 108 264 264 VAL VAL A . n 
A 1 109 LEU 109 265 265 LEU LEU A . n 
A 1 110 LEU 110 266 266 LEU LEU A . n 
A 1 111 LEU 111 267 267 LEU LEU A . n 
A 1 112 GLY 112 268 268 GLY GLY A . n 
A 1 113 ARG 113 269 269 ARG ARG A . n 
A 1 114 SER 114 270 270 SER SER A . n 
A 1 115 SER 115 271 271 SER SER A . n 
A 1 116 GLU 116 272 272 GLU GLU A . n 
A 1 117 LEU 117 273 273 LEU LEU A . n 
A 1 118 ARG 118 274 274 ARG ARG A . n 
A 1 119 PRO 119 275 275 PRO PRO A . n 
A 1 120 GLY 120 276 276 GLY GLY A . n 
A 1 121 GLU 121 277 277 GLU GLU A . n 
A 1 122 PHE 122 278 278 PHE PHE A . n 
A 1 123 VAL 123 279 279 VAL VAL A . n 
A 1 124 VAL 124 280 280 VAL VAL A . n 
A 1 125 ALA 125 281 281 ALA ALA A . n 
A 1 126 ILE 126 282 282 ILE ILE A . n 
A 1 127 GLY 127 283 283 GLY GLY A . n 
A 1 128 SER 128 284 284 SER SER A . n 
A 1 129 PRO 129 285 285 PRO PRO A . n 
A 1 130 PHE 130 286 286 PHE PHE A . n 
A 1 131 SER 131 287 287 SER SER A . n 
A 1 132 LEU 132 288 288 LEU LEU A . n 
A 1 133 GLN 133 289 289 GLN GLN A . n 
A 1 134 ASN 134 290 290 ASN ASN A . n 
A 1 135 THR 135 291 291 THR THR A . n 
A 1 136 VAL 136 292 292 VAL VAL A . n 
A 1 137 THR 137 293 293 THR THR A . n 
A 1 138 THR 138 294 294 THR THR A . n 
A 1 139 GLY 139 295 295 GLY GLY A . n 
A 1 140 ILE 140 296 296 ILE ILE A . n 
A 1 141 VAL 141 297 297 VAL VAL A . n 
A 1 142 SER 142 298 298 SER SER A . n 
A 1 143 THR 143 299 299 THR THR A . n 
A 1 144 THR 144 300 300 THR THR A . n 
A 1 145 GLN 145 301 301 GLN GLN A . n 
A 1 146 ARG 146 302 302 ARG ARG A . n 
A 1 147 GLY 147 303 303 GLY GLY A . n 
A 1 148 GLY 148 304 304 GLY GLY A . n 
A 1 149 LYS 149 305 305 LYS LYS A . n 
A 1 150 GLU 150 306 306 GLU GLU A . n 
A 1 151 LEU 151 307 307 LEU LEU A . n 
A 1 152 GLY 152 308 308 GLY GLY A . n 
A 1 153 LEU 153 309 309 LEU LEU A . n 
A 1 154 ARG 154 310 310 ARG ARG A . n 
A 1 155 ASN 155 311 311 ASN ASN A . n 
A 1 156 SER 156 312 312 SER SER A . n 
A 1 157 ASP 157 313 313 ASP ASP A . n 
A 1 158 MET 158 314 314 MET MET A . n 
A 1 159 ASP 159 315 315 ASP ASP A . n 
A 1 160 TYR 160 316 316 TYR TYR A . n 
A 1 161 ILE 161 317 317 ILE ILE A . n 
A 1 162 GLN 162 318 318 GLN GLN A . n 
A 1 163 THR 163 319 319 THR THR A . n 
A 1 164 ASP 164 320 320 ASP ASP A . n 
A 1 165 ALA 165 321 321 ALA ALA A . n 
A 1 166 ILE 166 322 322 ILE ILE A . n 
A 1 167 ILE 167 323 323 ILE ILE A . n 
A 1 168 ASN 168 324 324 ASN ASN A . n 
A 1 169 TYR 169 325 325 TYR TYR A . n 
A 1 170 GLY 170 326 326 GLY GLY A . n 
A 1 171 ASN 171 327 327 ASN ASN A . n 
A 1 172 SER 172 328 328 SER SER A . n 
A 1 173 GLY 173 329 329 GLY GLY A . n 
A 1 174 GLY 174 330 330 GLY GLY A . n 
A 1 175 PRO 175 331 331 PRO PRO A . n 
A 1 176 LEU 176 332 332 LEU LEU A . n 
A 1 177 VAL 177 333 333 VAL VAL A . n 
A 1 178 ASN 178 334 334 ASN ASN A . n 
A 1 179 LEU 179 335 335 LEU LEU A . n 
A 1 180 ASP 180 336 336 ASP ASP A . n 
A 1 181 GLY 181 337 337 GLY GLY A . n 
A 1 182 GLU 182 338 338 GLU GLU A . n 
A 1 183 VAL 183 339 339 VAL VAL A . n 
A 1 184 ILE 184 340 340 ILE ILE A . n 
A 1 185 GLY 185 341 341 GLY GLY A . n 
A 1 186 ILE 186 342 342 ILE ILE A . n 
A 1 187 ASN 187 343 343 ASN ASN A . n 
A 1 188 THR 188 344 344 THR THR A . n 
A 1 189 LEU 189 345 345 LEU LEU A . n 
A 1 190 LYS 190 346 346 LYS LYS A . n 
A 1 191 VAL 191 347 347 VAL VAL A . n 
A 1 192 THR 192 348 348 THR THR A . n 
A 1 193 ALA 193 349 349 ALA ALA A . n 
A 1 194 GLY 194 350 350 GLY GLY A . n 
A 1 195 ILE 195 351 351 ILE ILE A . n 
A 1 196 SER 196 352 352 SER SER A . n 
A 1 197 PHE 197 353 353 PHE PHE A . n 
A 1 198 ALA 198 354 354 ALA ALA A . n 
A 1 199 ILE 199 355 355 ILE ILE A . n 
A 1 200 PRO 200 356 356 PRO PRO A . n 
A 1 201 SER 201 357 357 SER SER A . n 
A 1 202 ASP 202 358 358 ASP ASP A . n 
A 1 203 LYS 203 359 359 LYS LYS A . n 
A 1 204 ILE 204 360 360 ILE ILE A . n 
A 1 205 LYS 205 361 361 LYS LYS A . n 
A 1 206 LYS 206 362 362 LYS LYS A . n 
A 1 207 PHE 207 363 363 PHE PHE A . n 
A 1 208 LEU 208 364 364 LEU LEU A . n 
A 1 209 THR 209 365 365 THR THR A . n 
A 1 210 GLU 210 366 366 GLU GLU A . n 
A 1 211 SER 211 367 367 SER SER A . n 
A 1 212 HIS 212 368 368 HIS HIS A . n 
A 1 213 ASP 213 369 369 ASP ASP A . n 
A 1 214 ARG 214 370 370 ARG ARG A . n 
A 1 215 GLN 215 371 ?   ?   ?   A . n 
A 1 216 ALA 216 372 ?   ?   ?   A . n 
A 1 217 LYS 217 373 ?   ?   ?   A . n 
A 1 218 GLY 218 374 ?   ?   ?   A . n 
A 1 219 LYS 219 375 ?   ?   ?   A . n 
A 1 220 ALA 220 376 ?   ?   ?   A . n 
A 1 221 ILE 221 377 ?   ?   ?   A . n 
A 1 222 THR 222 378 ?   ?   ?   A . n 
A 1 223 LYS 223 379 ?   ?   ?   A . n 
A 1 224 LYS 224 380 ?   ?   ?   A . n 
A 1 225 LYS 225 381 ?   ?   ?   A . n 
A 1 226 TYR 226 382 ?   ?   ?   A . n 
A 1 227 ILE 227 383 ?   ?   ?   A . n 
A 1 228 GLY 228 384 ?   ?   ?   A . n 
A 1 229 ILE 229 385 ?   ?   ?   A . n 
A 1 230 ARG 230 386 ?   ?   ?   A . n 
A 1 231 MET 231 387 ?   ?   ?   A . n 
A 1 232 MET 232 388 ?   ?   ?   A . n 
A 1 233 SER 233 389 ?   ?   ?   A . n 
A 1 234 LEU 234 390 ?   ?   ?   A . n 
A 1 235 THR 235 391 ?   ?   ?   A . n 
A 1 236 SER 236 392 ?   ?   ?   A . n 
A 1 237 SER 237 393 ?   ?   ?   A . n 
A 1 238 LYS 238 394 ?   ?   ?   A . n 
A 1 239 ALA 239 395 ?   ?   ?   A . n 
A 1 240 LYS 240 396 ?   ?   ?   A . n 
A 1 241 GLU 241 397 ?   ?   ?   A . n 
A 1 242 LEU 242 398 ?   ?   ?   A . n 
A 1 243 LYS 243 399 ?   ?   ?   A . n 
A 1 244 ASP 244 400 ?   ?   ?   A . n 
A 1 245 ARG 245 401 ?   ?   ?   A . n 
A 1 246 HIS 246 402 ?   ?   ?   A . n 
A 1 247 ARG 247 403 ?   ?   ?   A . n 
A 1 248 ASP 248 404 ?   ?   ?   A . n 
A 1 249 PHE 249 405 ?   ?   ?   A . n 
A 1 250 PRO 250 406 ?   ?   ?   A . n 
A 1 251 ASP 251 407 ?   ?   ?   A . n 
A 1 252 VAL 252 408 ?   ?   ?   A . n 
A 1 253 ILE 253 409 ?   ?   ?   A . n 
A 1 254 SER 254 410 ?   ?   ?   A . n 
A 1 255 GLY 255 411 ?   ?   ?   A . n 
A 1 256 ALA 256 412 ?   ?   ?   A . n 
A 1 257 TYR 257 413 ?   ?   ?   A . n 
A 1 258 ILE 258 414 ?   ?   ?   A . n 
A 1 259 ILE 259 415 ?   ?   ?   A . n 
A 1 260 GLU 260 416 ?   ?   ?   A . n 
A 1 261 VAL 261 417 ?   ?   ?   A . n 
A 1 262 ILE 262 418 ?   ?   ?   A . n 
A 1 263 PRO 263 419 ?   ?   ?   A . n 
A 1 264 ASP 264 420 ?   ?   ?   A . n 
A 1 265 THR 265 421 ?   ?   ?   A . n 
A 1 266 PRO 266 422 ?   ?   ?   A . n 
A 1 267 ALA 267 423 ?   ?   ?   A . n 
A 1 268 GLU 268 424 ?   ?   ?   A . n 
A 1 269 ALA 269 425 ?   ?   ?   A . n 
A 1 270 GLY 270 426 ?   ?   ?   A . n 
A 1 271 GLY 271 427 ?   ?   ?   A . n 
A 1 272 LEU 272 428 ?   ?   ?   A . n 
A 1 273 LYS 273 429 ?   ?   ?   A . n 
A 1 274 GLU 274 430 ?   ?   ?   A . n 
A 1 275 ASN 275 431 ?   ?   ?   A . n 
A 1 276 ASP 276 432 ?   ?   ?   A . n 
A 1 277 VAL 277 433 ?   ?   ?   A . n 
A 1 278 ILE 278 434 ?   ?   ?   A . n 
A 1 279 ILE 279 435 ?   ?   ?   A . n 
A 1 280 SER 280 436 ?   ?   ?   A . n 
A 1 281 ILE 281 437 ?   ?   ?   A . n 
A 1 282 ASN 282 438 ?   ?   ?   A . n 
A 1 283 GLY 283 439 ?   ?   ?   A . n 
A 1 284 GLN 284 440 ?   ?   ?   A . n 
A 1 285 SER 285 441 ?   ?   ?   A . n 
A 1 286 VAL 286 442 ?   ?   ?   A . n 
A 1 287 VAL 287 443 ?   ?   ?   A . n 
A 1 288 SER 288 444 ?   ?   ?   A . n 
A 1 289 ALA 289 445 ?   ?   ?   A . n 
A 1 290 ASN 290 446 ?   ?   ?   A . n 
A 1 291 ASP 291 447 ?   ?   ?   A . n 
A 1 292 VAL 292 448 ?   ?   ?   A . n 
A 1 293 SER 293 449 ?   ?   ?   A . n 
A 1 294 ASP 294 450 ?   ?   ?   A . n 
A 1 295 VAL 295 451 ?   ?   ?   A . n 
A 1 296 ILE 296 452 ?   ?   ?   A . n 
A 1 297 LYS 297 453 ?   ?   ?   A . n 
A 1 298 ARG 298 454 ?   ?   ?   A . n 
A 1 299 GLU 299 455 ?   ?   ?   A . n 
A 1 300 SER 300 456 ?   ?   ?   A . n 
A 1 301 THR 301 457 ?   ?   ?   A . n 
A 1 302 LEU 302 458 ?   ?   ?   A . n 
A 1 303 ASN 303 459 ?   ?   ?   A . n 
A 1 304 MET 304 460 ?   ?   ?   A . n 
A 1 305 VAL 305 461 ?   ?   ?   A . n 
A 1 306 VAL 306 462 ?   ?   ?   A . n 
A 1 307 ARG 307 463 ?   ?   ?   A . n 
A 1 308 ARG 308 464 ?   ?   ?   A . n 
A 1 309 GLY 309 465 ?   ?   ?   A . n 
A 1 310 ASN 310 466 ?   ?   ?   A . n 
A 1 311 GLU 311 467 ?   ?   ?   A . n 
A 1 312 ASP 312 468 ?   ?   ?   A . n 
A 1 313 ILE 313 469 ?   ?   ?   A . n 
A 1 314 MET 314 470 ?   ?   ?   A . n 
A 1 315 ILE 315 471 ?   ?   ?   A . n 
A 1 316 THR 316 472 ?   ?   ?   A . n 
A 1 317 VAL 317 473 ?   ?   ?   A . n 
A 1 318 ILE 318 474 ?   ?   ?   A . n 
A 1 319 PRO 319 475 ?   ?   ?   A . n 
A 1 320 GLU 320 476 ?   ?   ?   A . n 
A 1 321 GLU 321 477 ?   ?   ?   A . n 
A 1 322 ILE 322 478 ?   ?   ?   A . n 
A 1 323 ASP 323 479 ?   ?   ?   A . n 
A 1 324 PRO 324 480 ?   ?   ?   A . n 
A 1 325 ARG 325 481 ?   ?   ?   A . n 
A 1 326 SER 326 482 ?   ?   ?   A . n 
A 1 327 LEU 327 483 ?   ?   ?   A . n 
A 1 328 GLU 328 484 ?   ?   ?   A . n 
A 1 329 HIS 329 485 ?   ?   ?   A . n 
A 1 330 HIS 330 486 ?   ?   ?   A . n 
A 1 331 HIS 331 487 ?   ?   ?   A . n 
A 1 332 HIS 332 488 ?   ?   ?   A . n 
A 1 333 HIS 333 489 ?   ?   ?   A . n 
A 1 334 HIS 334 490 ?   ?   ?   A . n 
B 2 1   ASP 1   2   ?   ?   ?   B . n 
B 2 2   PRO 2   3   ?   ?   ?   B . n 
B 2 3   MET 3   4   4   MET MET B . n 
B 2 4   PHE 4   5   5   PHE PHE B . n 
B 2 5   LYS 5   6   6   LYS LYS B . n 
B 2 6   LEU 6   7   7   LEU LEU B . n 
B 2 7   B2V 7   8   8   B2V B2V B . n 
# 
loop_
_pdbx_unobs_or_zero_occ_atoms.id 
_pdbx_unobs_or_zero_occ_atoms.PDB_model_num 
_pdbx_unobs_or_zero_occ_atoms.polymer_flag 
_pdbx_unobs_or_zero_occ_atoms.occupancy_flag 
_pdbx_unobs_or_zero_occ_atoms.auth_asym_id 
_pdbx_unobs_or_zero_occ_atoms.auth_comp_id 
_pdbx_unobs_or_zero_occ_atoms.auth_seq_id 
_pdbx_unobs_or_zero_occ_atoms.PDB_ins_code 
_pdbx_unobs_or_zero_occ_atoms.auth_atom_id 
_pdbx_unobs_or_zero_occ_atoms.label_alt_id 
_pdbx_unobs_or_zero_occ_atoms.label_asym_id 
_pdbx_unobs_or_zero_occ_atoms.label_comp_id 
_pdbx_unobs_or_zero_occ_atoms.label_seq_id 
_pdbx_unobs_or_zero_occ_atoms.label_atom_id 
1  1 Y 1 A GLU 160 ? CG  ? A GLU 4   CG  
2  1 Y 1 A GLU 160 ? CD  ? A GLU 4   CD  
3  1 Y 1 A GLU 160 ? OE1 ? A GLU 4   OE1 
4  1 Y 1 A GLU 160 ? OE2 ? A GLU 4   OE2 
5  1 Y 1 A ASP 161 ? CG  ? A ASP 5   CG  
6  1 Y 1 A ASP 161 ? OD1 ? A ASP 5   OD1 
7  1 Y 1 A ASP 161 ? OD2 ? A ASP 5   OD2 
8  1 Y 1 A LYS 225 ? CG  ? A LYS 69  CG  
9  1 Y 1 A LYS 225 ? CD  ? A LYS 69  CD  
10 1 Y 1 A LYS 225 ? CE  ? A LYS 69  CE  
11 1 Y 1 A LYS 225 ? NZ  ? A LYS 69  NZ  
12 1 Y 1 A ARG 310 ? CG  ? A ARG 154 CG  
13 1 Y 1 A ARG 310 ? CD  ? A ARG 154 CD  
14 1 Y 1 A ARG 310 ? NE  ? A ARG 154 NE  
15 1 Y 1 A ARG 310 ? CZ  ? A ARG 154 CZ  
16 1 Y 1 A ARG 310 ? NH1 ? A ARG 154 NH1 
17 1 Y 1 A ARG 310 ? NH2 ? A ARG 154 NH2 
18 1 Y 1 A ASP 369 ? CG  ? A ASP 213 CG  
19 1 Y 1 A ASP 369 ? OD1 ? A ASP 213 OD1 
20 1 Y 1 A ASP 369 ? OD2 ? A ASP 213 OD2 
21 1 Y 1 A ARG 370 ? CG  ? A ARG 214 CG  
22 1 Y 1 A ARG 370 ? CD  ? A ARG 214 CD  
23 1 Y 1 A ARG 370 ? NE  ? A ARG 214 NE  
24 1 Y 1 A ARG 370 ? CZ  ? A ARG 214 CZ  
25 1 Y 1 A ARG 370 ? NH1 ? A ARG 214 NH1 
26 1 Y 1 A ARG 370 ? NH2 ? A ARG 214 NH2 
27 1 Y 1 B LYS 6   ? CG  ? B LYS 5   CG  
28 1 Y 1 B LYS 6   ? CD  ? B LYS 5   CD  
29 1 Y 1 B LYS 6   ? CE  ? B LYS 5   CE  
30 1 Y 1 B LYS 6   ? NZ  ? B LYS 5   NZ  
# 
loop_
_software.name 
_software.classification 
_software.version 
_software.citation_id 
_software.pdbx_ordinal 
PHASER phasing          .        ? 1 
REFMAC refinement       5.6.0066 ? 2 
MOSFLM 'data reduction' .        ? 3 
SCALA  'data scaling'   .        ? 4 
# 
_cell.entry_id           3NZI 
_cell.length_a           105.965 
_cell.length_b           105.965 
_cell.length_c           118.336 
_cell.angle_alpha        90.00 
_cell.angle_beta         90.00 
_cell.angle_gamma        120.00 
_cell.Z_PDB              9 
_cell.pdbx_unique_axis   ? 
_cell.length_a_esd       ? 
_cell.length_b_esd       ? 
_cell.length_c_esd       ? 
_cell.angle_alpha_esd    ? 
_cell.angle_beta_esd     ? 
_cell.angle_gamma_esd    ? 
# 
_symmetry.entry_id                         3NZI 
_symmetry.space_group_name_H-M             'H 3' 
_symmetry.pdbx_full_space_group_name_H-M   ? 
_symmetry.cell_setting                     ? 
_symmetry.Int_Tables_number                146 
_symmetry.space_group_name_Hall            ? 
# 
_exptl.entry_id          3NZI 
_exptl.method            'X-RAY DIFFRACTION' 
_exptl.crystals_number   1 
# 
_exptl_crystal.id                    1 
_exptl_crystal.density_meas          ? 
_exptl_crystal.density_Matthews      3.41 
_exptl_crystal.density_percent_sol   63.89 
_exptl_crystal.description           ? 
_exptl_crystal.F_000                 ? 
_exptl_crystal.preparation           ? 
# 
_exptl_crystal_grow.crystal_id      1 
_exptl_crystal_grow.method          'VAPOR DIFFUSION, SITTING DROP' 
_exptl_crystal_grow.temp            292 
_exptl_crystal_grow.temp_details    ? 
_exptl_crystal_grow.pH              5.6 
_exptl_crystal_grow.pdbx_details    
'1.0M LiSO4, 0.1M Sodium citrate, 0.5M (NH4)2SO4, pH 5.6, VAPOR DIFFUSION, SITTING DROP, temperature 292K' 
_exptl_crystal_grow.pdbx_pH_range   ? 
# 
_diffrn.id                     1 
_diffrn.ambient_temp           100 
_diffrn.ambient_temp_details   ? 
_diffrn.crystal_id             1 
# 
_diffrn_detector.diffrn_id              1 
_diffrn_detector.detector               PIXEL 
_diffrn_detector.type                   'PSI PILATUS 6M' 
_diffrn_detector.pdbx_collection_date   2008-09-21 
_diffrn_detector.details                ? 
# 
_diffrn_radiation.diffrn_id                        1 
_diffrn_radiation.wavelength_id                    1 
_diffrn_radiation.pdbx_monochromatic_or_laue_m_l   M 
_diffrn_radiation.monochromator                    ? 
_diffrn_radiation.pdbx_diffrn_protocol             'SINGLE WAVELENGTH' 
_diffrn_radiation.pdbx_scattering_type             x-ray 
# 
_diffrn_radiation_wavelength.id           1 
_diffrn_radiation_wavelength.wavelength   0.9102 
_diffrn_radiation_wavelength.wt           1.0 
# 
_diffrn_source.diffrn_id                   1 
_diffrn_source.source                      SYNCHROTRON 
_diffrn_source.type                        'SLS BEAMLINE X06SA' 
_diffrn_source.pdbx_synchrotron_site       SLS 
_diffrn_source.pdbx_synchrotron_beamline   X06SA 
_diffrn_source.pdbx_wavelength             0.9102 
_diffrn_source.pdbx_wavelength_list        ? 
# 
_reflns.entry_id                     3NZI 
_reflns.observed_criterion_sigma_I   -3 
_reflns.observed_criterion_sigma_F   -3 
_reflns.d_resolution_low             25 
_reflns.d_resolution_high            2.75 
_reflns.number_obs                   12884 
_reflns.number_all                   12884 
_reflns.percent_possible_obs         99.9 
_reflns.pdbx_Rmerge_I_obs            0.072 
_reflns.pdbx_Rsym_value              ? 
_reflns.pdbx_netI_over_sigmaI        11.3 
_reflns.B_iso_Wilson_estimate        81.4 
_reflns.pdbx_redundancy              4.8 
_reflns.R_free_details               ? 
_reflns.limit_h_max                  ? 
_reflns.limit_h_min                  ? 
_reflns.limit_k_max                  ? 
_reflns.limit_k_min                  ? 
_reflns.limit_l_max                  ? 
_reflns.limit_l_min                  ? 
_reflns.observed_criterion_F_max     ? 
_reflns.observed_criterion_F_min     ? 
_reflns.pdbx_chi_squared             ? 
_reflns.pdbx_scaling_rejects         ? 
_reflns.pdbx_diffrn_id               1 
_reflns.pdbx_ordinal                 1 
# 
_reflns_shell.d_res_high             2.75 
_reflns_shell.d_res_low              2.90 
_reflns_shell.percent_possible_all   99.9 
_reflns_shell.Rmerge_I_obs           0.463 
_reflns_shell.pdbx_Rsym_value        ? 
_reflns_shell.meanI_over_sigI_obs    2.8 
_reflns_shell.pdbx_redundancy        5.1 
_reflns_shell.percent_possible_obs   ? 
_reflns_shell.number_unique_all      ? 
_reflns_shell.number_measured_all    ? 
_reflns_shell.number_measured_obs    ? 
_reflns_shell.number_unique_obs      ? 
_reflns_shell.pdbx_chi_squared       ? 
_reflns_shell.pdbx_diffrn_id         ? 
_reflns_shell.pdbx_ordinal           1 
# 
_refine.entry_id                                 3NZI 
_refine.ls_number_reflns_obs                     12208 
_refine.ls_number_reflns_all                     12208 
_refine.pdbx_ls_sigma_I                          . 
_refine.pdbx_ls_sigma_F                          . 
_refine.pdbx_data_cutoff_high_absF               ? 
_refine.pdbx_data_cutoff_low_absF                ? 
_refine.pdbx_data_cutoff_high_rms_absF           ? 
_refine.ls_d_res_low                             20.00 
_refine.ls_d_res_high                            2.75 
_refine.ls_percent_reflns_obs                    99.98 
_refine.ls_R_factor_obs                          0.20238 
_refine.ls_R_factor_all                          ? 
_refine.ls_R_factor_R_work                       0.20003 
_refine.ls_R_factor_R_free                       0.24884 
_refine.ls_R_factor_R_free_error                 ? 
_refine.ls_R_factor_R_free_error_details         ? 
_refine.ls_percent_reflns_R_free                 5.1 
_refine.ls_number_reflns_R_free                  651 
_refine.ls_number_parameters                     ? 
_refine.ls_number_restraints                     ? 
_refine.occupancy_min                            ? 
_refine.occupancy_max                            ? 
_refine.correlation_coeff_Fo_to_Fc               0.954 
_refine.correlation_coeff_Fo_to_Fc_free          0.919 
_refine.B_iso_mean                               67.371 
_refine.aniso_B[1][1]                            2.91 
_refine.aniso_B[2][2]                            2.91 
_refine.aniso_B[3][3]                            -4.36 
_refine.aniso_B[1][2]                            1.45 
_refine.aniso_B[1][3]                            0.00 
_refine.aniso_B[2][3]                            0.00 
_refine.solvent_model_details                    MASK 
_refine.solvent_model_param_ksol                 ? 
_refine.solvent_model_param_bsol                 ? 
_refine.pdbx_solvent_vdw_probe_radii             1.20 
_refine.pdbx_solvent_ion_probe_radii             0.80 
_refine.pdbx_solvent_shrinkage_radii             0.80 
_refine.pdbx_ls_cross_valid_method               THROUGHOUT 
_refine.details                                  'HYDROGENS HAVE BEEN USED IF PRESENT IN THE INPUT' 
_refine.pdbx_starting_model                      'PDB ENTRY 1LCY' 
_refine.pdbx_method_to_determine_struct          'MOLECULAR REPLACEMENT' 
_refine.pdbx_isotropic_thermal_model             ? 
_refine.pdbx_stereochemistry_target_values       'MAXIMUM LIKELIHOOD' 
_refine.pdbx_stereochem_target_val_spec_case     ? 
_refine.pdbx_R_Free_selection_details            RANDOM 
_refine.pdbx_overall_ESU_R_Free                  0.255 
_refine.overall_SU_ML                            0.187 
_refine.overall_SU_B                             8.965 
_refine.overall_SU_R_Cruickshank_DPI             ? 
_refine.ls_redundancy_reflns_obs                 ? 
_refine.B_iso_min                                ? 
_refine.B_iso_max                                ? 
_refine.overall_SU_R_free                        ? 
_refine.ls_wR_factor_R_free                      ? 
_refine.ls_wR_factor_R_work                      ? 
_refine.overall_FOM_free_R_set                   ? 
_refine.overall_FOM_work_R_set                   ? 
_refine.pdbx_overall_phase_error                 ? 
_refine.pdbx_refine_id                           'X-RAY DIFFRACTION' 
_refine.pdbx_overall_ESU_R                       ? 
_refine.pdbx_diffrn_id                           1 
_refine.pdbx_TLS_residual_ADP_flag               ? 
_refine.pdbx_overall_SU_R_free_Cruickshank_DPI   ? 
_refine.pdbx_overall_SU_R_Blow_DPI               ? 
_refine.pdbx_overall_SU_R_free_Blow_DPI          ? 
# 
_refine_hist.pdbx_refine_id                   'X-RAY DIFFRACTION' 
_refine_hist.cycle_id                         LAST 
_refine_hist.pdbx_number_atoms_protein        1632 
_refine_hist.pdbx_number_atoms_nucleic_acid   0 
_refine_hist.pdbx_number_atoms_ligand         0 
_refine_hist.number_atoms_solvent             0 
_refine_hist.number_atoms_total               1632 
_refine_hist.d_res_high                       2.75 
_refine_hist.d_res_low                        20.00 
# 
loop_
_refine_ls_restr.type 
_refine_ls_restr.dev_ideal 
_refine_ls_restr.dev_ideal_target 
_refine_ls_restr.weight 
_refine_ls_restr.number 
_refine_ls_restr.pdbx_refine_id 
_refine_ls_restr.pdbx_restraint_function 
r_bond_refined_d       0.008  0.022  ? 1660 'X-RAY DIFFRACTION' ? 
r_bond_other_d         0.001  0.020  ? 1104 'X-RAY DIFFRACTION' ? 
r_angle_refined_deg    1.265  1.976  ? 2250 'X-RAY DIFFRACTION' ? 
r_angle_other_deg      0.839  3.000  ? 2723 'X-RAY DIFFRACTION' ? 
r_dihedral_angle_1_deg 6.901  5.000  ? 214  'X-RAY DIFFRACTION' ? 
r_dihedral_angle_2_deg 34.568 24.844 ? 64   'X-RAY DIFFRACTION' ? 
r_dihedral_angle_3_deg 17.687 15.000 ? 288  'X-RAY DIFFRACTION' ? 
r_dihedral_angle_4_deg 10.789 15.000 ? 7    'X-RAY DIFFRACTION' ? 
r_chiral_restr         0.075  0.200  ? 270  'X-RAY DIFFRACTION' ? 
r_gen_planes_refined   0.005  0.021  ? 1829 'X-RAY DIFFRACTION' ? 
r_gen_planes_other     0.001  0.020  ? 306  'X-RAY DIFFRACTION' ? 
# 
_refine_ls_shell.pdbx_total_number_of_bins_used   20 
_refine_ls_shell.d_res_high                       2.750 
_refine_ls_shell.d_res_low                        2.820 
_refine_ls_shell.number_reflns_R_work             889 
_refine_ls_shell.R_factor_R_work                  0.283 
_refine_ls_shell.percent_reflns_obs               100.00 
_refine_ls_shell.R_factor_R_free                  0.379 
_refine_ls_shell.R_factor_R_free_error            ? 
_refine_ls_shell.percent_reflns_R_free            ? 
_refine_ls_shell.number_reflns_R_free             60 
_refine_ls_shell.number_reflns_all                ? 
_refine_ls_shell.R_factor_all                     ? 
_refine_ls_shell.number_reflns_obs                ? 
_refine_ls_shell.redundancy_reflns_obs            ? 
_refine_ls_shell.pdbx_refine_id                   'X-RAY DIFFRACTION' 
# 
_struct.entry_id                  3NZI 
_struct.title                     'Substrate induced remodeling of the active site regulates HtrA1 activity' 
_struct.pdbx_model_details        ? 
_struct.pdbx_CASP_flag            ? 
_struct.pdbx_model_type_details   ? 
# 
_struct_keywords.entry_id        3NZI 
_struct_keywords.pdbx_keywords   'hydrolase/hydrolase substrate' 
_struct_keywords.text            
'serine protease, DegP, HtrA, protease, hydrolase-peptide inhibitor complex, hydrolase-hydrolase substrate complex' 
# 
loop_
_struct_asym.id 
_struct_asym.pdbx_blank_PDB_chainid_flag 
_struct_asym.pdbx_modified 
_struct_asym.entity_id 
_struct_asym.details 
A N N 1 ? 
B N N 2 ? 
# 
loop_
_struct_ref.id 
_struct_ref.db_name 
_struct_ref.db_code 
_struct_ref.pdbx_db_accession 
_struct_ref.entity_id 
_struct_ref.pdbx_seq_one_letter_code 
_struct_ref.pdbx_align_begin 
_struct_ref.pdbx_db_isoform 
1 UNP HTRA1_HUMAN  Q92743 1 
;GQEDPNSLRHKYNFIADVVEKIAPAVVHIELFRKLPFSKREVPVASGSGFIVSEDGLIVTNAHVVTNKHRVKVELKNGAT
YEAKIKDVDEKADIALIKIDHQGKLPVLLLGRSSELRPGEFVVAIGSPFSLQNTVTTGIVSTTQRGGKELGLRNSDMDYI
QTDAIINYGNSGGPLVNLDGEVIGINTLKVTAGISFAIPSDKIKKFLTESHDRQAKGKAITKKKYIGIRMMSLTSSKAKE
LKDRHRDFPDVISGAYIIEVIPDTPAEAGGLKENDVIISINGQSVVSANDVSDVIKRESTLNMVVRRGNEDIMITVIPEE
IDP
;
158 ? 
2 UNP Q80X68_MOUSE Q80X68 2 DPMFKLV 371 ? 
# 
loop_
_struct_ref_seq.align_id 
_struct_ref_seq.ref_id 
_struct_ref_seq.pdbx_PDB_id_code 
_struct_ref_seq.pdbx_strand_id 
_struct_ref_seq.seq_align_beg 
_struct_ref_seq.pdbx_seq_align_beg_ins_code 
_struct_ref_seq.seq_align_end 
_struct_ref_seq.pdbx_seq_align_end_ins_code 
_struct_ref_seq.pdbx_db_accession 
_struct_ref_seq.db_align_beg 
_struct_ref_seq.pdbx_db_align_beg_ins_code 
_struct_ref_seq.db_align_end 
_struct_ref_seq.pdbx_db_align_end_ins_code 
_struct_ref_seq.pdbx_auth_seq_align_beg 
_struct_ref_seq.pdbx_auth_seq_align_end 
1 1 3NZI A 2 ? 324 ? Q92743 158 ? 480 ? 158 480 
2 2 3NZI B 1 ? 7   ? Q80X68 371 ? 377 ? 2   8   
# 
loop_
_struct_ref_seq_dif.align_id 
_struct_ref_seq_dif.pdbx_pdb_id_code 
_struct_ref_seq_dif.mon_id 
_struct_ref_seq_dif.pdbx_pdb_strand_id 
_struct_ref_seq_dif.seq_num 
_struct_ref_seq_dif.pdbx_pdb_ins_code 
_struct_ref_seq_dif.pdbx_seq_db_name 
_struct_ref_seq_dif.pdbx_seq_db_accession_code 
_struct_ref_seq_dif.db_mon_id 
_struct_ref_seq_dif.pdbx_seq_db_seq_num 
_struct_ref_seq_dif.details 
_struct_ref_seq_dif.pdbx_auth_seq_num 
_struct_ref_seq_dif.pdbx_ordinal 
1 3NZI MET A 1   ? UNP Q92743 ? ? 'expression tag' 157 1  
1 3NZI ARG A 325 ? UNP Q92743 ? ? 'expression tag' 481 2  
1 3NZI SER A 326 ? UNP Q92743 ? ? 'expression tag' 482 3  
1 3NZI LEU A 327 ? UNP Q92743 ? ? 'expression tag' 483 4  
1 3NZI GLU A 328 ? UNP Q92743 ? ? 'expression tag' 484 5  
1 3NZI HIS A 329 ? UNP Q92743 ? ? 'expression tag' 485 6  
1 3NZI HIS A 330 ? UNP Q92743 ? ? 'expression tag' 486 7  
1 3NZI HIS A 331 ? UNP Q92743 ? ? 'expression tag' 487 8  
1 3NZI HIS A 332 ? UNP Q92743 ? ? 'expression tag' 488 9  
1 3NZI HIS A 333 ? UNP Q92743 ? ? 'expression tag' 489 10 
1 3NZI HIS A 334 ? UNP Q92743 ? ? 'expression tag' 490 11 
# 
_pdbx_struct_assembly.id                   1 
_pdbx_struct_assembly.details              author_and_software_defined_assembly 
_pdbx_struct_assembly.method_details       PISA 
_pdbx_struct_assembly.oligomeric_details   hexameric 
_pdbx_struct_assembly.oligomeric_count     6 
# 
loop_
_pdbx_struct_assembly_prop.biol_id 
_pdbx_struct_assembly_prop.type 
_pdbx_struct_assembly_prop.value 
_pdbx_struct_assembly_prop.details 
1 'ABSA (A^2)' 9560  ? 
1 MORE         -57   ? 
1 'SSA (A^2)'  28230 ? 
# 
_pdbx_struct_assembly_gen.assembly_id       1 
_pdbx_struct_assembly_gen.oper_expression   1,2,3 
_pdbx_struct_assembly_gen.asym_id_list      A,B 
# 
loop_
_pdbx_struct_oper_list.id 
_pdbx_struct_oper_list.type 
_pdbx_struct_oper_list.name 
_pdbx_struct_oper_list.symmetry_operation 
_pdbx_struct_oper_list.matrix[1][1] 
_pdbx_struct_oper_list.matrix[1][2] 
_pdbx_struct_oper_list.matrix[1][3] 
_pdbx_struct_oper_list.vector[1] 
_pdbx_struct_oper_list.matrix[2][1] 
_pdbx_struct_oper_list.matrix[2][2] 
_pdbx_struct_oper_list.matrix[2][3] 
_pdbx_struct_oper_list.vector[2] 
_pdbx_struct_oper_list.matrix[3][1] 
_pdbx_struct_oper_list.matrix[3][2] 
_pdbx_struct_oper_list.matrix[3][3] 
_pdbx_struct_oper_list.vector[3] 
1 'identity operation'         1_555 x,y,z     1.0000000000  0.0000000000  0.0000000000  0.0000000000  0.0000000000  1.0000000000  0.0000000000 0.0000000000   0.0000000000  0.0000000000 1.0000000000 0.0000000000  
2 'crystal symmetry operation' 2_555 -y,x-y,z  -0.4924463883 0.6730353735  -0.5518332544 32.7059348345 -0.7866370222 -0.0728753631 0.6130998097 3.6736881420   0.3724228107  0.7360112550 0.5653217514 0.4278392702  
3 'crystal symmetry operation' 3_555 -x+y,-x,z -0.4924463883 -0.7866370222 0.3724228107  18.8364414824 0.6730353735  -0.0728753631 0.7360112550 -22.0594242281 -0.5518332544 0.6130998097 0.5653217514 15.5540181115 
# 
_struct_biol.id        1 
_struct_biol.details   ? 
# 
loop_
_struct_conf.conf_type_id 
_struct_conf.id 
_struct_conf.pdbx_PDB_helix_id 
_struct_conf.beg_label_comp_id 
_struct_conf.beg_label_asym_id 
_struct_conf.beg_label_seq_id 
_struct_conf.pdbx_beg_PDB_ins_code 
_struct_conf.end_label_comp_id 
_struct_conf.end_label_asym_id 
_struct_conf.end_label_seq_id 
_struct_conf.pdbx_end_PDB_ins_code 
_struct_conf.beg_auth_comp_id 
_struct_conf.beg_auth_asym_id 
_struct_conf.beg_auth_seq_id 
_struct_conf.end_auth_comp_id 
_struct_conf.end_auth_asym_id 
_struct_conf.end_auth_seq_id 
_struct_conf.pdbx_PDB_helix_class 
_struct_conf.details 
_struct_conf.pdbx_PDB_helix_length 
HELX_P HELX_P1 1 SER A 8   ? ASN A 14  ? SER A 164 ASN A 170 1 ? 7  
HELX_P HELX_P2 2 ASN A 14  ? ALA A 24  ? ASN A 170 ALA A 180 1 ? 11 
HELX_P HELX_P3 3 ALA A 63  ? THR A 67  ? ALA A 219 THR A 223 1 ? 5  
HELX_P HELX_P4 4 ARG A 113 ? LEU A 117 ? ARG A 269 LEU A 273 5 ? 5  
HELX_P HELX_P5 5 SER A 128 ? LEU A 132 ? SER A 284 LEU A 288 5 ? 5  
HELX_P HELX_P6 6 LYS A 149 ? LEU A 151 ? LYS A 305 LEU A 307 5 ? 3  
HELX_P HELX_P7 7 SER A 201 ? ASP A 213 ? SER A 357 ASP A 369 1 ? 13 
# 
_struct_conf_type.id          HELX_P 
_struct_conf_type.criteria    ? 
_struct_conf_type.reference   ? 
# 
loop_
_struct_conn.id 
_struct_conn.conn_type_id 
_struct_conn.pdbx_leaving_atom_flag 
_struct_conn.pdbx_PDB_id 
_struct_conn.ptnr1_label_asym_id 
_struct_conn.ptnr1_label_comp_id 
_struct_conn.ptnr1_label_seq_id 
_struct_conn.ptnr1_label_atom_id 
_struct_conn.pdbx_ptnr1_label_alt_id 
_struct_conn.pdbx_ptnr1_PDB_ins_code 
_struct_conn.pdbx_ptnr1_standard_comp_id 
_struct_conn.ptnr1_symmetry 
_struct_conn.ptnr2_label_asym_id 
_struct_conn.ptnr2_label_comp_id 
_struct_conn.ptnr2_label_seq_id 
_struct_conn.ptnr2_label_atom_id 
_struct_conn.pdbx_ptnr2_label_alt_id 
_struct_conn.pdbx_ptnr2_PDB_ins_code 
_struct_conn.ptnr1_auth_asym_id 
_struct_conn.ptnr1_auth_comp_id 
_struct_conn.ptnr1_auth_seq_id 
_struct_conn.ptnr2_auth_asym_id 
_struct_conn.ptnr2_auth_comp_id 
_struct_conn.ptnr2_auth_seq_id 
_struct_conn.ptnr2_symmetry 
_struct_conn.pdbx_ptnr3_label_atom_id 
_struct_conn.pdbx_ptnr3_label_seq_id 
_struct_conn.pdbx_ptnr3_label_comp_id 
_struct_conn.pdbx_ptnr3_label_asym_id 
_struct_conn.pdbx_ptnr3_label_alt_id 
_struct_conn.pdbx_ptnr3_PDB_ins_code 
_struct_conn.details 
_struct_conn.pdbx_dist_value 
_struct_conn.pdbx_value_order 
_struct_conn.pdbx_role 
covale1 covale none ? A SER 172 OG ? ? ? 1_555 B B2V 7 B ? ? A SER 328 B B2V 8 1_555 ? ? ? ? ? ? ? 1.547 ? ? 
covale2 covale both ? B LEU 6   C  ? ? ? 1_555 B B2V 7 N ? ? B LEU 7   B B2V 8 1_555 ? ? ? ? ? ? ? 1.336 ? ? 
# 
_struct_conn_type.id          covale 
_struct_conn_type.criteria    ? 
_struct_conn_type.reference   ? 
# 
loop_
_pdbx_modification_feature.ordinal 
_pdbx_modification_feature.label_comp_id 
_pdbx_modification_feature.label_asym_id 
_pdbx_modification_feature.label_seq_id 
_pdbx_modification_feature.label_alt_id 
_pdbx_modification_feature.modified_residue_label_comp_id 
_pdbx_modification_feature.modified_residue_label_asym_id 
_pdbx_modification_feature.modified_residue_label_seq_id 
_pdbx_modification_feature.modified_residue_label_alt_id 
_pdbx_modification_feature.auth_comp_id 
_pdbx_modification_feature.auth_asym_id 
_pdbx_modification_feature.auth_seq_id 
_pdbx_modification_feature.PDB_ins_code 
_pdbx_modification_feature.symmetry 
_pdbx_modification_feature.modified_residue_auth_comp_id 
_pdbx_modification_feature.modified_residue_auth_asym_id 
_pdbx_modification_feature.modified_residue_auth_seq_id 
_pdbx_modification_feature.modified_residue_PDB_ins_code 
_pdbx_modification_feature.modified_residue_symmetry 
_pdbx_modification_feature.comp_id_linking_atom 
_pdbx_modification_feature.modified_residue_id_linking_atom 
_pdbx_modification_feature.modified_residue_id 
_pdbx_modification_feature.ref_pcm_id 
_pdbx_modification_feature.ref_comp_id 
_pdbx_modification_feature.type 
_pdbx_modification_feature.category 
1 B2V B 7   ? .   . . . B2V B 8   ? 1_555 .   . . . .     .  . VAL 1 B2V None 'Non-standard residue' 
2 SER A 172 ? B2V B 7 ? SER A 328 ? 1_555 B2V B 8 ? 1_555 OG B .   . .   None 'Non-standard linkage' 
# 
loop_
_struct_sheet.id 
_struct_sheet.type 
_struct_sheet.number_strands 
_struct_sheet.details 
A ? 6 ? 
B ? 8 ? 
# 
loop_
_struct_sheet_order.sheet_id 
_struct_sheet_order.range_id_1 
_struct_sheet_order.range_id_2 
_struct_sheet_order.offset 
_struct_sheet_order.sense 
A 1 2 ? anti-parallel 
A 2 3 ? anti-parallel 
A 3 4 ? anti-parallel 
A 4 5 ? anti-parallel 
A 5 6 ? anti-parallel 
B 1 2 ? anti-parallel 
B 2 3 ? anti-parallel 
B 3 4 ? anti-parallel 
B 4 5 ? anti-parallel 
B 5 6 ? anti-parallel 
B 6 7 ? anti-parallel 
B 7 8 ? anti-parallel 
# 
loop_
_struct_sheet_range.sheet_id 
_struct_sheet_range.id 
_struct_sheet_range.beg_label_comp_id 
_struct_sheet_range.beg_label_asym_id 
_struct_sheet_range.beg_label_seq_id 
_struct_sheet_range.pdbx_beg_PDB_ins_code 
_struct_sheet_range.end_label_comp_id 
_struct_sheet_range.end_label_asym_id 
_struct_sheet_range.end_label_seq_id 
_struct_sheet_range.pdbx_end_PDB_ins_code 
_struct_sheet_range.beg_auth_comp_id 
_struct_sheet_range.beg_auth_asym_id 
_struct_sheet_range.beg_auth_seq_id 
_struct_sheet_range.end_auth_comp_id 
_struct_sheet_range.end_auth_asym_id 
_struct_sheet_range.end_auth_seq_id 
A 1 ARG A 71  ? GLU A 75  ? ARG A 227 GLU A 231 
A 2 VAL A 27  ? LYS A 35  ? VAL A 183 LYS A 191 
A 3 GLU A 42  ? ILE A 52  ? GLU A 198 ILE A 208 
A 4 LEU A 58  ? ASN A 62  ? LEU A 214 ASN A 218 
A 5 ILE A 95  ? LYS A 99  ? ILE A 251 LYS A 255 
A 6 LYS A 85  ? ASP A 90  ? LYS A 241 ASP A 246 
B 1 LYS B 5   ? LEU B 6   ? LYS B 6   LEU B 7   
B 2 VAL A 183 ? THR A 192 ? VAL A 339 THR A 348 
B 3 ILE A 195 ? PRO A 200 ? ILE A 351 PRO A 356 
B 4 ASP A 159 ? THR A 163 ? ASP A 315 THR A 319 
B 5 THR A 135 ? GLY A 147 ? THR A 291 GLY A 303 
B 6 PHE A 122 ? GLY A 127 ? PHE A 278 GLY A 283 
B 7 PRO A 175 ? ASN A 178 ? PRO A 331 ASN A 334 
B 8 VAL A 183 ? THR A 192 ? VAL A 339 THR A 348 
# 
loop_
_pdbx_struct_sheet_hbond.sheet_id 
_pdbx_struct_sheet_hbond.range_id_1 
_pdbx_struct_sheet_hbond.range_id_2 
_pdbx_struct_sheet_hbond.range_1_label_atom_id 
_pdbx_struct_sheet_hbond.range_1_label_comp_id 
_pdbx_struct_sheet_hbond.range_1_label_asym_id 
_pdbx_struct_sheet_hbond.range_1_label_seq_id 
_pdbx_struct_sheet_hbond.range_1_PDB_ins_code 
_pdbx_struct_sheet_hbond.range_1_auth_atom_id 
_pdbx_struct_sheet_hbond.range_1_auth_comp_id 
_pdbx_struct_sheet_hbond.range_1_auth_asym_id 
_pdbx_struct_sheet_hbond.range_1_auth_seq_id 
_pdbx_struct_sheet_hbond.range_2_label_atom_id 
_pdbx_struct_sheet_hbond.range_2_label_comp_id 
_pdbx_struct_sheet_hbond.range_2_label_asym_id 
_pdbx_struct_sheet_hbond.range_2_label_seq_id 
_pdbx_struct_sheet_hbond.range_2_PDB_ins_code 
_pdbx_struct_sheet_hbond.range_2_auth_atom_id 
_pdbx_struct_sheet_hbond.range_2_auth_comp_id 
_pdbx_struct_sheet_hbond.range_2_auth_asym_id 
_pdbx_struct_sheet_hbond.range_2_auth_seq_id 
A 1 2 O GLU A 75  ? O GLU A 231 N HIS A 29  ? N HIS A 185 
A 2 3 N VAL A 28  ? N VAL A 184 O GLY A 50  ? O GLY A 206 
A 3 4 N PHE A 51  ? N PHE A 207 O VAL A 60  ? O VAL A 216 
A 4 5 N ILE A 59  ? N ILE A 215 O ILE A 98  ? O ILE A 254 
A 5 6 O LEU A 97  ? O LEU A 253 N LYS A 87  ? N LYS A 243 
B 1 2 O LYS B 5   ? O LYS B 6   N LYS A 190 ? N LYS A 346 
B 2 3 N THR A 188 ? N THR A 344 O PHE A 197 ? O PHE A 353 
B 3 4 O SER A 196 ? O SER A 352 N THR A 163 ? N THR A 319 
B 4 5 O GLN A 162 ? O GLN A 318 N THR A 143 ? N THR A 299 
B 5 6 O THR A 137 ? O THR A 293 N ALA A 125 ? N ALA A 281 
B 6 7 N VAL A 124 ? N VAL A 280 O VAL A 177 ? O VAL A 333 
B 7 8 N LEU A 176 ? N LEU A 332 O GLY A 185 ? O GLY A 341 
# 
_struct_site.id                   AC1 
_struct_site.pdbx_evidence_code   Software 
_struct_site.pdbx_auth_asym_id    ? 
_struct_site.pdbx_auth_comp_id    ? 
_struct_site.pdbx_auth_seq_id     ? 
_struct_site.pdbx_auth_ins_code   ? 
_struct_site.pdbx_num_residues    10 
_struct_site.details              'BINDING SITE FOR CHAIN B OF CITRATE SYNTHASE' 
# 
loop_
_struct_site_gen.id 
_struct_site_gen.site_id 
_struct_site_gen.pdbx_num_res 
_struct_site_gen.label_comp_id 
_struct_site_gen.label_asym_id 
_struct_site_gen.label_seq_id 
_struct_site_gen.pdbx_auth_ins_code 
_struct_site_gen.auth_comp_id 
_struct_site_gen.auth_asym_id 
_struct_site_gen.auth_seq_id 
_struct_site_gen.label_atom_id 
_struct_site_gen.label_alt_id 
_struct_site_gen.symmetry 
_struct_site_gen.details 
1  AC1 10 HIS A 64  ? HIS A 220 . ? 1_555 ? 
2  AC1 10 LEU A 153 ? LEU A 309 . ? 1_555 ? 
3  AC1 10 ASN A 168 ? ASN A 324 . ? 1_555 ? 
4  AC1 10 TYR A 169 ? TYR A 325 . ? 1_555 ? 
5  AC1 10 GLY A 170 ? GLY A 326 . ? 1_555 ? 
6  AC1 10 ASN A 171 ? ASN A 327 . ? 1_555 ? 
7  AC1 10 SER A 172 ? SER A 328 . ? 1_555 ? 
8  AC1 10 THR A 188 ? THR A 344 . ? 1_555 ? 
9  AC1 10 LEU A 189 ? LEU A 345 . ? 1_555 ? 
10 AC1 10 LYS A 190 ? LYS A 346 . ? 1_555 ? 
# 
_pdbx_entry_details.entry_id                   3NZI 
_pdbx_entry_details.compound_details           ? 
_pdbx_entry_details.source_details             ? 
_pdbx_entry_details.nonpolymer_details         ? 
_pdbx_entry_details.sequence_details           ? 
_pdbx_entry_details.has_ligand_of_interest     ? 
_pdbx_entry_details.has_protein_modification   Y 
# 
loop_
_pdbx_validate_torsion.id 
_pdbx_validate_torsion.PDB_model_num 
_pdbx_validate_torsion.auth_comp_id 
_pdbx_validate_torsion.auth_asym_id 
_pdbx_validate_torsion.auth_seq_id 
_pdbx_validate_torsion.PDB_ins_code 
_pdbx_validate_torsion.label_alt_id 
_pdbx_validate_torsion.phi 
_pdbx_validate_torsion.psi 
1 1 SER A 164 ? ? -39.75  129.46  
2 1 VAL A 201 ? ? -99.17  -71.43  
3 1 THR A 223 ? ? -39.20  104.37  
4 1 ASN A 224 ? ? 66.05   65.45   
5 1 ALA A 236 ? ? -101.73 -149.38 
6 1 THR A 299 ? ? -170.99 135.99  
7 1 LEU A 309 ? ? -64.39  93.92   
8 1 SER A 328 ? ? -30.49  129.53  
9 1 THR A 344 ? ? -135.16 -52.30  
# 
_pdbx_struct_mod_residue.id               1 
_pdbx_struct_mod_residue.label_asym_id    B 
_pdbx_struct_mod_residue.label_comp_id    B2V 
_pdbx_struct_mod_residue.label_seq_id     7 
_pdbx_struct_mod_residue.auth_asym_id     B 
_pdbx_struct_mod_residue.auth_comp_id     B2V 
_pdbx_struct_mod_residue.auth_seq_id      8 
_pdbx_struct_mod_residue.PDB_ins_code     ? 
_pdbx_struct_mod_residue.parent_comp_id   VAL 
_pdbx_struct_mod_residue.details          'VALINE BORONIC ACID' 
# 
loop_
_pdbx_unobs_or_zero_occ_residues.id 
_pdbx_unobs_or_zero_occ_residues.PDB_model_num 
_pdbx_unobs_or_zero_occ_residues.polymer_flag 
_pdbx_unobs_or_zero_occ_residues.occupancy_flag 
_pdbx_unobs_or_zero_occ_residues.auth_asym_id 
_pdbx_unobs_or_zero_occ_residues.auth_comp_id 
_pdbx_unobs_or_zero_occ_residues.auth_seq_id 
_pdbx_unobs_or_zero_occ_residues.PDB_ins_code 
_pdbx_unobs_or_zero_occ_residues.label_asym_id 
_pdbx_unobs_or_zero_occ_residues.label_comp_id 
_pdbx_unobs_or_zero_occ_residues.label_seq_id 
1   1 Y 1 A MET 157 ? A MET 1   
2   1 Y 1 A GLY 158 ? A GLY 2   
3   1 Y 1 A GLN 159 ? A GLN 3   
4   1 Y 1 A GLN 371 ? A GLN 215 
5   1 Y 1 A ALA 372 ? A ALA 216 
6   1 Y 1 A LYS 373 ? A LYS 217 
7   1 Y 1 A GLY 374 ? A GLY 218 
8   1 Y 1 A LYS 375 ? A LYS 219 
9   1 Y 1 A ALA 376 ? A ALA 220 
10  1 Y 1 A ILE 377 ? A ILE 221 
11  1 Y 1 A THR 378 ? A THR 222 
12  1 Y 1 A LYS 379 ? A LYS 223 
13  1 Y 1 A LYS 380 ? A LYS 224 
14  1 Y 1 A LYS 381 ? A LYS 225 
15  1 Y 1 A TYR 382 ? A TYR 226 
16  1 Y 1 A ILE 383 ? A ILE 227 
17  1 Y 1 A GLY 384 ? A GLY 228 
18  1 Y 1 A ILE 385 ? A ILE 229 
19  1 Y 1 A ARG 386 ? A ARG 230 
20  1 Y 1 A MET 387 ? A MET 231 
21  1 Y 1 A MET 388 ? A MET 232 
22  1 Y 1 A SER 389 ? A SER 233 
23  1 Y 1 A LEU 390 ? A LEU 234 
24  1 Y 1 A THR 391 ? A THR 235 
25  1 Y 1 A SER 392 ? A SER 236 
26  1 Y 1 A SER 393 ? A SER 237 
27  1 Y 1 A LYS 394 ? A LYS 238 
28  1 Y 1 A ALA 395 ? A ALA 239 
29  1 Y 1 A LYS 396 ? A LYS 240 
30  1 Y 1 A GLU 397 ? A GLU 241 
31  1 Y 1 A LEU 398 ? A LEU 242 
32  1 Y 1 A LYS 399 ? A LYS 243 
33  1 Y 1 A ASP 400 ? A ASP 244 
34  1 Y 1 A ARG 401 ? A ARG 245 
35  1 Y 1 A HIS 402 ? A HIS 246 
36  1 Y 1 A ARG 403 ? A ARG 247 
37  1 Y 1 A ASP 404 ? A ASP 248 
38  1 Y 1 A PHE 405 ? A PHE 249 
39  1 Y 1 A PRO 406 ? A PRO 250 
40  1 Y 1 A ASP 407 ? A ASP 251 
41  1 Y 1 A VAL 408 ? A VAL 252 
42  1 Y 1 A ILE 409 ? A ILE 253 
43  1 Y 1 A SER 410 ? A SER 254 
44  1 Y 1 A GLY 411 ? A GLY 255 
45  1 Y 1 A ALA 412 ? A ALA 256 
46  1 Y 1 A TYR 413 ? A TYR 257 
47  1 Y 1 A ILE 414 ? A ILE 258 
48  1 Y 1 A ILE 415 ? A ILE 259 
49  1 Y 1 A GLU 416 ? A GLU 260 
50  1 Y 1 A VAL 417 ? A VAL 261 
51  1 Y 1 A ILE 418 ? A ILE 262 
52  1 Y 1 A PRO 419 ? A PRO 263 
53  1 Y 1 A ASP 420 ? A ASP 264 
54  1 Y 1 A THR 421 ? A THR 265 
55  1 Y 1 A PRO 422 ? A PRO 266 
56  1 Y 1 A ALA 423 ? A ALA 267 
57  1 Y 1 A GLU 424 ? A GLU 268 
58  1 Y 1 A ALA 425 ? A ALA 269 
59  1 Y 1 A GLY 426 ? A GLY 270 
60  1 Y 1 A GLY 427 ? A GLY 271 
61  1 Y 1 A LEU 428 ? A LEU 272 
62  1 Y 1 A LYS 429 ? A LYS 273 
63  1 Y 1 A GLU 430 ? A GLU 274 
64  1 Y 1 A ASN 431 ? A ASN 275 
65  1 Y 1 A ASP 432 ? A ASP 276 
66  1 Y 1 A VAL 433 ? A VAL 277 
67  1 Y 1 A ILE 434 ? A ILE 278 
68  1 Y 1 A ILE 435 ? A ILE 279 
69  1 Y 1 A SER 436 ? A SER 280 
70  1 Y 1 A ILE 437 ? A ILE 281 
71  1 Y 1 A ASN 438 ? A ASN 282 
72  1 Y 1 A GLY 439 ? A GLY 283 
73  1 Y 1 A GLN 440 ? A GLN 284 
74  1 Y 1 A SER 441 ? A SER 285 
75  1 Y 1 A VAL 442 ? A VAL 286 
76  1 Y 1 A VAL 443 ? A VAL 287 
77  1 Y 1 A SER 444 ? A SER 288 
78  1 Y 1 A ALA 445 ? A ALA 289 
79  1 Y 1 A ASN 446 ? A ASN 290 
80  1 Y 1 A ASP 447 ? A ASP 291 
81  1 Y 1 A VAL 448 ? A VAL 292 
82  1 Y 1 A SER 449 ? A SER 293 
83  1 Y 1 A ASP 450 ? A ASP 294 
84  1 Y 1 A VAL 451 ? A VAL 295 
85  1 Y 1 A ILE 452 ? A ILE 296 
86  1 Y 1 A LYS 453 ? A LYS 297 
87  1 Y 1 A ARG 454 ? A ARG 298 
88  1 Y 1 A GLU 455 ? A GLU 299 
89  1 Y 1 A SER 456 ? A SER 300 
90  1 Y 1 A THR 457 ? A THR 301 
91  1 Y 1 A LEU 458 ? A LEU 302 
92  1 Y 1 A ASN 459 ? A ASN 303 
93  1 Y 1 A MET 460 ? A MET 304 
94  1 Y 1 A VAL 461 ? A VAL 305 
95  1 Y 1 A VAL 462 ? A VAL 306 
96  1 Y 1 A ARG 463 ? A ARG 307 
97  1 Y 1 A ARG 464 ? A ARG 308 
98  1 Y 1 A GLY 465 ? A GLY 309 
99  1 Y 1 A ASN 466 ? A ASN 310 
100 1 Y 1 A GLU 467 ? A GLU 311 
101 1 Y 1 A ASP 468 ? A ASP 312 
102 1 Y 1 A ILE 469 ? A ILE 313 
103 1 Y 1 A MET 470 ? A MET 314 
104 1 Y 1 A ILE 471 ? A ILE 315 
105 1 Y 1 A THR 472 ? A THR 316 
106 1 Y 1 A VAL 473 ? A VAL 317 
107 1 Y 1 A ILE 474 ? A ILE 318 
108 1 Y 1 A PRO 475 ? A PRO 319 
109 1 Y 1 A GLU 476 ? A GLU 320 
110 1 Y 1 A GLU 477 ? A GLU 321 
111 1 Y 1 A ILE 478 ? A ILE 322 
112 1 Y 1 A ASP 479 ? A ASP 323 
113 1 Y 1 A PRO 480 ? A PRO 324 
114 1 Y 1 A ARG 481 ? A ARG 325 
115 1 Y 1 A SER 482 ? A SER 326 
116 1 Y 1 A LEU 483 ? A LEU 327 
117 1 Y 1 A GLU 484 ? A GLU 328 
118 1 Y 1 A HIS 485 ? A HIS 329 
119 1 Y 1 A HIS 486 ? A HIS 330 
120 1 Y 1 A HIS 487 ? A HIS 331 
121 1 Y 1 A HIS 488 ? A HIS 332 
122 1 Y 1 A HIS 489 ? A HIS 333 
123 1 Y 1 A HIS 490 ? A HIS 334 
124 1 Y 1 B ASP 2   ? B ASP 1   
125 1 Y 1 B PRO 3   ? B PRO 2   
# 
loop_
_chem_comp_atom.comp_id 
_chem_comp_atom.atom_id 
_chem_comp_atom.type_symbol 
_chem_comp_atom.pdbx_aromatic_flag 
_chem_comp_atom.pdbx_stereo_config 
_chem_comp_atom.pdbx_ordinal 
ALA N    N N N 1   
ALA CA   C N S 2   
ALA C    C N N 3   
ALA O    O N N 4   
ALA CB   C N N 5   
ALA OXT  O N N 6   
ALA H    H N N 7   
ALA H2   H N N 8   
ALA HA   H N N 9   
ALA HB1  H N N 10  
ALA HB2  H N N 11  
ALA HB3  H N N 12  
ALA HXT  H N N 13  
ARG N    N N N 14  
ARG CA   C N S 15  
ARG C    C N N 16  
ARG O    O N N 17  
ARG CB   C N N 18  
ARG CG   C N N 19  
ARG CD   C N N 20  
ARG NE   N N N 21  
ARG CZ   C N N 22  
ARG NH1  N N N 23  
ARG NH2  N N N 24  
ARG OXT  O N N 25  
ARG H    H N N 26  
ARG H2   H N N 27  
ARG HA   H N N 28  
ARG HB2  H N N 29  
ARG HB3  H N N 30  
ARG HG2  H N N 31  
ARG HG3  H N N 32  
ARG HD2  H N N 33  
ARG HD3  H N N 34  
ARG HE   H N N 35  
ARG HH11 H N N 36  
ARG HH12 H N N 37  
ARG HH21 H N N 38  
ARG HH22 H N N 39  
ARG HXT  H N N 40  
ASN N    N N N 41  
ASN CA   C N S 42  
ASN C    C N N 43  
ASN O    O N N 44  
ASN CB   C N N 45  
ASN CG   C N N 46  
ASN OD1  O N N 47  
ASN ND2  N N N 48  
ASN OXT  O N N 49  
ASN H    H N N 50  
ASN H2   H N N 51  
ASN HA   H N N 52  
ASN HB2  H N N 53  
ASN HB3  H N N 54  
ASN HD21 H N N 55  
ASN HD22 H N N 56  
ASN HXT  H N N 57  
ASP N    N N N 58  
ASP CA   C N S 59  
ASP C    C N N 60  
ASP O    O N N 61  
ASP CB   C N N 62  
ASP CG   C N N 63  
ASP OD1  O N N 64  
ASP OD2  O N N 65  
ASP OXT  O N N 66  
ASP H    H N N 67  
ASP H2   H N N 68  
ASP HA   H N N 69  
ASP HB2  H N N 70  
ASP HB3  H N N 71  
ASP HD2  H N N 72  
ASP HXT  H N N 73  
B2V N    N N N 74  
B2V CA   C N R 75  
B2V CB   C N N 76  
B2V CG1  C N N 77  
B2V CG2  C N N 78  
B2V B    B N N 79  
B2V O1   O N N 80  
B2V O2   O N N 81  
B2V H    H N N 82  
B2V H2   H N N 83  
B2V HA   H N N 84  
B2V HB   H N N 85  
B2V HG11 H N N 86  
B2V HG12 H N N 87  
B2V HG13 H N N 88  
B2V HG21 H N N 89  
B2V HG22 H N N 90  
B2V HG23 H N N 91  
B2V HO1  H N N 92  
B2V HO2  H N N 93  
GLN N    N N N 94  
GLN CA   C N S 95  
GLN C    C N N 96  
GLN O    O N N 97  
GLN CB   C N N 98  
GLN CG   C N N 99  
GLN CD   C N N 100 
GLN OE1  O N N 101 
GLN NE2  N N N 102 
GLN OXT  O N N 103 
GLN H    H N N 104 
GLN H2   H N N 105 
GLN HA   H N N 106 
GLN HB2  H N N 107 
GLN HB3  H N N 108 
GLN HG2  H N N 109 
GLN HG3  H N N 110 
GLN HE21 H N N 111 
GLN HE22 H N N 112 
GLN HXT  H N N 113 
GLU N    N N N 114 
GLU CA   C N S 115 
GLU C    C N N 116 
GLU O    O N N 117 
GLU CB   C N N 118 
GLU CG   C N N 119 
GLU CD   C N N 120 
GLU OE1  O N N 121 
GLU OE2  O N N 122 
GLU OXT  O N N 123 
GLU H    H N N 124 
GLU H2   H N N 125 
GLU HA   H N N 126 
GLU HB2  H N N 127 
GLU HB3  H N N 128 
GLU HG2  H N N 129 
GLU HG3  H N N 130 
GLU HE2  H N N 131 
GLU HXT  H N N 132 
GLY N    N N N 133 
GLY CA   C N N 134 
GLY C    C N N 135 
GLY O    O N N 136 
GLY OXT  O N N 137 
GLY H    H N N 138 
GLY H2   H N N 139 
GLY HA2  H N N 140 
GLY HA3  H N N 141 
GLY HXT  H N N 142 
HIS N    N N N 143 
HIS CA   C N S 144 
HIS C    C N N 145 
HIS O    O N N 146 
HIS CB   C N N 147 
HIS CG   C Y N 148 
HIS ND1  N Y N 149 
HIS CD2  C Y N 150 
HIS CE1  C Y N 151 
HIS NE2  N Y N 152 
HIS OXT  O N N 153 
HIS H    H N N 154 
HIS H2   H N N 155 
HIS HA   H N N 156 
HIS HB2  H N N 157 
HIS HB3  H N N 158 
HIS HD1  H N N 159 
HIS HD2  H N N 160 
HIS HE1  H N N 161 
HIS HE2  H N N 162 
HIS HXT  H N N 163 
ILE N    N N N 164 
ILE CA   C N S 165 
ILE C    C N N 166 
ILE O    O N N 167 
ILE CB   C N S 168 
ILE CG1  C N N 169 
ILE CG2  C N N 170 
ILE CD1  C N N 171 
ILE OXT  O N N 172 
ILE H    H N N 173 
ILE H2   H N N 174 
ILE HA   H N N 175 
ILE HB   H N N 176 
ILE HG12 H N N 177 
ILE HG13 H N N 178 
ILE HG21 H N N 179 
ILE HG22 H N N 180 
ILE HG23 H N N 181 
ILE HD11 H N N 182 
ILE HD12 H N N 183 
ILE HD13 H N N 184 
ILE HXT  H N N 185 
LEU N    N N N 186 
LEU CA   C N S 187 
LEU C    C N N 188 
LEU O    O N N 189 
LEU CB   C N N 190 
LEU CG   C N N 191 
LEU CD1  C N N 192 
LEU CD2  C N N 193 
LEU OXT  O N N 194 
LEU H    H N N 195 
LEU H2   H N N 196 
LEU HA   H N N 197 
LEU HB2  H N N 198 
LEU HB3  H N N 199 
LEU HG   H N N 200 
LEU HD11 H N N 201 
LEU HD12 H N N 202 
LEU HD13 H N N 203 
LEU HD21 H N N 204 
LEU HD22 H N N 205 
LEU HD23 H N N 206 
LEU HXT  H N N 207 
LYS N    N N N 208 
LYS CA   C N S 209 
LYS C    C N N 210 
LYS O    O N N 211 
LYS CB   C N N 212 
LYS CG   C N N 213 
LYS CD   C N N 214 
LYS CE   C N N 215 
LYS NZ   N N N 216 
LYS OXT  O N N 217 
LYS H    H N N 218 
LYS H2   H N N 219 
LYS HA   H N N 220 
LYS HB2  H N N 221 
LYS HB3  H N N 222 
LYS HG2  H N N 223 
LYS HG3  H N N 224 
LYS HD2  H N N 225 
LYS HD3  H N N 226 
LYS HE2  H N N 227 
LYS HE3  H N N 228 
LYS HZ1  H N N 229 
LYS HZ2  H N N 230 
LYS HZ3  H N N 231 
LYS HXT  H N N 232 
MET N    N N N 233 
MET CA   C N S 234 
MET C    C N N 235 
MET O    O N N 236 
MET CB   C N N 237 
MET CG   C N N 238 
MET SD   S N N 239 
MET CE   C N N 240 
MET OXT  O N N 241 
MET H    H N N 242 
MET H2   H N N 243 
MET HA   H N N 244 
MET HB2  H N N 245 
MET HB3  H N N 246 
MET HG2  H N N 247 
MET HG3  H N N 248 
MET HE1  H N N 249 
MET HE2  H N N 250 
MET HE3  H N N 251 
MET HXT  H N N 252 
PHE N    N N N 253 
PHE CA   C N S 254 
PHE C    C N N 255 
PHE O    O N N 256 
PHE CB   C N N 257 
PHE CG   C Y N 258 
PHE CD1  C Y N 259 
PHE CD2  C Y N 260 
PHE CE1  C Y N 261 
PHE CE2  C Y N 262 
PHE CZ   C Y N 263 
PHE OXT  O N N 264 
PHE H    H N N 265 
PHE H2   H N N 266 
PHE HA   H N N 267 
PHE HB2  H N N 268 
PHE HB3  H N N 269 
PHE HD1  H N N 270 
PHE HD2  H N N 271 
PHE HE1  H N N 272 
PHE HE2  H N N 273 
PHE HZ   H N N 274 
PHE HXT  H N N 275 
PRO N    N N N 276 
PRO CA   C N S 277 
PRO C    C N N 278 
PRO O    O N N 279 
PRO CB   C N N 280 
PRO CG   C N N 281 
PRO CD   C N N 282 
PRO OXT  O N N 283 
PRO H    H N N 284 
PRO HA   H N N 285 
PRO HB2  H N N 286 
PRO HB3  H N N 287 
PRO HG2  H N N 288 
PRO HG3  H N N 289 
PRO HD2  H N N 290 
PRO HD3  H N N 291 
PRO HXT  H N N 292 
SER N    N N N 293 
SER CA   C N S 294 
SER C    C N N 295 
SER O    O N N 296 
SER CB   C N N 297 
SER OG   O N N 298 
SER OXT  O N N 299 
SER H    H N N 300 
SER H2   H N N 301 
SER HA   H N N 302 
SER HB2  H N N 303 
SER HB3  H N N 304 
SER HG   H N N 305 
SER HXT  H N N 306 
THR N    N N N 307 
THR CA   C N S 308 
THR C    C N N 309 
THR O    O N N 310 
THR CB   C N R 311 
THR OG1  O N N 312 
THR CG2  C N N 313 
THR OXT  O N N 314 
THR H    H N N 315 
THR H2   H N N 316 
THR HA   H N N 317 
THR HB   H N N 318 
THR HG1  H N N 319 
THR HG21 H N N 320 
THR HG22 H N N 321 
THR HG23 H N N 322 
THR HXT  H N N 323 
TYR N    N N N 324 
TYR CA   C N S 325 
TYR C    C N N 326 
TYR O    O N N 327 
TYR CB   C N N 328 
TYR CG   C Y N 329 
TYR CD1  C Y N 330 
TYR CD2  C Y N 331 
TYR CE1  C Y N 332 
TYR CE2  C Y N 333 
TYR CZ   C Y N 334 
TYR OH   O N N 335 
TYR OXT  O N N 336 
TYR H    H N N 337 
TYR H2   H N N 338 
TYR HA   H N N 339 
TYR HB2  H N N 340 
TYR HB3  H N N 341 
TYR HD1  H N N 342 
TYR HD2  H N N 343 
TYR HE1  H N N 344 
TYR HE2  H N N 345 
TYR HH   H N N 346 
TYR HXT  H N N 347 
VAL N    N N N 348 
VAL CA   C N S 349 
VAL C    C N N 350 
VAL O    O N N 351 
VAL CB   C N N 352 
VAL CG1  C N N 353 
VAL CG2  C N N 354 
VAL OXT  O N N 355 
VAL H    H N N 356 
VAL H2   H N N 357 
VAL HA   H N N 358 
VAL HB   H N N 359 
VAL HG11 H N N 360 
VAL HG12 H N N 361 
VAL HG13 H N N 362 
VAL HG21 H N N 363 
VAL HG22 H N N 364 
VAL HG23 H N N 365 
VAL HXT  H N N 366 
# 
loop_
_chem_comp_bond.comp_id 
_chem_comp_bond.atom_id_1 
_chem_comp_bond.atom_id_2 
_chem_comp_bond.value_order 
_chem_comp_bond.pdbx_aromatic_flag 
_chem_comp_bond.pdbx_stereo_config 
_chem_comp_bond.pdbx_ordinal 
ALA N   CA   sing N N 1   
ALA N   H    sing N N 2   
ALA N   H2   sing N N 3   
ALA CA  C    sing N N 4   
ALA CA  CB   sing N N 5   
ALA CA  HA   sing N N 6   
ALA C   O    doub N N 7   
ALA C   OXT  sing N N 8   
ALA CB  HB1  sing N N 9   
ALA CB  HB2  sing N N 10  
ALA CB  HB3  sing N N 11  
ALA OXT HXT  sing N N 12  
ARG N   CA   sing N N 13  
ARG N   H    sing N N 14  
ARG N   H2   sing N N 15  
ARG CA  C    sing N N 16  
ARG CA  CB   sing N N 17  
ARG CA  HA   sing N N 18  
ARG C   O    doub N N 19  
ARG C   OXT  sing N N 20  
ARG CB  CG   sing N N 21  
ARG CB  HB2  sing N N 22  
ARG CB  HB3  sing N N 23  
ARG CG  CD   sing N N 24  
ARG CG  HG2  sing N N 25  
ARG CG  HG3  sing N N 26  
ARG CD  NE   sing N N 27  
ARG CD  HD2  sing N N 28  
ARG CD  HD3  sing N N 29  
ARG NE  CZ   sing N N 30  
ARG NE  HE   sing N N 31  
ARG CZ  NH1  sing N N 32  
ARG CZ  NH2  doub N N 33  
ARG NH1 HH11 sing N N 34  
ARG NH1 HH12 sing N N 35  
ARG NH2 HH21 sing N N 36  
ARG NH2 HH22 sing N N 37  
ARG OXT HXT  sing N N 38  
ASN N   CA   sing N N 39  
ASN N   H    sing N N 40  
ASN N   H2   sing N N 41  
ASN CA  C    sing N N 42  
ASN CA  CB   sing N N 43  
ASN CA  HA   sing N N 44  
ASN C   O    doub N N 45  
ASN C   OXT  sing N N 46  
ASN CB  CG   sing N N 47  
ASN CB  HB2  sing N N 48  
ASN CB  HB3  sing N N 49  
ASN CG  OD1  doub N N 50  
ASN CG  ND2  sing N N 51  
ASN ND2 HD21 sing N N 52  
ASN ND2 HD22 sing N N 53  
ASN OXT HXT  sing N N 54  
ASP N   CA   sing N N 55  
ASP N   H    sing N N 56  
ASP N   H2   sing N N 57  
ASP CA  C    sing N N 58  
ASP CA  CB   sing N N 59  
ASP CA  HA   sing N N 60  
ASP C   O    doub N N 61  
ASP C   OXT  sing N N 62  
ASP CB  CG   sing N N 63  
ASP CB  HB2  sing N N 64  
ASP CB  HB3  sing N N 65  
ASP CG  OD1  doub N N 66  
ASP CG  OD2  sing N N 67  
ASP OD2 HD2  sing N N 68  
ASP OXT HXT  sing N N 69  
B2V N   CA   sing N N 70  
B2V N   H    sing N N 71  
B2V N   H2   sing N N 72  
B2V CA  CB   sing N N 73  
B2V CA  B    sing N N 74  
B2V CA  HA   sing N N 75  
B2V CB  CG1  sing N N 76  
B2V CB  CG2  sing N N 77  
B2V CB  HB   sing N N 78  
B2V CG1 HG11 sing N N 79  
B2V CG1 HG12 sing N N 80  
B2V CG1 HG13 sing N N 81  
B2V CG2 HG21 sing N N 82  
B2V CG2 HG22 sing N N 83  
B2V CG2 HG23 sing N N 84  
B2V B   O1   sing N N 85  
B2V B   O2   sing N N 86  
B2V O1  HO1  sing N N 87  
B2V O2  HO2  sing N N 88  
GLN N   CA   sing N N 89  
GLN N   H    sing N N 90  
GLN N   H2   sing N N 91  
GLN CA  C    sing N N 92  
GLN CA  CB   sing N N 93  
GLN CA  HA   sing N N 94  
GLN C   O    doub N N 95  
GLN C   OXT  sing N N 96  
GLN CB  CG   sing N N 97  
GLN CB  HB2  sing N N 98  
GLN CB  HB3  sing N N 99  
GLN CG  CD   sing N N 100 
GLN CG  HG2  sing N N 101 
GLN CG  HG3  sing N N 102 
GLN CD  OE1  doub N N 103 
GLN CD  NE2  sing N N 104 
GLN NE2 HE21 sing N N 105 
GLN NE2 HE22 sing N N 106 
GLN OXT HXT  sing N N 107 
GLU N   CA   sing N N 108 
GLU N   H    sing N N 109 
GLU N   H2   sing N N 110 
GLU CA  C    sing N N 111 
GLU CA  CB   sing N N 112 
GLU CA  HA   sing N N 113 
GLU C   O    doub N N 114 
GLU C   OXT  sing N N 115 
GLU CB  CG   sing N N 116 
GLU CB  HB2  sing N N 117 
GLU CB  HB3  sing N N 118 
GLU CG  CD   sing N N 119 
GLU CG  HG2  sing N N 120 
GLU CG  HG3  sing N N 121 
GLU CD  OE1  doub N N 122 
GLU CD  OE2  sing N N 123 
GLU OE2 HE2  sing N N 124 
GLU OXT HXT  sing N N 125 
GLY N   CA   sing N N 126 
GLY N   H    sing N N 127 
GLY N   H2   sing N N 128 
GLY CA  C    sing N N 129 
GLY CA  HA2  sing N N 130 
GLY CA  HA3  sing N N 131 
GLY C   O    doub N N 132 
GLY C   OXT  sing N N 133 
GLY OXT HXT  sing N N 134 
HIS N   CA   sing N N 135 
HIS N   H    sing N N 136 
HIS N   H2   sing N N 137 
HIS CA  C    sing N N 138 
HIS CA  CB   sing N N 139 
HIS CA  HA   sing N N 140 
HIS C   O    doub N N 141 
HIS C   OXT  sing N N 142 
HIS CB  CG   sing N N 143 
HIS CB  HB2  sing N N 144 
HIS CB  HB3  sing N N 145 
HIS CG  ND1  sing Y N 146 
HIS CG  CD2  doub Y N 147 
HIS ND1 CE1  doub Y N 148 
HIS ND1 HD1  sing N N 149 
HIS CD2 NE2  sing Y N 150 
HIS CD2 HD2  sing N N 151 
HIS CE1 NE2  sing Y N 152 
HIS CE1 HE1  sing N N 153 
HIS NE2 HE2  sing N N 154 
HIS OXT HXT  sing N N 155 
ILE N   CA   sing N N 156 
ILE N   H    sing N N 157 
ILE N   H2   sing N N 158 
ILE CA  C    sing N N 159 
ILE CA  CB   sing N N 160 
ILE CA  HA   sing N N 161 
ILE C   O    doub N N 162 
ILE C   OXT  sing N N 163 
ILE CB  CG1  sing N N 164 
ILE CB  CG2  sing N N 165 
ILE CB  HB   sing N N 166 
ILE CG1 CD1  sing N N 167 
ILE CG1 HG12 sing N N 168 
ILE CG1 HG13 sing N N 169 
ILE CG2 HG21 sing N N 170 
ILE CG2 HG22 sing N N 171 
ILE CG2 HG23 sing N N 172 
ILE CD1 HD11 sing N N 173 
ILE CD1 HD12 sing N N 174 
ILE CD1 HD13 sing N N 175 
ILE OXT HXT  sing N N 176 
LEU N   CA   sing N N 177 
LEU N   H    sing N N 178 
LEU N   H2   sing N N 179 
LEU CA  C    sing N N 180 
LEU CA  CB   sing N N 181 
LEU CA  HA   sing N N 182 
LEU C   O    doub N N 183 
LEU C   OXT  sing N N 184 
LEU CB  CG   sing N N 185 
LEU CB  HB2  sing N N 186 
LEU CB  HB3  sing N N 187 
LEU CG  CD1  sing N N 188 
LEU CG  CD2  sing N N 189 
LEU CG  HG   sing N N 190 
LEU CD1 HD11 sing N N 191 
LEU CD1 HD12 sing N N 192 
LEU CD1 HD13 sing N N 193 
LEU CD2 HD21 sing N N 194 
LEU CD2 HD22 sing N N 195 
LEU CD2 HD23 sing N N 196 
LEU OXT HXT  sing N N 197 
LYS N   CA   sing N N 198 
LYS N   H    sing N N 199 
LYS N   H2   sing N N 200 
LYS CA  C    sing N N 201 
LYS CA  CB   sing N N 202 
LYS CA  HA   sing N N 203 
LYS C   O    doub N N 204 
LYS C   OXT  sing N N 205 
LYS CB  CG   sing N N 206 
LYS CB  HB2  sing N N 207 
LYS CB  HB3  sing N N 208 
LYS CG  CD   sing N N 209 
LYS CG  HG2  sing N N 210 
LYS CG  HG3  sing N N 211 
LYS CD  CE   sing N N 212 
LYS CD  HD2  sing N N 213 
LYS CD  HD3  sing N N 214 
LYS CE  NZ   sing N N 215 
LYS CE  HE2  sing N N 216 
LYS CE  HE3  sing N N 217 
LYS NZ  HZ1  sing N N 218 
LYS NZ  HZ2  sing N N 219 
LYS NZ  HZ3  sing N N 220 
LYS OXT HXT  sing N N 221 
MET N   CA   sing N N 222 
MET N   H    sing N N 223 
MET N   H2   sing N N 224 
MET CA  C    sing N N 225 
MET CA  CB   sing N N 226 
MET CA  HA   sing N N 227 
MET C   O    doub N N 228 
MET C   OXT  sing N N 229 
MET CB  CG   sing N N 230 
MET CB  HB2  sing N N 231 
MET CB  HB3  sing N N 232 
MET CG  SD   sing N N 233 
MET CG  HG2  sing N N 234 
MET CG  HG3  sing N N 235 
MET SD  CE   sing N N 236 
MET CE  HE1  sing N N 237 
MET CE  HE2  sing N N 238 
MET CE  HE3  sing N N 239 
MET OXT HXT  sing N N 240 
PHE N   CA   sing N N 241 
PHE N   H    sing N N 242 
PHE N   H2   sing N N 243 
PHE CA  C    sing N N 244 
PHE CA  CB   sing N N 245 
PHE CA  HA   sing N N 246 
PHE C   O    doub N N 247 
PHE C   OXT  sing N N 248 
PHE CB  CG   sing N N 249 
PHE CB  HB2  sing N N 250 
PHE CB  HB3  sing N N 251 
PHE CG  CD1  doub Y N 252 
PHE CG  CD2  sing Y N 253 
PHE CD1 CE1  sing Y N 254 
PHE CD1 HD1  sing N N 255 
PHE CD2 CE2  doub Y N 256 
PHE CD2 HD2  sing N N 257 
PHE CE1 CZ   doub Y N 258 
PHE CE1 HE1  sing N N 259 
PHE CE2 CZ   sing Y N 260 
PHE CE2 HE2  sing N N 261 
PHE CZ  HZ   sing N N 262 
PHE OXT HXT  sing N N 263 
PRO N   CA   sing N N 264 
PRO N   CD   sing N N 265 
PRO N   H    sing N N 266 
PRO CA  C    sing N N 267 
PRO CA  CB   sing N N 268 
PRO CA  HA   sing N N 269 
PRO C   O    doub N N 270 
PRO C   OXT  sing N N 271 
PRO CB  CG   sing N N 272 
PRO CB  HB2  sing N N 273 
PRO CB  HB3  sing N N 274 
PRO CG  CD   sing N N 275 
PRO CG  HG2  sing N N 276 
PRO CG  HG3  sing N N 277 
PRO CD  HD2  sing N N 278 
PRO CD  HD3  sing N N 279 
PRO OXT HXT  sing N N 280 
SER N   CA   sing N N 281 
SER N   H    sing N N 282 
SER N   H2   sing N N 283 
SER CA  C    sing N N 284 
SER CA  CB   sing N N 285 
SER CA  HA   sing N N 286 
SER C   O    doub N N 287 
SER C   OXT  sing N N 288 
SER CB  OG   sing N N 289 
SER CB  HB2  sing N N 290 
SER CB  HB3  sing N N 291 
SER OG  HG   sing N N 292 
SER OXT HXT  sing N N 293 
THR N   CA   sing N N 294 
THR N   H    sing N N 295 
THR N   H2   sing N N 296 
THR CA  C    sing N N 297 
THR CA  CB   sing N N 298 
THR CA  HA   sing N N 299 
THR C   O    doub N N 300 
THR C   OXT  sing N N 301 
THR CB  OG1  sing N N 302 
THR CB  CG2  sing N N 303 
THR CB  HB   sing N N 304 
THR OG1 HG1  sing N N 305 
THR CG2 HG21 sing N N 306 
THR CG2 HG22 sing N N 307 
THR CG2 HG23 sing N N 308 
THR OXT HXT  sing N N 309 
TYR N   CA   sing N N 310 
TYR N   H    sing N N 311 
TYR N   H2   sing N N 312 
TYR CA  C    sing N N 313 
TYR CA  CB   sing N N 314 
TYR CA  HA   sing N N 315 
TYR C   O    doub N N 316 
TYR C   OXT  sing N N 317 
TYR CB  CG   sing N N 318 
TYR CB  HB2  sing N N 319 
TYR CB  HB3  sing N N 320 
TYR CG  CD1  doub Y N 321 
TYR CG  CD2  sing Y N 322 
TYR CD1 CE1  sing Y N 323 
TYR CD1 HD1  sing N N 324 
TYR CD2 CE2  doub Y N 325 
TYR CD2 HD2  sing N N 326 
TYR CE1 CZ   doub Y N 327 
TYR CE1 HE1  sing N N 328 
TYR CE2 CZ   sing Y N 329 
TYR CE2 HE2  sing N N 330 
TYR CZ  OH   sing N N 331 
TYR OH  HH   sing N N 332 
TYR OXT HXT  sing N N 333 
VAL N   CA   sing N N 334 
VAL N   H    sing N N 335 
VAL N   H2   sing N N 336 
VAL CA  C    sing N N 337 
VAL CA  CB   sing N N 338 
VAL CA  HA   sing N N 339 
VAL C   O    doub N N 340 
VAL C   OXT  sing N N 341 
VAL CB  CG1  sing N N 342 
VAL CB  CG2  sing N N 343 
VAL CB  HB   sing N N 344 
VAL CG1 HG11 sing N N 345 
VAL CG1 HG12 sing N N 346 
VAL CG1 HG13 sing N N 347 
VAL CG2 HG21 sing N N 348 
VAL CG2 HG22 sing N N 349 
VAL CG2 HG23 sing N N 350 
VAL OXT HXT  sing N N 351 
# 
_pdbx_initial_refinement_model.id               1 
_pdbx_initial_refinement_model.entity_id_list   ? 
_pdbx_initial_refinement_model.type             'experimental model' 
_pdbx_initial_refinement_model.source_name      PDB 
_pdbx_initial_refinement_model.accession_code   1LCY 
_pdbx_initial_refinement_model.details          'PDB ENTRY 1LCY' 
# 
_atom_sites.entry_id                    3NZI 
_atom_sites.fract_transf_matrix[1][1]   0.00534930 
_atom_sites.fract_transf_matrix[1][2]   0.00821825 
_atom_sites.fract_transf_matrix[1][3]   -0.00475331 
_atom_sites.fract_transf_matrix[2][1]   0.01086908 
_atom_sites.fract_transf_matrix[2][2]   0.00049752 
_atom_sites.fract_transf_matrix[2][3]   0.00060020 
_atom_sites.fract_transf_matrix[3][1]   0.00059964 
_atom_sites.fract_transf_matrix[3][2]   -0.00450908 
_atom_sites.fract_transf_matrix[3][3]   -0.00712117 
_atom_sites.fract_transf_vector[1]      -0.016217 
_atom_sites.fract_transf_vector[2]      -0.186888 
_atom_sites.fract_transf_vector[3]      -0.015038 
# 
loop_
_atom_type.symbol 
B 
C 
N 
O 
S 
# 
loop_
_atom_site.group_PDB 
_atom_site.id 
_atom_site.type_symbol 
_atom_site.label_atom_id 
_atom_site.label_alt_id 
_atom_site.label_comp_id 
_atom_site.label_asym_id 
_atom_site.label_entity_id 
_atom_site.label_seq_id 
_atom_site.pdbx_PDB_ins_code 
_atom_site.Cartn_x 
_atom_site.Cartn_y 
_atom_site.Cartn_z 
_atom_site.occupancy 
_atom_site.B_iso_or_equiv 
_atom_site.pdbx_formal_charge 
_atom_site.auth_seq_id 
_atom_site.auth_comp_id 
_atom_site.auth_asym_id 
_atom_site.auth_atom_id 
_atom_site.pdbx_PDB_model_num 
ATOM   1    N N   . GLU A 1 4   ? 26.020  -4.827  -24.191 1.00 119.37 ? 160 GLU A N   1 
ATOM   2    C CA  . GLU A 1 4   ? 25.364  -5.459  -23.014 1.00 119.01 ? 160 GLU A CA  1 
ATOM   3    C C   . GLU A 1 4   ? 25.421  -6.984  -23.121 1.00 123.75 ? 160 GLU A C   1 
ATOM   4    O O   . GLU A 1 4   ? 24.447  -7.618  -23.530 1.00 126.12 ? 160 GLU A O   1 
ATOM   5    C CB  . GLU A 1 4   ? 23.913  -4.991  -22.888 1.00 20.00  ? 160 GLU A CB  1 
ATOM   6    N N   . ASP A 1 5   ? 26.570  -7.556  -22.752 1.00 121.76 ? 161 ASP A N   1 
ATOM   7    C CA  . ASP A 1 5   ? 26.789  -9.008  -22.799 1.00 121.38 ? 161 ASP A CA  1 
ATOM   8    C C   . ASP A 1 5   ? 25.949  -9.710  -21.735 1.00 120.31 ? 161 ASP A C   1 
ATOM   9    O O   . ASP A 1 5   ? 26.334  -9.701  -20.572 1.00 110.57 ? 161 ASP A O   1 
ATOM   10   C CB  . ASP A 1 5   ? 28.271  -9.335  -22.609 1.00 20.00  ? 161 ASP A CB  1 
ATOM   11   N N   . PRO A 1 6   ? 24.825  -10.354 -22.125 1.00 123.54 ? 162 PRO A N   1 
ATOM   12   C CA  . PRO A 1 6   ? 23.872  -10.870 -21.132 1.00 121.70 ? 162 PRO A CA  1 
ATOM   13   C C   . PRO A 1 6   ? 24.311  -12.142 -20.378 1.00 119.64 ? 162 PRO A C   1 
ATOM   14   O O   . PRO A 1 6   ? 23.509  -12.726 -19.651 1.00 114.73 ? 162 PRO A O   1 
ATOM   15   C CB  . PRO A 1 6   ? 22.608  -11.120 -21.961 1.00 120.08 ? 162 PRO A CB  1 
ATOM   16   C CG  . PRO A 1 6   ? 23.107  -11.437 -23.318 1.00 123.84 ? 162 PRO A CG  1 
ATOM   17   C CD  . PRO A 1 6   ? 24.463  -10.785 -23.488 1.00 123.54 ? 162 PRO A CD  1 
ATOM   18   N N   . ASN A 1 7   ? 25.565  -12.562 -20.544 1.00 120.70 ? 163 ASN A N   1 
ATOM   19   C CA  . ASN A 1 7   ? 26.209  -13.453 -19.574 1.00 119.76 ? 163 ASN A CA  1 
ATOM   20   C C   . ASN A 1 7   ? 26.407  -12.715 -18.226 1.00 112.29 ? 163 ASN A C   1 
ATOM   21   O O   . ASN A 1 7   ? 26.530  -13.338 -17.163 1.00 93.81  ? 163 ASN A O   1 
ATOM   22   C CB  . ASN A 1 7   ? 27.557  -13.943 -20.122 1.00 127.08 ? 163 ASN A CB  1 
ATOM   23   C CG  . ASN A 1 7   ? 28.079  -15.174 -19.391 1.00 136.06 ? 163 ASN A CG  1 
ATOM   24   O OD1 . ASN A 1 7   ? 27.374  -16.174 -19.254 1.00 142.03 ? 163 ASN A OD1 1 
ATOM   25   N ND2 . ASN A 1 7   ? 29.326  -15.106 -18.931 1.00 131.60 ? 163 ASN A ND2 1 
ATOM   26   N N   . SER A 1 8   ? 26.466  -11.380 -18.317 1.00 100.82 ? 164 SER A N   1 
ATOM   27   C CA  . SER A 1 8   ? 26.464  -10.430 -17.188 1.00 81.19  ? 164 SER A CA  1 
ATOM   28   C C   . SER A 1 8   ? 25.521  -10.778 -16.025 1.00 79.97  ? 164 SER A C   1 
ATOM   29   O O   . SER A 1 8   ? 24.319  -11.032 -16.221 1.00 74.97  ? 164 SER A O   1 
ATOM   30   C CB  . SER A 1 8   ? 26.100  -9.038  -17.737 1.00 76.40  ? 164 SER A CB  1 
ATOM   31   O OG  . SER A 1 8   ? 25.739  -8.103  -16.740 1.00 75.43  ? 164 SER A OG  1 
ATOM   32   N N   . LEU A 1 9   ? 26.069  -10.763 -14.812 1.00 70.49  ? 165 LEU A N   1 
ATOM   33   C CA  . LEU A 1 9   ? 25.263  -10.958 -13.611 1.00 65.23  ? 165 LEU A CA  1 
ATOM   34   C C   . LEU A 1 9   ? 24.152  -9.922  -13.570 1.00 58.74  ? 165 LEU A C   1 
ATOM   35   O O   . LEU A 1 9   ? 23.013  -10.248 -13.242 1.00 54.97  ? 165 LEU A O   1 
ATOM   36   C CB  . LEU A 1 9   ? 26.118  -10.831 -12.351 1.00 64.94  ? 165 LEU A CB  1 
ATOM   37   C CG  . LEU A 1 9   ? 27.102  -11.960 -12.043 1.00 65.68  ? 165 LEU A CG  1 
ATOM   38   C CD1 . LEU A 1 9   ? 28.022  -11.540 -10.907 1.00 65.82  ? 165 LEU A CD1 1 
ATOM   39   C CD2 . LEU A 1 9   ? 26.380  -13.255 -11.707 1.00 64.77  ? 165 LEU A CD2 1 
ATOM   40   N N   . ARG A 1 10  ? 24.490  -8.681  -13.923 1.00 55.75  ? 166 ARG A N   1 
ATOM   41   C CA  . ARG A 1 10  ? 23.529  -7.573  -13.897 1.00 55.84  ? 166 ARG A CA  1 
ATOM   42   C C   . ARG A 1 10  ? 22.316  -7.823  -14.782 1.00 57.02  ? 166 ARG A C   1 
ATOM   43   O O   . ARG A 1 10  ? 21.201  -7.509  -14.386 1.00 76.40  ? 166 ARG A O   1 
ATOM   44   C CB  . ARG A 1 10  ? 24.199  -6.236  -14.265 1.00 53.24  ? 166 ARG A CB  1 
ATOM   45   C CG  . ARG A 1 10  ? 23.359  -5.030  -13.896 1.00 52.34  ? 166 ARG A CG  1 
ATOM   46   C CD  . ARG A 1 10  ? 24.036  -3.681  -14.136 1.00 55.48  ? 166 ARG A CD  1 
ATOM   47   N NE  . ARG A 1 10  ? 23.028  -2.656  -14.446 1.00 64.48  ? 166 ARG A NE  1 
ATOM   48   C CZ  . ARG A 1 10  ? 23.208  -1.334  -14.391 1.00 73.34  ? 166 ARG A CZ  1 
ATOM   49   N NH1 . ARG A 1 10  ? 24.372  -0.812  -14.015 1.00 81.82  ? 166 ARG A NH1 1 
ATOM   50   N NH2 . ARG A 1 10  ? 22.201  -0.521  -14.703 1.00 74.84  ? 166 ARG A NH2 1 
ATOM   51   N N   . HIS A 1 11  ? 22.521  -8.393  -15.965 1.00 63.86  ? 167 HIS A N   1 
ATOM   52   C CA  . HIS A 1 11  ? 21.417  -8.602  -16.910 1.00 61.75  ? 167 HIS A CA  1 
ATOM   53   C C   . HIS A 1 11  ? 20.615  -9.850  -16.557 1.00 54.87  ? 167 HIS A C   1 
ATOM   54   O O   . HIS A 1 11  ? 19.411  -9.864  -16.716 1.00 55.26  ? 167 HIS A O   1 
ATOM   55   C CB  . HIS A 1 11  ? 21.929  -8.688  -18.353 1.00 70.14  ? 167 HIS A CB  1 
ATOM   56   C CG  . HIS A 1 11  ? 22.393  -7.378  -18.915 1.00 78.82  ? 167 HIS A CG  1 
ATOM   57   N ND1 . HIS A 1 11  ? 21.538  -6.320  -19.141 1.00 79.74  ? 167 HIS A ND1 1 
ATOM   58   C CD2 . HIS A 1 11  ? 23.621  -6.959  -19.310 1.00 81.32  ? 167 HIS A CD2 1 
ATOM   59   C CE1 . HIS A 1 11  ? 22.221  -5.302  -19.636 1.00 77.63  ? 167 HIS A CE1 1 
ATOM   60   N NE2 . HIS A 1 11  ? 23.486  -5.666  -19.752 1.00 79.95  ? 167 HIS A NE2 1 
ATOM   61   N N   . LYS A 1 12  ? 21.272  -10.904 -16.094 1.00 56.47  ? 168 LYS A N   1 
ATOM   62   C CA  . LYS A 1 12  ? 20.547  -12.115 -15.700 1.00 57.50  ? 168 LYS A CA  1 
ATOM   63   C C   . LYS A 1 12  ? 19.731  -11.903 -14.422 1.00 58.17  ? 168 LYS A C   1 
ATOM   64   O O   . LYS A 1 12  ? 18.519  -12.154 -14.400 1.00 55.51  ? 168 LYS A O   1 
ATOM   65   C CB  . LYS A 1 12  ? 21.502  -13.286 -15.485 1.00 59.18  ? 168 LYS A CB  1 
ATOM   66   C CG  . LYS A 1 12  ? 22.134  -13.832 -16.752 1.00 66.33  ? 168 LYS A CG  1 
ATOM   67   C CD  . LYS A 1 12  ? 23.237  -14.870 -16.456 1.00 66.95  ? 168 LYS A CD  1 
ATOM   68   C CE  . LYS A 1 12  ? 22.664  -16.211 -16.024 1.00 66.42  ? 168 LYS A CE  1 
ATOM   69   N NZ  . LYS A 1 12  ? 23.722  -17.267 -15.876 1.00 69.94  ? 168 LYS A NZ  1 
ATOM   70   N N   . TYR A 1 13  ? 20.388  -11.425 -13.365 1.00 54.35  ? 169 TYR A N   1 
ATOM   71   C CA  . TYR A 1 13  ? 19.835  -11.571 -12.022 1.00 52.13  ? 169 TYR A CA  1 
ATOM   72   C C   . TYR A 1 13  ? 19.059  -10.387 -11.420 1.00 50.52  ? 169 TYR A C   1 
ATOM   73   O O   . TYR A 1 13  ? 18.562  -10.504 -10.319 1.00 53.26  ? 169 TYR A O   1 
ATOM   74   C CB  . TYR A 1 13  ? 20.912  -12.114 -11.076 1.00 56.09  ? 169 TYR A CB  1 
ATOM   75   C CG  . TYR A 1 13  ? 21.325  -13.524 -11.473 1.00 54.17  ? 169 TYR A CG  1 
ATOM   76   C CD1 . TYR A 1 13  ? 20.395  -14.553 -11.493 1.00 54.39  ? 169 TYR A CD1 1 
ATOM   77   C CD2 . TYR A 1 13  ? 22.623  -13.810 -11.866 1.00 53.42  ? 169 TYR A CD2 1 
ATOM   78   C CE1 . TYR A 1 13  ? 20.742  -15.829 -11.883 1.00 62.83  ? 169 TYR A CE1 1 
ATOM   79   C CE2 . TYR A 1 13  ? 22.989  -15.088 -12.255 1.00 59.71  ? 169 TYR A CE2 1 
ATOM   80   C CZ  . TYR A 1 13  ? 22.043  -16.099 -12.266 1.00 65.59  ? 169 TYR A CZ  1 
ATOM   81   O OH  . TYR A 1 13  ? 22.395  -17.383 -12.644 1.00 63.51  ? 169 TYR A OH  1 
ATOM   82   N N   . ASN A 1 14  ? 18.872  -9.298  -12.159 1.00 50.50  ? 170 ASN A N   1 
ATOM   83   C CA  . ASN A 1 14  ? 18.150  -8.152  -11.614 1.00 46.47  ? 170 ASN A CA  1 
ATOM   84   C C   . ASN A 1 14  ? 16.646  -8.216  -11.806 1.00 46.35  ? 170 ASN A C   1 
ATOM   85   O O   . ASN A 1 14  ? 16.035  -7.286  -12.358 1.00 46.88  ? 170 ASN A O   1 
ATOM   86   C CB  . ASN A 1 14  ? 18.730  -6.827  -12.142 1.00 50.23  ? 170 ASN A CB  1 
ATOM   87   C CG  . ASN A 1 14  ? 19.928  -6.350  -11.313 1.00 58.47  ? 170 ASN A CG  1 
ATOM   88   O OD1 . ASN A 1 14  ? 19.970  -6.547  -10.094 1.00 64.99  ? 170 ASN A OD1 1 
ATOM   89   N ND2 . ASN A 1 14  ? 20.895  -5.720  -11.965 1.00 56.54  ? 170 ASN A ND2 1 
ATOM   90   N N   . PHE A 1 15  ? 16.036  -9.273  -11.271 1.00 46.13  ? 171 PHE A N   1 
ATOM   91   C CA  . PHE A 1 15  ? 14.570  -9.423  -11.348 1.00 48.46  ? 171 PHE A CA  1 
ATOM   92   C C   . PHE A 1 15  ? 13.753  -8.369  -10.620 1.00 50.71  ? 171 PHE A C   1 
ATOM   93   O O   . PHE A 1 15  ? 12.706  -7.973  -11.121 1.00 63.39  ? 171 PHE A O   1 
ATOM   94   C CB  . PHE A 1 15  ? 14.081  -10.816 -10.929 1.00 48.56  ? 171 PHE A CB  1 
ATOM   95   C CG  . PHE A 1 15  ? 14.747  -11.378 -9.719  1.00 49.86  ? 171 PHE A CG  1 
ATOM   96   C CD1 . PHE A 1 15  ? 14.195  -11.206 -8.462  1.00 60.00  ? 171 PHE A CD1 1 
ATOM   97   C CD2 . PHE A 1 15  ? 15.892  -12.135 -9.838  1.00 47.39  ? 171 PHE A CD2 1 
ATOM   98   C CE1 . PHE A 1 15  ? 14.795  -11.767 -7.334  1.00 57.93  ? 171 PHE A CE1 1 
ATOM   99   C CE2 . PHE A 1 15  ? 16.500  -12.687 -8.724  1.00 51.55  ? 171 PHE A CE2 1 
ATOM   100  C CZ  . PHE A 1 15  ? 15.949  -12.504 -7.468  1.00 54.55  ? 171 PHE A CZ  1 
ATOM   101  N N   . ILE A 1 16  ? 14.200  -7.911  -9.452  1.00 53.63  ? 172 ILE A N   1 
ATOM   102  C CA  . ILE A 1 16  ? 13.442  -6.898  -8.701  1.00 46.37  ? 172 ILE A CA  1 
ATOM   103  C C   . ILE A 1 16  ? 13.265  -5.654  -9.581  1.00 53.27  ? 172 ILE A C   1 
ATOM   104  O O   . ILE A 1 16  ? 12.145  -5.133  -9.727  1.00 51.00  ? 172 ILE A O   1 
ATOM   105  C CB  . ILE A 1 16  ? 14.127  -6.537  -7.359  1.00 45.38  ? 172 ILE A CB  1 
ATOM   106  C CG1 . ILE A 1 16  ? 14.230  -7.761  -6.443  1.00 44.95  ? 172 ILE A CG1 1 
ATOM   107  C CG2 . ILE A 1 16  ? 13.373  -5.427  -6.636  1.00 43.86  ? 172 ILE A CG2 1 
ATOM   108  C CD1 . ILE A 1 16  ? 12.917  -8.494  -6.238  1.00 47.72  ? 172 ILE A CD1 1 
ATOM   109  N N   . ALA A 1 17  ? 14.371  -5.215  -10.187 1.00 56.95  ? 173 ALA A N   1 
ATOM   110  C CA  . ALA A 1 17  ? 14.384  -4.092  -11.134 1.00 54.34  ? 173 ALA A CA  1 
ATOM   111  C C   . ALA A 1 17  ? 13.301  -4.215  -12.196 1.00 59.56  ? 173 ALA A C   1 
ATOM   112  O O   . ALA A 1 17  ? 12.693  -3.221  -12.583 1.00 67.14  ? 173 ALA A O   1 
ATOM   113  C CB  . ALA A 1 17  ? 15.743  -3.988  -11.796 1.00 54.46  ? 173 ALA A CB  1 
ATOM   114  N N   . ASP A 1 18  ? 13.068  -5.437  -12.670 1.00 63.39  ? 174 ASP A N   1 
ATOM   115  C CA  . ASP A 1 18  ? 12.011  -5.693  -13.642 1.00 57.43  ? 174 ASP A CA  1 
ATOM   116  C C   . ASP A 1 18  ? 10.635  -5.471  -13.037 1.00 52.86  ? 174 ASP A C   1 
ATOM   117  O O   . ASP A 1 18  ? 9.775   -4.869  -13.671 1.00 57.78  ? 174 ASP A O   1 
ATOM   118  C CB  . ASP A 1 18  ? 12.111  -7.115  -14.209 1.00 55.66  ? 174 ASP A CB  1 
ATOM   119  C CG  . ASP A 1 18  ? 13.312  -7.307  -15.129 1.00 56.32  ? 174 ASP A CG  1 
ATOM   120  O OD1 . ASP A 1 18  ? 13.834  -6.309  -15.664 1.00 60.89  ? 174 ASP A OD1 1 
ATOM   121  O OD2 . ASP A 1 18  ? 13.731  -8.469  -15.330 1.00 59.96  ? 174 ASP A OD2 1 
ATOM   122  N N   . VAL A 1 19  ? 10.425  -5.941  -11.812 1.00 54.23  ? 175 VAL A N   1 
ATOM   123  C CA  . VAL A 1 19  ? 9.104   -5.805  -11.168 1.00 51.66  ? 175 VAL A CA  1 
ATOM   124  C C   . VAL A 1 19  ? 8.790   -4.355  -10.829 1.00 52.05  ? 175 VAL A C   1 
ATOM   125  O O   . VAL A 1 19  ? 7.645   -3.918  -10.959 1.00 52.39  ? 175 VAL A O   1 
ATOM   126  C CB  . VAL A 1 19  ? 8.988   -6.633  -9.892  1.00 46.99  ? 175 VAL A CB  1 
ATOM   127  C CG1 . VAL A 1 19  ? 7.569   -6.591  -9.378  1.00 46.57  ? 175 VAL A CG1 1 
ATOM   128  C CG2 . VAL A 1 19  ? 9.420   -8.070  -10.148 1.00 43.10  ? 175 VAL A CG2 1 
ATOM   129  N N   . VAL A 1 20  ? 9.814   -3.614  -10.409 1.00 52.68  ? 176 VAL A N   1 
ATOM   130  C CA  . VAL A 1 20  ? 9.657   -2.194  -10.093 1.00 54.52  ? 176 VAL A CA  1 
ATOM   131  C C   . VAL A 1 20  ? 9.342   -1.411  -11.351 1.00 53.77  ? 176 VAL A C   1 
ATOM   132  O O   . VAL A 1 20  ? 8.544   -0.477  -11.326 1.00 60.97  ? 176 VAL A O   1 
ATOM   133  C CB  . VAL A 1 20  ? 10.917  -1.598  -9.385  1.00 52.98  ? 176 VAL A CB  1 
ATOM   134  C CG1 . VAL A 1 20  ? 12.155  -1.993  -10.100 1.00 60.52  ? 176 VAL A CG1 1 
ATOM   135  C CG2 . VAL A 1 20  ? 10.855  -0.078  -9.313  1.00 47.30  ? 176 VAL A CG2 1 
ATOM   136  N N   . GLU A 1 21  ? 9.963   -1.789  -12.455 1.00 64.78  ? 177 GLU A N   1 
ATOM   137  C CA  . GLU A 1 21  ? 9.671   -1.136  -13.733 1.00 76.22  ? 177 GLU A CA  1 
ATOM   138  C C   . GLU A 1 21  ? 8.178   -1.231  -14.055 1.00 69.74  ? 177 GLU A C   1 
ATOM   139  O O   . GLU A 1 21  ? 7.560   -0.246  -14.448 1.00 75.86  ? 177 GLU A O   1 
ATOM   140  C CB  . GLU A 1 21  ? 10.505  -1.754  -14.861 1.00 84.14  ? 177 GLU A CB  1 
ATOM   141  C CG  . GLU A 1 21  ? 10.764  -0.810  -16.037 1.00 90.82  ? 177 GLU A CG  1 
ATOM   142  C CD  . GLU A 1 21  ? 11.960  -1.239  -16.883 1.00 99.64  ? 177 GLU A CD  1 
ATOM   143  O OE1 . GLU A 1 21  ? 12.649  -0.347  -17.424 1.00 92.73  ? 177 GLU A OE1 1 
ATOM   144  O OE2 . GLU A 1 21  ? 12.217  -2.462  -17.001 1.00 103.02 ? 177 GLU A OE2 1 
ATOM   145  N N   . LYS A 1 22  ? 7.601   -2.411  -13.864 1.00 64.92  ? 178 LYS A N   1 
ATOM   146  C CA  . LYS A 1 22  ? 6.177   -2.602  -14.110 1.00 69.06  ? 178 LYS A CA  1 
ATOM   147  C C   . LYS A 1 22  ? 5.334   -1.761  -13.162 1.00 69.53  ? 178 LYS A C   1 
ATOM   148  O O   . LYS A 1 22  ? 4.537   -0.944  -13.610 1.00 82.66  ? 178 LYS A O   1 
ATOM   149  C CB  . LYS A 1 22  ? 5.770   -4.074  -13.967 1.00 72.92  ? 178 LYS A CB  1 
ATOM   150  C CG  . LYS A 1 22  ? 6.471   -5.050  -14.927 1.00 73.64  ? 178 LYS A CG  1 
ATOM   151  C CD  . LYS A 1 22  ? 5.837   -6.448  -14.862 1.00 71.86  ? 178 LYS A CD  1 
ATOM   152  C CE  . LYS A 1 22  ? 6.875   -7.581  -14.916 1.00 77.02  ? 178 LYS A CE  1 
ATOM   153  N NZ  . LYS A 1 22  ? 7.852   -7.469  -16.040 1.00 78.42  ? 178 LYS A NZ  1 
ATOM   154  N N   . ILE A 1 23  ? 5.530   -1.941  -11.857 1.00 65.85  ? 179 ILE A N   1 
ATOM   155  C CA  . ILE A 1 23  ? 4.555   -1.457  -10.866 1.00 58.68  ? 179 ILE A CA  1 
ATOM   156  C C   . ILE A 1 23  ? 4.668   0.014   -10.474 1.00 57.98  ? 179 ILE A C   1 
ATOM   157  O O   . ILE A 1 23  ? 3.700   0.607   -9.989  1.00 59.82  ? 179 ILE A O   1 
ATOM   158  C CB  . ILE A 1 23  ? 4.578   -2.317  -9.593  1.00 56.72  ? 179 ILE A CB  1 
ATOM   159  C CG1 . ILE A 1 23  ? 5.823   -2.049  -8.741  1.00 63.12  ? 179 ILE A CG1 1 
ATOM   160  C CG2 . ILE A 1 23  ? 4.537   -3.777  -9.965  1.00 59.30  ? 179 ILE A CG2 1 
ATOM   161  C CD1 . ILE A 1 23  ? 5.868   -2.869  -7.438  1.00 54.42  ? 179 ILE A CD1 1 
ATOM   162  N N   . ALA A 1 24  ? 5.834   0.604   -10.705 1.00 58.88  ? 180 ALA A N   1 
ATOM   163  C CA  . ALA A 1 24  ? 6.162   1.937   -10.176 1.00 59.98  ? 180 ALA A CA  1 
ATOM   164  C C   . ALA A 1 24  ? 5.118   3.040   -10.441 1.00 62.71  ? 180 ALA A C   1 
ATOM   165  O O   . ALA A 1 24  ? 4.816   3.836   -9.551  1.00 68.29  ? 180 ALA A O   1 
ATOM   166  C CB  . ALA A 1 24  ? 7.523   2.372   -10.695 1.00 57.33  ? 180 ALA A CB  1 
ATOM   167  N N   . PRO A 1 25  ? 4.578   3.105   -11.668 1.00 71.92  ? 181 PRO A N   1 
ATOM   168  C CA  . PRO A 1 25  ? 3.643   4.193   -11.955 1.00 67.39  ? 181 PRO A CA  1 
ATOM   169  C C   . PRO A 1 25  ? 2.280   4.055   -11.292 1.00 66.90  ? 181 PRO A C   1 
ATOM   170  O O   . PRO A 1 25  ? 1.591   5.055   -11.133 1.00 69.84  ? 181 PRO A O   1 
ATOM   171  C CB  . PRO A 1 25  ? 3.511   4.146   -13.477 1.00 70.85  ? 181 PRO A CB  1 
ATOM   172  C CG  . PRO A 1 25  ? 4.773   3.473   -13.946 1.00 68.91  ? 181 PRO A CG  1 
ATOM   173  C CD  . PRO A 1 25  ? 5.014   2.431   -12.906 1.00 73.46  ? 181 PRO A CD  1 
ATOM   174  N N   . ALA A 1 26  ? 1.899   2.846   -10.890 1.00 66.23  ? 182 ALA A N   1 
ATOM   175  C CA  . ALA A 1 26  ? 0.612   2.640   -10.213 1.00 68.35  ? 182 ALA A CA  1 
ATOM   176  C C   . ALA A 1 26  ? 0.658   2.965   -8.716  1.00 72.55  ? 182 ALA A C   1 
ATOM   177  O O   . ALA A 1 26  ? -0.351  2.815   -8.017  1.00 65.94  ? 182 ALA A O   1 
ATOM   178  C CB  . ALA A 1 26  ? 0.139   1.201   -10.410 1.00 67.79  ? 182 ALA A CB  1 
ATOM   179  N N   . VAL A 1 27  ? 1.822   3.382   -8.216  1.00 70.05  ? 183 VAL A N   1 
ATOM   180  C CA  . VAL A 1 27  ? 1.991   3.618   -6.791  1.00 70.58  ? 183 VAL A CA  1 
ATOM   181  C C   . VAL A 1 27  ? 1.993   5.110   -6.516  1.00 69.56  ? 183 VAL A C   1 
ATOM   182  O O   . VAL A 1 27  ? 2.695   5.862   -7.183  1.00 78.21  ? 183 VAL A O   1 
ATOM   183  C CB  . VAL A 1 27  ? 3.276   2.968   -6.269  1.00 69.39  ? 183 VAL A CB  1 
ATOM   184  C CG1 . VAL A 1 27  ? 3.428   3.212   -4.761  1.00 61.39  ? 183 VAL A CG1 1 
ATOM   185  C CG2 . VAL A 1 27  ? 3.249   1.472   -6.564  1.00 62.61  ? 183 VAL A CG2 1 
ATOM   186  N N   . VAL A 1 28  ? 1.206   5.522   -5.527  1.00 66.66  ? 184 VAL A N   1 
ATOM   187  C CA  . VAL A 1 28  ? 0.944   6.936   -5.272  1.00 74.83  ? 184 VAL A CA  1 
ATOM   188  C C   . VAL A 1 28  ? 1.255   7.337   -3.827  1.00 77.77  ? 184 VAL A C   1 
ATOM   189  O O   . VAL A 1 28  ? 1.192   6.512   -2.912  1.00 70.41  ? 184 VAL A O   1 
ATOM   190  C CB  . VAL A 1 28  ? -0.536  7.300   -5.591  1.00 71.58  ? 184 VAL A CB  1 
ATOM   191  C CG1 . VAL A 1 28  ? -0.841  7.029   -7.055  1.00 68.92  ? 184 VAL A CG1 1 
ATOM   192  C CG2 . VAL A 1 28  ? -1.506  6.541   -4.682  1.00 62.93  ? 184 VAL A CG2 1 
ATOM   193  N N   . HIS A 1 29  ? 1.585   8.617   -3.647  1.00 82.81  ? 185 HIS A N   1 
ATOM   194  C CA  . HIS A 1 29  ? 1.877   9.200   -2.333  1.00 84.49  ? 185 HIS A CA  1 
ATOM   195  C C   . HIS A 1 29  ? 0.700   10.063  -1.865  1.00 87.60  ? 185 HIS A C   1 
ATOM   196  O O   . HIS A 1 29  ? 0.324   11.042  -2.524  1.00 82.49  ? 185 HIS A O   1 
ATOM   197  C CB  . HIS A 1 29  ? 3.170   10.024  -2.402  1.00 88.08  ? 185 HIS A CB  1 
ATOM   198  C CG  . HIS A 1 29  ? 3.414   10.888  -1.202  1.00 96.74  ? 185 HIS A CG  1 
ATOM   199  N ND1 . HIS A 1 29  ? 4.067   12.101  -1.280  1.00 85.69  ? 185 HIS A ND1 1 
ATOM   200  C CD2 . HIS A 1 29  ? 3.092   10.719  0.105   1.00 94.47  ? 185 HIS A CD2 1 
ATOM   201  C CE1 . HIS A 1 29  ? 4.144   12.633  -0.074  1.00 90.19  ? 185 HIS A CE1 1 
ATOM   202  N NE2 . HIS A 1 29  ? 3.556   11.817  0.784   1.00 85.78  ? 185 HIS A NE2 1 
ATOM   203  N N   . ILE A 1 30  ? 0.126   9.687   -0.726  1.00 85.36  ? 186 ILE A N   1 
ATOM   204  C CA  . ILE A 1 30  ? -1.038  10.372  -0.172  1.00 87.33  ? 186 ILE A CA  1 
ATOM   205  C C   . ILE A 1 30  ? -0.583  11.386  0.871   1.00 91.26  ? 186 ILE A C   1 
ATOM   206  O O   . ILE A 1 30  ? 0.152   11.038  1.794   1.00 101.73 ? 186 ILE A O   1 
ATOM   207  C CB  . ILE A 1 30  ? -2.006  9.371   0.494   1.00 84.10  ? 186 ILE A CB  1 
ATOM   208  C CG1 . ILE A 1 30  ? -2.467  8.315   -0.525  1.00 78.57  ? 186 ILE A CG1 1 
ATOM   209  C CG2 . ILE A 1 30  ? -3.197  10.104  1.107   1.00 79.04  ? 186 ILE A CG2 1 
ATOM   210  C CD1 . ILE A 1 30  ? -3.140  7.101   0.111   1.00 72.38  ? 186 ILE A CD1 1 
ATOM   211  N N   . GLU A 1 31  ? -1.013  12.637  0.708   1.00 92.10  ? 187 GLU A N   1 
ATOM   212  C CA  . GLU A 1 31  ? -0.723  13.708  1.668   1.00 89.72  ? 187 GLU A CA  1 
ATOM   213  C C   . GLU A 1 31  ? -2.005  14.044  2.422   1.00 88.47  ? 187 GLU A C   1 
ATOM   214  O O   . GLU A 1 31  ? -3.096  13.949  1.859   1.00 92.66  ? 187 GLU A O   1 
ATOM   215  C CB  . GLU A 1 31  ? -0.177  14.942  0.942   1.00 87.40  ? 187 GLU A CB  1 
ATOM   216  C CG  . GLU A 1 31  ? 0.836   14.599  -0.155  1.00 93.20  ? 187 GLU A CG  1 
ATOM   217  C CD  . GLU A 1 31  ? 1.534   15.810  -0.754  1.00 101.78 ? 187 GLU A CD  1 
ATOM   218  O OE1 . GLU A 1 31  ? 1.613   16.864  -0.081  1.00 111.68 ? 187 GLU A OE1 1 
ATOM   219  O OE2 . GLU A 1 31  ? 2.021   15.695  -1.904  1.00 92.20  ? 187 GLU A OE2 1 
ATOM   220  N N   . LEU A 1 32  ? -1.875  14.415  3.693   1.00 89.55  ? 188 LEU A N   1 
ATOM   221  C CA  . LEU A 1 32  ? -3.031  14.769  4.522   1.00 93.21  ? 188 LEU A CA  1 
ATOM   222  C C   . LEU A 1 32  ? -2.914  16.169  5.111   1.00 93.37  ? 188 LEU A C   1 
ATOM   223  O O   . LEU A 1 32  ? -1.841  16.573  5.576   1.00 83.75  ? 188 LEU A O   1 
ATOM   224  C CB  . LEU A 1 32  ? -3.191  13.781  5.668   1.00 94.07  ? 188 LEU A CB  1 
ATOM   225  C CG  . LEU A 1 32  ? -3.564  12.350  5.316   1.00 99.08  ? 188 LEU A CG  1 
ATOM   226  C CD1 . LEU A 1 32  ? -3.995  11.666  6.598   1.00 105.22 ? 188 LEU A CD1 1 
ATOM   227  C CD2 . LEU A 1 32  ? -4.663  12.300  4.268   1.00 95.01  ? 188 LEU A CD2 1 
ATOM   228  N N   . PHE A 1 33  ? -4.035  16.890  5.116   1.00 91.30  ? 189 PHE A N   1 
ATOM   229  C CA  . PHE A 1 33  ? -4.084  18.247  5.652   1.00 83.43  ? 189 PHE A CA  1 
ATOM   230  C C   . PHE A 1 33  ? -5.181  18.397  6.699   1.00 87.97  ? 189 PHE A C   1 
ATOM   231  O O   . PHE A 1 33  ? -6.304  17.921  6.518   1.00 86.38  ? 189 PHE A O   1 
ATOM   232  C CB  . PHE A 1 33  ? -4.303  19.248  4.525   1.00 73.70  ? 189 PHE A CB  1 
ATOM   233  C CG  . PHE A 1 33  ? -3.190  19.277  3.527   1.00 76.81  ? 189 PHE A CG  1 
ATOM   234  C CD1 . PHE A 1 33  ? -3.139  18.345  2.496   1.00 79.62  ? 189 PHE A CD1 1 
ATOM   235  C CD2 . PHE A 1 33  ? -2.179  20.227  3.620   1.00 78.56  ? 189 PHE A CD2 1 
ATOM   236  C CE1 . PHE A 1 33  ? -2.096  18.362  1.567   1.00 82.66  ? 189 PHE A CE1 1 
ATOM   237  C CE2 . PHE A 1 33  ? -1.132  20.254  2.693   1.00 82.32  ? 189 PHE A CE2 1 
ATOM   238  C CZ  . PHE A 1 33  ? -1.090  19.320  1.666   1.00 77.61  ? 189 PHE A CZ  1 
ATOM   239  N N   . ARG A 1 34  ? -4.821  19.023  7.814   1.00 98.85  ? 190 ARG A N   1 
ATOM   240  C CA  . ARG A 1 34  ? -5.786  19.580  8.751   1.00 108.62 ? 190 ARG A CA  1 
ATOM   241  C C   . ARG A 1 34  ? -5.627  21.091  8.627   1.00 106.50 ? 190 ARG A C   1 
ATOM   242  O O   . ARG A 1 34  ? -4.597  21.571  8.139   1.00 91.31  ? 190 ARG A O   1 
ATOM   243  C CB  . ARG A 1 34  ? -5.497  19.122  10.188  1.00 120.78 ? 190 ARG A CB  1 
ATOM   244  C CG  . ARG A 1 34  ? -6.033  17.729  10.560  1.00 128.62 ? 190 ARG A CG  1 
ATOM   245  C CD  . ARG A 1 34  ? -7.493  17.761  11.027  1.00 134.70 ? 190 ARG A CD  1 
ATOM   246  N NE  . ARG A 1 34  ? -7.686  18.536  12.262  1.00 141.20 ? 190 ARG A NE  1 
ATOM   247  C CZ  . ARG A 1 34  ? -7.774  18.031  13.498  1.00 143.92 ? 190 ARG A CZ  1 
ATOM   248  N NH1 . ARG A 1 34  ? -7.692  16.722  13.721  1.00 151.34 ? 190 ARG A NH1 1 
ATOM   249  N NH2 . ARG A 1 34  ? -7.951  18.851  14.531  1.00 139.94 ? 190 ARG A NH2 1 
ATOM   250  N N   . LYS A 1 35  ? -6.643  21.840  9.049   1.00 108.85 ? 191 LYS A N   1 
ATOM   251  C CA  . LYS A 1 35  ? -6.538  23.301  9.063   1.00 97.97  ? 191 LYS A CA  1 
ATOM   252  C C   . LYS A 1 35  ? -6.136  23.776  10.445  1.00 90.88  ? 191 LYS A C   1 
ATOM   253  O O   . LYS A 1 35  ? -6.389  23.099  11.443  1.00 85.87  ? 191 LYS A O   1 
ATOM   254  C CB  . LYS A 1 35  ? -7.812  24.007  8.566   1.00 96.18  ? 191 LYS A CB  1 
ATOM   255  C CG  . LYS A 1 35  ? -9.148  23.376  8.918   1.00 96.13  ? 191 LYS A CG  1 
ATOM   256  C CD  . LYS A 1 35  ? -10.273 24.169  8.257   1.00 93.25  ? 191 LYS A CD  1 
ATOM   257  C CE  . LYS A 1 35  ? -11.642 23.713  8.711   1.00 94.30  ? 191 LYS A CE  1 
ATOM   258  N NZ  . LYS A 1 35  ? -12.727 24.426  7.979   1.00 98.29  ? 191 LYS A NZ  1 
ATOM   259  N N   . LEU A 1 36  ? -5.489  24.935  10.487  1.00 87.03  ? 192 LEU A N   1 
ATOM   260  C CA  . LEU A 1 36  ? -5.015  25.515  11.741  1.00 91.17  ? 192 LEU A CA  1 
ATOM   261  C C   . LEU A 1 36  ? -6.171  25.690  12.725  1.00 96.54  ? 192 LEU A C   1 
ATOM   262  O O   . LEU A 1 36  ? -7.335  25.644  12.324  1.00 93.98  ? 192 LEU A O   1 
ATOM   263  C CB  . LEU A 1 36  ? -4.322  26.850  11.477  1.00 93.87  ? 192 LEU A CB  1 
ATOM   264  C CG  . LEU A 1 36  ? -2.847  26.758  11.084  1.00 100.80 ? 192 LEU A CG  1 
ATOM   265  C CD1 . LEU A 1 36  ? -2.005  26.298  12.266  1.00 98.04  ? 192 LEU A CD1 1 
ATOM   266  C CD2 . LEU A 1 36  ? -2.649  25.847  9.876   1.00 101.74 ? 192 LEU A CD2 1 
ATOM   267  N N   . PRO A 1 37  ? -5.856  25.886  14.018  1.00 103.81 ? 193 PRO A N   1 
ATOM   268  C CA  . PRO A 1 37  ? -6.897  25.869  15.040  1.00 102.99 ? 193 PRO A CA  1 
ATOM   269  C C   . PRO A 1 37  ? -8.133  26.683  14.666  1.00 106.62 ? 193 PRO A C   1 
ATOM   270  O O   . PRO A 1 37  ? -9.257  26.189  14.812  1.00 109.23 ? 193 PRO A O   1 
ATOM   271  C CB  . PRO A 1 37  ? -6.195  26.473  16.259  1.00 106.64 ? 193 PRO A CB  1 
ATOM   272  C CG  . PRO A 1 37  ? -4.773  26.120  16.078  1.00 105.55 ? 193 PRO A CG  1 
ATOM   273  C CD  . PRO A 1 37  ? -4.533  26.194  14.599  1.00 105.69 ? 193 PRO A CD  1 
ATOM   274  N N   . PHE A 1 38  ? -7.923  27.904  14.174  1.00 94.46  ? 194 PHE A N   1 
ATOM   275  C CA  . PHE A 1 38  ? -9.031  28.804  13.842  1.00 91.28  ? 194 PHE A CA  1 
ATOM   276  C C   . PHE A 1 38  ? -8.891  29.500  12.491  1.00 91.57  ? 194 PHE A C   1 
ATOM   277  O O   . PHE A 1 38  ? -9.596  30.471  12.228  1.00 92.50  ? 194 PHE A O   1 
ATOM   278  C CB  . PHE A 1 38  ? -9.166  29.866  14.933  1.00 88.11  ? 194 PHE A CB  1 
ATOM   279  C CG  . PHE A 1 38  ? -9.192  29.303  16.317  1.00 84.08  ? 194 PHE A CG  1 
ATOM   280  C CD1 . PHE A 1 38  ? -8.034  29.254  17.081  1.00 78.46  ? 194 PHE A CD1 1 
ATOM   281  C CD2 . PHE A 1 38  ? -10.376 28.803  16.854  1.00 82.45  ? 194 PHE A CD2 1 
ATOM   282  C CE1 . PHE A 1 38  ? -8.052  28.719  18.358  1.00 76.38  ? 194 PHE A CE1 1 
ATOM   283  C CE2 . PHE A 1 38  ? -10.407 28.275  18.131  1.00 78.07  ? 194 PHE A CE2 1 
ATOM   284  C CZ  . PHE A 1 38  ? -9.243  28.232  18.887  1.00 81.12  ? 194 PHE A CZ  1 
ATOM   285  N N   . SER A 1 39  ? -8.001  29.015  11.633  1.00 82.94  ? 195 SER A N   1 
ATOM   286  C CA  . SER A 1 39  ? -7.794  29.639  10.337  1.00 80.59  ? 195 SER A CA  1 
ATOM   287  C C   . SER A 1 39  ? -8.444  28.819  9.237   1.00 84.23  ? 195 SER A C   1 
ATOM   288  O O   . SER A 1 39  ? -9.053  27.780  9.500   1.00 78.62  ? 195 SER A O   1 
ATOM   289  C CB  . SER A 1 39  ? -6.303  29.814  10.058  1.00 81.03  ? 195 SER A CB  1 
ATOM   290  O OG  . SER A 1 39  ? -5.661  30.449  11.155  1.00 88.16  ? 195 SER A OG  1 
ATOM   291  N N   . LYS A 1 40  ? -8.336  29.322  8.010   1.00 89.00  ? 196 LYS A N   1 
ATOM   292  C CA  . LYS A 1 40  ? -8.725  28.577  6.821   1.00 90.47  ? 196 LYS A CA  1 
ATOM   293  C C   . LYS A 1 40  ? -7.512  27.873  6.229   1.00 95.15  ? 196 LYS A C   1 
ATOM   294  O O   . LYS A 1 40  ? -7.646  27.045  5.328   1.00 97.94  ? 196 LYS A O   1 
ATOM   295  C CB  . LYS A 1 40  ? -9.343  29.508  5.769   1.00 91.01  ? 196 LYS A CB  1 
ATOM   296  C CG  . LYS A 1 40  ? -8.370  30.474  5.064   1.00 85.23  ? 196 LYS A CG  1 
ATOM   297  C CD  . LYS A 1 40  ? -9.079  31.165  3.902   1.00 86.43  ? 196 LYS A CD  1 
ATOM   298  C CE  . LYS A 1 40  ? -8.245  32.279  3.283   1.00 88.14  ? 196 LYS A CE  1 
ATOM   299  N NZ  . LYS A 1 40  ? -9.010  32.975  2.200   1.00 78.57  ? 196 LYS A NZ  1 
ATOM   300  N N   . ARG A 1 41  ? -6.330  28.213  6.737   1.00 91.64  ? 197 ARG A N   1 
ATOM   301  C CA  . ARG A 1 41  ? -5.081  27.706  6.196   1.00 98.09  ? 197 ARG A CA  1 
ATOM   302  C C   . ARG A 1 41  ? -4.881  26.231  6.557   1.00 97.09  ? 197 ARG A C   1 
ATOM   303  O O   . ARG A 1 41  ? -5.073  25.822  7.709   1.00 88.45  ? 197 ARG A O   1 
ATOM   304  C CB  . ARG A 1 41  ? -3.912  28.537  6.719   1.00 107.14 ? 197 ARG A CB  1 
ATOM   305  C CG  . ARG A 1 41  ? -3.966  30.004  6.322   1.00 113.42 ? 197 ARG A CG  1 
ATOM   306  C CD  . ARG A 1 41  ? -3.135  30.858  7.263   1.00 122.15 ? 197 ARG A CD  1 
ATOM   307  N NE  . ARG A 1 41  ? -2.496  31.970  6.563   1.00 135.40 ? 197 ARG A NE  1 
ATOM   308  C CZ  . ARG A 1 41  ? -1.407  31.867  5.800   1.00 134.51 ? 197 ARG A CZ  1 
ATOM   309  N NH1 . ARG A 1 41  ? -0.808  30.691  5.616   1.00 134.20 ? 197 ARG A NH1 1 
ATOM   310  N NH2 . ARG A 1 41  ? -0.912  32.954  5.214   1.00 128.32 ? 197 ARG A NH2 1 
ATOM   311  N N   . GLU A 1 42  ? -4.494  25.439  5.561   1.00 92.37  ? 198 GLU A N   1 
ATOM   312  C CA  . GLU A 1 42  ? -4.307  24.006  5.740   1.00 92.24  ? 198 GLU A CA  1 
ATOM   313  C C   . GLU A 1 42  ? -2.823  23.640  5.741   1.00 91.59  ? 198 GLU A C   1 
ATOM   314  O O   . GLU A 1 42  ? -2.098  23.923  4.787   1.00 91.77  ? 198 GLU A O   1 
ATOM   315  C CB  . GLU A 1 42  ? -5.081  23.249  4.664   1.00 88.99  ? 198 GLU A CB  1 
ATOM   316  C CG  . GLU A 1 42  ? -6.587  23.370  4.858   1.00 91.16  ? 198 GLU A CG  1 
ATOM   317  C CD  . GLU A 1 42  ? -7.395  22.553  3.874   1.00 97.17  ? 198 GLU A CD  1 
ATOM   318  O OE1 . GLU A 1 42  ? -7.064  22.586  2.669   1.00 101.77 ? 198 GLU A OE1 1 
ATOM   319  O OE2 . GLU A 1 42  ? -8.373  21.892  4.305   1.00 100.24 ? 198 GLU A OE2 1 
ATOM   320  N N   . VAL A 1 43  ? -2.383  23.038  6.844   1.00 92.88  ? 199 VAL A N   1 
ATOM   321  C CA  . VAL A 1 43  ? -1.016  22.543  6.981   1.00 103.01 ? 199 VAL A CA  1 
ATOM   322  C C   . VAL A 1 43  ? -1.035  21.017  6.807   1.00 103.42 ? 199 VAL A C   1 
ATOM   323  O O   . VAL A 1 43  ? -1.989  20.360  7.238   1.00 95.86  ? 199 VAL A O   1 
ATOM   324  C CB  . VAL A 1 43  ? -0.407  22.946  8.355   1.00 102.43 ? 199 VAL A CB  1 
ATOM   325  C CG1 . VAL A 1 43  ? 0.793   22.078  8.720   1.00 99.85  ? 199 VAL A CG1 1 
ATOM   326  C CG2 . VAL A 1 43  ? -0.010  24.413  8.340   1.00 101.32 ? 199 VAL A CG2 1 
ATOM   327  N N   . PRO A 1 44  ? 0.002   20.448  6.152   1.00 105.98 ? 200 PRO A N   1 
ATOM   328  C CA  . PRO A 1 44  ? 0.027   18.993  5.989   1.00 98.40  ? 200 PRO A CA  1 
ATOM   329  C C   . PRO A 1 44  ? 0.435   18.284  7.276   1.00 89.65  ? 200 PRO A C   1 
ATOM   330  O O   . PRO A 1 44  ? 1.489   18.597  7.827   1.00 83.10  ? 200 PRO A O   1 
ATOM   331  C CB  . PRO A 1 44  ? 1.077   18.765  4.893   1.00 98.11  ? 200 PRO A CB  1 
ATOM   332  C CG  . PRO A 1 44  ? 1.756   20.076  4.661   1.00 100.30 ? 200 PRO A CG  1 
ATOM   333  C CD  . PRO A 1 44  ? 1.213   21.088  5.605   1.00 102.97 ? 200 PRO A CD  1 
ATOM   334  N N   . VAL A 1 45  ? -0.390  17.348  7.742   1.00 88.48  ? 201 VAL A N   1 
ATOM   335  C CA  . VAL A 1 45  ? -0.112  16.621  8.990   1.00 94.21  ? 201 VAL A CA  1 
ATOM   336  C C   . VAL A 1 45  ? 0.506   15.238  8.731   1.00 101.69 ? 201 VAL A C   1 
ATOM   337  O O   . VAL A 1 45  ? 1.695   15.032  8.981   1.00 110.05 ? 201 VAL A O   1 
ATOM   338  C CB  . VAL A 1 45  ? -1.371  16.499  9.908   1.00 91.30  ? 201 VAL A CB  1 
ATOM   339  C CG1 . VAL A 1 45  ? -2.619  16.102  9.118   1.00 91.06  ? 201 VAL A CG1 1 
ATOM   340  C CG2 . VAL A 1 45  ? -1.113  15.516  11.051  1.00 83.00  ? 201 VAL A CG2 1 
ATOM   341  N N   . ALA A 1 46  ? -0.299  14.306  8.222   1.00 105.11 ? 202 ALA A N   1 
ATOM   342  C CA  . ALA A 1 46  ? 0.119   12.916  8.030   1.00 100.70 ? 202 ALA A CA  1 
ATOM   343  C C   . ALA A 1 46  ? 0.545   12.659  6.589   1.00 103.62 ? 202 ALA A C   1 
ATOM   344  O O   . ALA A 1 46  ? 0.304   13.479  5.698   1.00 109.53 ? 202 ALA A O   1 
ATOM   345  C CB  . ALA A 1 46  ? -1.014  11.968  8.416   1.00 91.20  ? 202 ALA A CB  1 
ATOM   346  N N   . SER A 1 47  ? 1.186   11.514  6.377   1.00 95.88  ? 203 SER A N   1 
ATOM   347  C CA  . SER A 1 47  ? 1.579   11.064  5.046   1.00 85.91  ? 203 SER A CA  1 
ATOM   348  C C   . SER A 1 47  ? 1.410   9.548   4.964   1.00 81.73  ? 203 SER A C   1 
ATOM   349  O O   . SER A 1 47  ? 1.571   8.841   5.961   1.00 72.05  ? 203 SER A O   1 
ATOM   350  C CB  . SER A 1 47  ? 3.024   11.465  4.749   1.00 86.44  ? 203 SER A CB  1 
ATOM   351  O OG  . SER A 1 47  ? 3.463   10.941  3.507   1.00 93.71  ? 203 SER A OG  1 
ATOM   352  N N   . GLY A 1 48  ? 1.075   9.058   3.772   1.00 80.66  ? 204 GLY A N   1 
ATOM   353  C CA  . GLY A 1 48  ? 0.803   7.633   3.562   1.00 73.68  ? 204 GLY A CA  1 
ATOM   354  C C   . GLY A 1 48  ? 1.033   7.213   2.124   1.00 71.62  ? 204 GLY A C   1 
ATOM   355  O O   . GLY A 1 48  ? 1.678   7.931   1.346   1.00 59.80  ? 204 GLY A O   1 
ATOM   356  N N   . SER A 1 49  ? 0.498   6.048   1.765   1.00 71.11  ? 205 SER A N   1 
ATOM   357  C CA  . SER A 1 49  ? 0.732   5.488   0.441   1.00 70.42  ? 205 SER A CA  1 
ATOM   358  C C   . SER A 1 49  ? -0.467  4.725   -0.086  1.00 69.55  ? 205 SER A C   1 
ATOM   359  O O   . SER A 1 49  ? -1.351  4.334   0.669   1.00 68.90  ? 205 SER A O   1 
ATOM   360  C CB  . SER A 1 49  ? 1.967   4.587   0.474   1.00 73.45  ? 205 SER A CB  1 
ATOM   361  O OG  . SER A 1 49  ? 3.154   5.357   0.603   1.00 74.59  ? 205 SER A OG  1 
ATOM   362  N N   . GLY A 1 50  ? -0.496  4.538   -1.400  1.00 73.93  ? 206 GLY A N   1 
ATOM   363  C CA  . GLY A 1 50  ? -1.558  3.775   -2.050  1.00 70.75  ? 206 GLY A CA  1 
ATOM   364  C C   . GLY A 1 50  ? -1.233  3.405   -3.486  1.00 65.29  ? 206 GLY A C   1 
ATOM   365  O O   . GLY A 1 50  ? -0.276  3.920   -4.077  1.00 58.70  ? 206 GLY A O   1 
ATOM   366  N N   . PHE A 1 51  ? -2.036  2.501   -4.040  1.00 62.02  ? 207 PHE A N   1 
ATOM   367  C CA  . PHE A 1 51  ? -1.905  2.092   -5.436  1.00 62.53  ? 207 PHE A CA  1 
ATOM   368  C C   . PHE A 1 51  ? -3.226  2.209   -6.188  1.00 68.55  ? 207 PHE A C   1 
ATOM   369  O O   . PHE A 1 51  ? -4.311  2.057   -5.611  1.00 67.88  ? 207 PHE A O   1 
ATOM   370  C CB  . PHE A 1 51  ? -1.383  0.660   -5.544  1.00 58.72  ? 207 PHE A CB  1 
ATOM   371  C CG  . PHE A 1 51  ? -2.198  -0.343  -4.790  1.00 50.47  ? 207 PHE A CG  1 
ATOM   372  C CD1 . PHE A 1 51  ? -2.024  -0.508  -3.429  1.00 55.08  ? 207 PHE A CD1 1 
ATOM   373  C CD2 . PHE A 1 51  ? -3.118  -1.131  -5.434  1.00 56.43  ? 207 PHE A CD2 1 
ATOM   374  C CE1 . PHE A 1 51  ? -2.766  -1.439  -2.714  1.00 50.66  ? 207 PHE A CE1 1 
ATOM   375  C CE2 . PHE A 1 51  ? -3.866  -2.073  -4.720  1.00 59.50  ? 207 PHE A CE2 1 
ATOM   376  C CZ  . PHE A 1 51  ? -3.685  -2.219  -3.357  1.00 52.46  ? 207 PHE A CZ  1 
ATOM   377  N N   . ILE A 1 52  ? -3.109  2.470   -7.486  1.00 74.90  ? 208 ILE A N   1 
ATOM   378  C CA  . ILE A 1 52  ? -4.254  2.608   -8.382  1.00 72.99  ? 208 ILE A CA  1 
ATOM   379  C C   . ILE A 1 52  ? -4.810  1.235   -8.742  1.00 74.68  ? 208 ILE A C   1 
ATOM   380  O O   . ILE A 1 52  ? -4.063  0.317   -9.078  1.00 83.58  ? 208 ILE A O   1 
ATOM   381  C CB  . ILE A 1 52  ? -3.850  3.352   -9.666  1.00 67.67  ? 208 ILE A CB  1 
ATOM   382  C CG1 . ILE A 1 52  ? -3.350  4.759   -9.332  1.00 66.66  ? 208 ILE A CG1 1 
ATOM   383  C CG2 . ILE A 1 52  ? -5.019  3.428   -10.618 1.00 75.90  ? 208 ILE A CG2 1 
ATOM   384  C CD1 . ILE A 1 52  ? -2.189  5.223   -10.175 1.00 72.92  ? 208 ILE A CD1 1 
ATOM   385  N N   . VAL A 1 53  ? -6.128  1.104   -8.679  1.00 77.92  ? 209 VAL A N   1 
ATOM   386  C CA  . VAL A 1 53  ? -6.781  -0.179  -8.894  1.00 77.20  ? 209 VAL A CA  1 
ATOM   387  C C   . VAL A 1 53  ? -7.882  -0.099  -9.975  1.00 89.38  ? 209 VAL A C   1 
ATOM   388  O O   . VAL A 1 53  ? -8.710  -1.006  -10.101 1.00 96.41  ? 209 VAL A O   1 
ATOM   389  C CB  . VAL A 1 53  ? -7.340  -0.674  -7.558  1.00 71.76  ? 209 VAL A CB  1 
ATOM   390  C CG1 . VAL A 1 53  ? -8.554  0.142   -7.158  1.00 76.24  ? 209 VAL A CG1 1 
ATOM   391  C CG2 . VAL A 1 53  ? -7.653  -2.139  -7.618  1.00 78.03  ? 209 VAL A CG2 1 
ATOM   392  N N   . SER A 1 54  ? -7.872  0.980   -10.764 1.00 94.39  ? 210 SER A N   1 
ATOM   393  C CA  . SER A 1 54  ? -8.862  1.202   -11.825 1.00 95.62  ? 210 SER A CA  1 
ATOM   394  C C   . SER A 1 54  ? -8.380  2.321   -12.743 1.00 96.74  ? 210 SER A C   1 
ATOM   395  O O   . SER A 1 54  ? -7.793  3.294   -12.275 1.00 98.72  ? 210 SER A O   1 
ATOM   396  C CB  . SER A 1 54  ? -10.222 1.586   -11.239 1.00 95.89  ? 210 SER A CB  1 
ATOM   397  O OG  . SER A 1 54  ? -10.291 2.985   -11.010 1.00 95.57  ? 210 SER A OG  1 
ATOM   398  N N   . GLU A 1 55  ? -8.656  2.191   -14.037 1.00 100.23 ? 211 GLU A N   1 
ATOM   399  C CA  . GLU A 1 55  ? -8.113  3.108   -15.051 1.00 106.60 ? 211 GLU A CA  1 
ATOM   400  C C   . GLU A 1 55  ? -8.590  4.547   -14.896 1.00 102.30 ? 211 GLU A C   1 
ATOM   401  O O   . GLU A 1 55  ? -7.891  5.476   -15.313 1.00 98.90  ? 211 GLU A O   1 
ATOM   402  C CB  . GLU A 1 55  ? -8.474  2.629   -16.457 1.00 119.21 ? 211 GLU A CB  1 
ATOM   403  C CG  . GLU A 1 55  ? -7.829  1.317   -16.859 1.00 125.42 ? 211 GLU A CG  1 
ATOM   404  C CD  . GLU A 1 55  ? -8.381  0.787   -18.168 1.00 134.55 ? 211 GLU A CD  1 
ATOM   405  O OE1 . GLU A 1 55  ? -9.622  0.672   -18.291 1.00 126.52 ? 211 GLU A OE1 1 
ATOM   406  O OE2 . GLU A 1 55  ? -7.571  0.483   -19.068 1.00 142.14 ? 211 GLU A OE2 1 
ATOM   407  N N   . ASP A 1 56  ? -9.780  4.726   -14.324 1.00 98.07  ? 212 ASP A N   1 
ATOM   408  C CA  . ASP A 1 56  ? -10.331 6.066   -14.103 1.00 100.60 ? 212 ASP A CA  1 
ATOM   409  C C   . ASP A 1 56  ? -9.665  6.762   -12.903 1.00 105.84 ? 212 ASP A C   1 
ATOM   410  O O   . ASP A 1 56  ? -9.170  7.882   -13.052 1.00 113.27 ? 212 ASP A O   1 
ATOM   411  C CB  . ASP A 1 56  ? -11.870 6.061   -13.989 1.00 98.67  ? 212 ASP A CB  1 
ATOM   412  C CG  . ASP A 1 56  ? -12.410 4.926   -13.133 1.00 97.89  ? 212 ASP A CG  1 
ATOM   413  O OD1 . ASP A 1 56  ? -12.869 5.203   -12.007 1.00 96.40  ? 212 ASP A OD1 1 
ATOM   414  O OD2 . ASP A 1 56  ? -12.387 3.762   -13.590 1.00 100.40 ? 212 ASP A OD2 1 
ATOM   415  N N   . GLY A 1 57  ? -9.639  6.111   -11.734 1.00 103.81 ? 213 GLY A N   1 
ATOM   416  C CA  . GLY A 1 57  ? -8.880  6.639   -10.582 1.00 90.60  ? 213 GLY A CA  1 
ATOM   417  C C   . GLY A 1 57  ? -9.147  6.111   -9.174  1.00 83.76  ? 213 GLY A C   1 
ATOM   418  O O   . GLY A 1 57  ? -8.910  6.826   -8.201  1.00 74.73  ? 213 GLY A O   1 
ATOM   419  N N   . LEU A 1 58  ? -9.617  4.874   -9.041  1.00 82.00  ? 214 LEU A N   1 
ATOM   420  C CA  . LEU A 1 58  ? -9.824  4.281   -7.713  1.00 85.69  ? 214 LEU A CA  1 
ATOM   421  C C   . LEU A 1 58  ? -8.491  3.872   -7.095  1.00 89.14  ? 214 LEU A C   1 
ATOM   422  O O   . LEU A 1 58  ? -7.660  3.247   -7.761  1.00 100.90 ? 214 LEU A O   1 
ATOM   423  C CB  . LEU A 1 58  ? -10.731 3.061   -7.805  1.00 88.95  ? 214 LEU A CB  1 
ATOM   424  C CG  . LEU A 1 58  ? -12.148 3.366   -8.284  1.00 91.58  ? 214 LEU A CG  1 
ATOM   425  C CD1 . LEU A 1 58  ? -12.878 2.091   -8.680  1.00 88.58  ? 214 LEU A CD1 1 
ATOM   426  C CD2 . LEU A 1 58  ? -12.895 4.120   -7.198  1.00 93.52  ? 214 LEU A CD2 1 
ATOM   427  N N   . ILE A 1 59  ? -8.299  4.221   -5.824  1.00 77.48  ? 215 ILE A N   1 
ATOM   428  C CA  . ILE A 1 59  ? -7.044  3.970   -5.121  1.00 68.96  ? 215 ILE A CA  1 
ATOM   429  C C   . ILE A 1 59  ? -7.283  3.241   -3.809  1.00 75.53  ? 215 ILE A C   1 
ATOM   430  O O   . ILE A 1 59  ? -8.101  3.671   -2.993  1.00 74.60  ? 215 ILE A O   1 
ATOM   431  C CB  . ILE A 1 59  ? -6.333  5.277   -4.763  1.00 67.44  ? 215 ILE A CB  1 
ATOM   432  C CG1 . ILE A 1 59  ? -6.128  6.150   -5.999  1.00 67.92  ? 215 ILE A CG1 1 
ATOM   433  C CG2 . ILE A 1 59  ? -5.008  4.995   -4.069  1.00 73.95  ? 215 ILE A CG2 1 
ATOM   434  C CD1 . ILE A 1 59  ? -5.479  5.451   -7.131  1.00 65.63  ? 215 ILE A CD1 1 
ATOM   435  N N   . VAL A 1 60  ? -6.561  2.149   -3.588  1.00 72.78  ? 216 VAL A N   1 
ATOM   436  C CA  . VAL A 1 60  ? -6.597  1.506   -2.287  1.00 68.39  ? 216 VAL A CA  1 
ATOM   437  C C   . VAL A 1 60  ? -5.515  2.113   -1.402  1.00 72.00  ? 216 VAL A C   1 
ATOM   438  O O   . VAL A 1 60  ? -4.429  2.460   -1.882  1.00 66.75  ? 216 VAL A O   1 
ATOM   439  C CB  . VAL A 1 60  ? -6.388  0.015   -2.376  1.00 62.81  ? 216 VAL A CB  1 
ATOM   440  C CG1 . VAL A 1 60  ? -6.583  -0.602  -1.026  1.00 66.85  ? 216 VAL A CG1 1 
ATOM   441  C CG2 . VAL A 1 60  ? -7.361  -0.586  -3.350  1.00 76.61  ? 216 VAL A CG2 1 
ATOM   442  N N   . THR A 1 61  ? -5.850  2.266   -0.122  1.00 66.04  ? 217 THR A N   1 
ATOM   443  C CA  . THR A 1 61  ? -4.913  2.686   0.910   1.00 68.06  ? 217 THR A CA  1 
ATOM   444  C C   . THR A 1 61  ? -5.406  2.099   2.229   1.00 68.48  ? 217 THR A C   1 
ATOM   445  O O   . THR A 1 61  ? -6.273  1.220   2.223   1.00 72.06  ? 217 THR A O   1 
ATOM   446  C CB  . THR A 1 61  ? -4.823  4.218   1.012   1.00 74.36  ? 217 THR A CB  1 
ATOM   447  O OG1 . THR A 1 61  ? -3.714  4.578   1.841   1.00 77.72  ? 217 THR A OG1 1 
ATOM   448  C CG2 . THR A 1 61  ? -6.102  4.801   1.607   1.00 75.66  ? 217 THR A CG2 1 
ATOM   449  N N   . ASN A 1 62  ? -4.852  2.557   3.352   1.00 67.79  ? 218 ASN A N   1 
ATOM   450  C CA  . ASN A 1 62  ? -5.332  2.127   4.665   1.00 71.06  ? 218 ASN A CA  1 
ATOM   451  C C   . ASN A 1 62  ? -6.398  3.086   5.157   1.00 70.39  ? 218 ASN A C   1 
ATOM   452  O O   . ASN A 1 62  ? -6.394  4.268   4.800   1.00 66.67  ? 218 ASN A O   1 
ATOM   453  C CB  . ASN A 1 62  ? -4.204  2.093   5.713   1.00 78.43  ? 218 ASN A CB  1 
ATOM   454  C CG  . ASN A 1 62  ? -3.386  0.811   5.686   1.00 79.19  ? 218 ASN A CG  1 
ATOM   455  O OD1 . ASN A 1 62  ? -2.160  0.860   5.575   1.00 85.42  ? 218 ASN A OD1 1 
ATOM   456  N ND2 . ASN A 1 62  ? -4.046  -0.331  5.831   1.00 74.92  ? 218 ASN A ND2 1 
ATOM   457  N N   . ALA A 1 63  ? -7.299  2.572   5.989   1.00 72.24  ? 219 ALA A N   1 
ATOM   458  C CA  . ALA A 1 63  ? -8.225  3.411   6.741   1.00 74.39  ? 219 ALA A CA  1 
ATOM   459  C C   . ALA A 1 63  ? -7.439  4.474   7.491   1.00 72.15  ? 219 ALA A C   1 
ATOM   460  O O   . ALA A 1 63  ? -7.541  5.655   7.180   1.00 75.90  ? 219 ALA A O   1 
ATOM   461  C CB  . ALA A 1 63  ? -9.026  2.571   7.719   1.00 77.03  ? 219 ALA A CB  1 
ATOM   462  N N   . HIS A 1 64  ? -6.612  4.037   8.438   1.00 71.81  ? 220 HIS A N   1 
ATOM   463  C CA  . HIS A 1 64  ? -5.884  4.950   9.330   1.00 72.10  ? 220 HIS A CA  1 
ATOM   464  C C   . HIS A 1 64  ? -5.120  6.065   8.618   1.00 68.81  ? 220 HIS A C   1 
ATOM   465  O O   . HIS A 1 64  ? -4.735  7.040   9.255   1.00 73.32  ? 220 HIS A O   1 
ATOM   466  C CB  . HIS A 1 64  ? -4.946  4.180   10.289  1.00 74.15  ? 220 HIS A CB  1 
ATOM   467  C CG  . HIS A 1 64  ? -3.766  3.534   9.623   1.00 80.37  ? 220 HIS A CG  1 
ATOM   468  N ND1 . HIS A 1 64  ? -3.715  2.187   9.336   1.00 76.49  ? 220 HIS A ND1 1 
ATOM   469  C CD2 . HIS A 1 64  ? -2.580  4.047   9.213   1.00 84.69  ? 220 HIS A CD2 1 
ATOM   470  C CE1 . HIS A 1 64  ? -2.559  1.902   8.767   1.00 75.94  ? 220 HIS A CE1 1 
ATOM   471  N NE2 . HIS A 1 64  ? -1.851  3.013   8.680   1.00 73.15  ? 220 HIS A NE2 1 
ATOM   472  N N   . VAL A 1 65  ? -4.894  5.927   7.315   1.00 69.40  ? 221 VAL A N   1 
ATOM   473  C CA  . VAL A 1 65  ? -4.196  6.957   6.550   1.00 71.07  ? 221 VAL A CA  1 
ATOM   474  C C   . VAL A 1 65  ? -5.094  8.136   6.208   1.00 80.39  ? 221 VAL A C   1 
ATOM   475  O O   . VAL A 1 65  ? -4.625  9.270   6.177   1.00 88.72  ? 221 VAL A O   1 
ATOM   476  C CB  . VAL A 1 65  ? -3.606  6.395   5.251   1.00 64.32  ? 221 VAL A CB  1 
ATOM   477  C CG1 . VAL A 1 65  ? -2.952  7.505   4.422   1.00 58.70  ? 221 VAL A CG1 1 
ATOM   478  C CG2 . VAL A 1 65  ? -2.601  5.316   5.572   1.00 68.82  ? 221 VAL A CG2 1 
ATOM   479  N N   . VAL A 1 66  ? -6.373  7.872   5.946   1.00 84.48  ? 222 VAL A N   1 
ATOM   480  C CA  . VAL A 1 66  ? -7.309  8.923   5.509   1.00 87.05  ? 222 VAL A CA  1 
ATOM   481  C C   . VAL A 1 66  ? -8.422  9.235   6.517   1.00 95.51  ? 222 VAL A C   1 
ATOM   482  O O   . VAL A 1 66  ? -8.826  10.391  6.637   1.00 100.90 ? 222 VAL A O   1 
ATOM   483  C CB  . VAL A 1 66  ? -7.960  8.571   4.159   1.00 86.97  ? 222 VAL A CB  1 
ATOM   484  C CG1 . VAL A 1 66  ? -6.998  8.858   3.008   1.00 81.29  ? 222 VAL A CG1 1 
ATOM   485  C CG2 . VAL A 1 66  ? -8.420  7.113   4.149   1.00 86.21  ? 222 VAL A CG2 1 
ATOM   486  N N   . THR A 1 67  ? -8.900  8.221   7.241   1.00 99.58  ? 223 THR A N   1 
ATOM   487  C CA  . THR A 1 67  ? -10.054 8.366   8.137   1.00 103.62 ? 223 THR A CA  1 
ATOM   488  C C   . THR A 1 67  ? -10.053 9.692   8.886   1.00 117.05 ? 223 THR A C   1 
ATOM   489  O O   . THR A 1 67  ? -9.280  9.887   9.825   1.00 125.55 ? 223 THR A O   1 
ATOM   490  C CB  . THR A 1 67  ? -10.155 7.222   9.189   1.00 108.27 ? 223 THR A CB  1 
ATOM   491  O OG1 . THR A 1 67  ? -8.966  7.175   9.988   1.00 108.42 ? 223 THR A OG1 1 
ATOM   492  C CG2 . THR A 1 67  ? -10.375 5.879   8.516   1.00 107.30 ? 223 THR A CG2 1 
ATOM   493  N N   . ASN A 1 68  ? -10.917 10.601  8.440   1.00 127.78 ? 224 ASN A N   1 
ATOM   494  C CA  . ASN A 1 68  ? -11.181 11.866  9.127   1.00 127.89 ? 224 ASN A CA  1 
ATOM   495  C C   . ASN A 1 68  ? -9.984  12.823  9.154   1.00 128.83 ? 224 ASN A C   1 
ATOM   496  O O   . ASN A 1 68  ? -9.410  13.112  10.208  1.00 112.41 ? 224 ASN A O   1 
ATOM   497  C CB  . ASN A 1 68  ? -11.735 11.612  10.538  1.00 127.98 ? 224 ASN A CB  1 
ATOM   498  C CG  . ASN A 1 68  ? -12.951 10.686  10.536  1.00 131.01 ? 224 ASN A CG  1 
ATOM   499  O OD1 . ASN A 1 68  ? -13.308 10.118  11.569  1.00 137.18 ? 224 ASN A OD1 1 
ATOM   500  N ND2 . ASN A 1 68  ? -13.589 10.529  9.377   1.00 123.70 ? 224 ASN A ND2 1 
ATOM   501  N N   . LYS A 1 69  ? -9.613  13.279  7.960   1.00 131.33 ? 225 LYS A N   1 
ATOM   502  C CA  . LYS A 1 69  ? -8.751  14.440  7.770   1.00 127.47 ? 225 LYS A CA  1 
ATOM   503  C C   . LYS A 1 69  ? -9.558  15.432  6.938   1.00 123.91 ? 225 LYS A C   1 
ATOM   504  O O   . LYS A 1 69  ? -10.518 15.039  6.269   1.00 109.62 ? 225 LYS A O   1 
ATOM   505  C CB  . LYS A 1 69  ? -7.439  14.068  7.078   1.00 20.00  ? 225 LYS A CB  1 
ATOM   506  N N   . HIS A 1 70  ? -9.187  16.710  6.983   1.00 131.23 ? 226 HIS A N   1 
ATOM   507  C CA  . HIS A 1 70  ? -9.965  17.751  6.289   1.00 146.32 ? 226 HIS A CA  1 
ATOM   508  C C   . HIS A 1 70  ? -9.842  17.683  4.759   1.00 148.10 ? 226 HIS A C   1 
ATOM   509  O O   . HIS A 1 70  ? -10.719 18.175  4.043   1.00 164.92 ? 226 HIS A O   1 
ATOM   510  C CB  . HIS A 1 70  ? -9.618  19.165  6.800   1.00 144.51 ? 226 HIS A CB  1 
ATOM   511  C CG  . HIS A 1 70  ? -10.403 19.581  8.010   1.00 139.24 ? 226 HIS A CG  1 
ATOM   512  N ND1 . HIS A 1 70  ? -11.779 19.670  8.009   1.00 134.14 ? 226 HIS A ND1 1 
ATOM   513  C CD2 . HIS A 1 70  ? -10.005 19.937  9.254   1.00 130.36 ? 226 HIS A CD2 1 
ATOM   514  C CE1 . HIS A 1 70  ? -12.195 20.053  9.202   1.00 130.72 ? 226 HIS A CE1 1 
ATOM   515  N NE2 . HIS A 1 70  ? -11.138 20.226  9.976   1.00 128.03 ? 226 HIS A NE2 1 
ATOM   516  N N   . ARG A 1 71  ? -8.767  17.075  4.262   1.00 135.56 ? 227 ARG A N   1 
ATOM   517  C CA  . ARG A 1 71  ? -8.588  16.915  2.820   1.00 127.69 ? 227 ARG A CA  1 
ATOM   518  C C   . ARG A 1 71  ? -7.464  15.922  2.541   1.00 116.06 ? 227 ARG A C   1 
ATOM   519  O O   . ARG A 1 71  ? -6.531  15.795  3.340   1.00 109.92 ? 227 ARG A O   1 
ATOM   520  C CB  . ARG A 1 71  ? -8.269  18.268  2.169   1.00 131.25 ? 227 ARG A CB  1 
ATOM   521  C CG  . ARG A 1 71  ? -9.270  18.704  1.102   1.00 137.98 ? 227 ARG A CG  1 
ATOM   522  C CD  . ARG A 1 71  ? -9.134  20.192  0.791   1.00 139.77 ? 227 ARG A CD  1 
ATOM   523  N NE  . ARG A 1 71  ? -10.359 20.755  0.223   1.00 145.04 ? 227 ARG A NE  1 
ATOM   524  C CZ  . ARG A 1 71  ? -10.568 22.054  0.006   1.00 149.15 ? 227 ARG A CZ  1 
ATOM   525  N NH1 . ARG A 1 71  ? -9.632  22.953  0.305   1.00 147.99 ? 227 ARG A NH1 1 
ATOM   526  N NH2 . ARG A 1 71  ? -11.723 22.463  -0.514  1.00 142.38 ? 227 ARG A NH2 1 
ATOM   527  N N   . VAL A 1 72  ? -7.569  15.215  1.414   1.00 99.14  ? 228 VAL A N   1 
ATOM   528  C CA  . VAL A 1 72  ? -6.527  14.288  0.971   1.00 85.10  ? 228 VAL A CA  1 
ATOM   529  C C   . VAL A 1 72  ? -6.118  14.627  -0.451  1.00 77.52  ? 228 VAL A C   1 
ATOM   530  O O   . VAL A 1 72  ? -6.960  14.764  -1.332  1.00 87.59  ? 228 VAL A O   1 
ATOM   531  C CB  . VAL A 1 72  ? -6.982  12.801  1.036   1.00 81.38  ? 228 VAL A CB  1 
ATOM   532  C CG1 . VAL A 1 72  ? -7.949  12.562  2.202   1.00 75.31  ? 228 VAL A CG1 1 
ATOM   533  C CG2 . VAL A 1 72  ? -7.613  12.367  -0.266  1.00 85.16  ? 228 VAL A CG2 1 
ATOM   534  N N   . LYS A 1 73  ? -4.823  14.783  -0.674  1.00 83.54  ? 229 LYS A N   1 
ATOM   535  C CA  . LYS A 1 73  ? -4.305  14.966  -2.024  1.00 87.12  ? 229 LYS A CA  1 
ATOM   536  C C   . LYS A 1 73  ? -3.597  13.679  -2.458  1.00 86.47  ? 229 LYS A C   1 
ATOM   537  O O   . LYS A 1 73  ? -3.503  12.727  -1.676  1.00 82.37  ? 229 LYS A O   1 
ATOM   538  C CB  . LYS A 1 73  ? -3.377  16.177  -2.071  1.00 92.80  ? 229 LYS A CB  1 
ATOM   539  C CG  . LYS A 1 73  ? -4.052  17.476  -1.618  1.00 99.78  ? 229 LYS A CG  1 
ATOM   540  C CD  . LYS A 1 73  ? -3.208  18.716  -1.935  1.00 107.63 ? 229 LYS A CD  1 
ATOM   541  C CE  . LYS A 1 73  ? -3.984  20.013  -1.698  1.00 106.92 ? 229 LYS A CE  1 
ATOM   542  N NZ  . LYS A 1 73  ? -3.214  21.226  -2.111  1.00 101.56 ? 229 LYS A NZ  1 
ATOM   543  N N   . VAL A 1 74  ? -3.131  13.640  -3.706  1.00 78.84  ? 230 VAL A N   1 
ATOM   544  C CA  . VAL A 1 74  ? -2.454  12.464  -4.246  1.00 67.57  ? 230 VAL A CA  1 
ATOM   545  C C   . VAL A 1 74  ? -1.351  12.861  -5.219  1.00 76.26  ? 230 VAL A C   1 
ATOM   546  O O   . VAL A 1 74  ? -1.621  13.504  -6.229  1.00 74.34  ? 230 VAL A O   1 
ATOM   547  C CB  . VAL A 1 74  ? -3.431  11.544  -4.977  1.00 63.36  ? 230 VAL A CB  1 
ATOM   548  C CG1 . VAL A 1 74  ? -2.675  10.561  -5.858  1.00 64.92  ? 230 VAL A CG1 1 
ATOM   549  C CG2 . VAL A 1 74  ? -4.326  10.805  -3.983  1.00 61.10  ? 230 VAL A CG2 1 
ATOM   550  N N   . GLU A 1 75  ? -0.114  12.470  -4.910  1.00 81.68  ? 231 GLU A N   1 
ATOM   551  C CA  . GLU A 1 75  ? 1.033   12.705  -5.792  1.00 82.86  ? 231 GLU A CA  1 
ATOM   552  C C   . GLU A 1 75  ? 1.318   11.446  -6.618  1.00 81.64  ? 231 GLU A C   1 
ATOM   553  O O   . GLU A 1 75  ? 1.643   10.397  -6.061  1.00 92.09  ? 231 GLU A O   1 
ATOM   554  C CB  . GLU A 1 75  ? 2.266   13.098  -4.962  1.00 86.15  ? 231 GLU A CB  1 
ATOM   555  C CG  . GLU A 1 75  ? 3.457   13.659  -5.765  1.00 86.80  ? 231 GLU A CG  1 
ATOM   556  C CD  . GLU A 1 75  ? 4.731   13.796  -4.926  1.00 91.05  ? 231 GLU A CD  1 
ATOM   557  O OE1 . GLU A 1 75  ? 4.631   13.975  -3.694  1.00 90.84  ? 231 GLU A OE1 1 
ATOM   558  O OE2 . GLU A 1 75  ? 5.839   13.719  -5.500  1.00 100.37 ? 231 GLU A OE2 1 
ATOM   559  N N   . LEU A 1 76  ? 1.186   11.544  -7.938  1.00 74.65  ? 232 LEU A N   1 
ATOM   560  C CA  . LEU A 1 76  ? 1.533   10.433  -8.824  1.00 74.16  ? 232 LEU A CA  1 
ATOM   561  C C   . LEU A 1 76  ? 3.042   10.393  -9.002  1.00 70.73  ? 232 LEU A C   1 
ATOM   562  O O   . LEU A 1 76  ? 3.711   11.391  -8.767  1.00 71.20  ? 232 LEU A O   1 
ATOM   563  C CB  . LEU A 1 76  ? 0.857   10.586  -10.189 1.00 78.49  ? 232 LEU A CB  1 
ATOM   564  C CG  . LEU A 1 76  ? -0.671  10.715  -10.227 1.00 78.60  ? 232 LEU A CG  1 
ATOM   565  C CD1 . LEU A 1 76  ? -1.156  10.341  -11.613 1.00 74.55  ? 232 LEU A CD1 1 
ATOM   566  C CD2 . LEU A 1 76  ? -1.376  9.864   -9.160  1.00 75.13  ? 232 LEU A CD2 1 
ATOM   567  N N   . LYS A 1 77  ? 3.578   9.254   -9.440  1.00 70.21  ? 233 LYS A N   1 
ATOM   568  C CA  . LYS A 1 77  ? 5.030   9.106   -9.506  1.00 79.60  ? 233 LYS A CA  1 
ATOM   569  C C   . LYS A 1 77  ? 5.670   10.237  -10.334 1.00 85.73  ? 233 LYS A C   1 
ATOM   570  O O   . LYS A 1 77  ? 6.520   10.970  -9.826  1.00 82.67  ? 233 LYS A O   1 
ATOM   571  C CB  . LYS A 1 77  ? 5.463   7.685   -9.965  1.00 82.65  ? 233 LYS A CB  1 
ATOM   572  C CG  . LYS A 1 77  ? 6.035   7.525   -11.391 1.00 84.46  ? 233 LYS A CG  1 
ATOM   573  C CD  . LYS A 1 77  ? 7.322   6.681   -11.420 1.00 80.72  ? 233 LYS A CD  1 
ATOM   574  C CE  . LYS A 1 77  ? 7.828   6.487   -12.860 1.00 77.33  ? 233 LYS A CE  1 
ATOM   575  N NZ  . LYS A 1 77  ? 9.310   6.406   -12.961 1.00 63.03  ? 233 LYS A NZ  1 
ATOM   576  N N   . ASN A 1 78  ? 5.234   10.394  -11.582 1.00 94.62  ? 234 ASN A N   1 
ATOM   577  C CA  . ASN A 1 78  ? 5.771   11.433  -12.470 1.00 105.99 ? 234 ASN A CA  1 
ATOM   578  C C   . ASN A 1 78  ? 4.865   12.667  -12.455 1.00 111.63 ? 234 ASN A C   1 
ATOM   579  O O   . ASN A 1 78  ? 5.330   13.791  -12.653 1.00 105.18 ? 234 ASN A O   1 
ATOM   580  C CB  . ASN A 1 78  ? 5.946   10.902  -13.912 1.00 112.82 ? 234 ASN A CB  1 
ATOM   581  C CG  . ASN A 1 78  ? 7.300   10.189  -14.147 1.00 111.66 ? 234 ASN A CG  1 
ATOM   582  O OD1 . ASN A 1 78  ? 7.993   9.782   -13.209 1.00 107.09 ? 234 ASN A OD1 1 
ATOM   583  N ND2 . ASN A 1 78  ? 7.666   10.038  -15.419 1.00 100.17 ? 234 ASN A ND2 1 
ATOM   584  N N   . GLY A 1 79  ? 3.574   12.454  -12.203 1.00 114.41 ? 235 GLY A N   1 
ATOM   585  C CA  . GLY A 1 79  ? 2.607   13.543  -12.165 1.00 120.10 ? 235 GLY A CA  1 
ATOM   586  C C   . GLY A 1 79  ? 2.725   14.451  -10.948 1.00 124.31 ? 235 GLY A C   1 
ATOM   587  O O   . GLY A 1 79  ? 3.622   14.293  -10.113 1.00 110.73 ? 235 GLY A O   1 
ATOM   588  N N   . ALA A 1 80  ? 1.806   15.412  -10.869 1.00 123.82 ? 236 ALA A N   1 
ATOM   589  C CA  . ALA A 1 80  ? 1.718   16.339  -9.745  1.00 117.14 ? 236 ALA A CA  1 
ATOM   590  C C   . ALA A 1 80  ? 0.582   15.894  -8.825  1.00 107.73 ? 236 ALA A C   1 
ATOM   591  O O   . ALA A 1 80  ? 0.284   14.701  -8.737  1.00 91.54  ? 236 ALA A O   1 
ATOM   592  C CB  . ALA A 1 80  ? 1.487   17.769  -10.249 1.00 116.36 ? 236 ALA A CB  1 
ATOM   593  N N   . THR A 1 81  ? -0.052  16.856  -8.158  1.00 103.34 ? 237 THR A N   1 
ATOM   594  C CA  . THR A 1 81  ? -1.037  16.568  -7.121  1.00 97.04  ? 237 THR A CA  1 
ATOM   595  C C   . THR A 1 81  ? -2.447  16.491  -7.687  1.00 88.40  ? 237 THR A C   1 
ATOM   596  O O   . THR A 1 81  ? -2.707  16.981  -8.781  1.00 92.99  ? 237 THR A O   1 
ATOM   597  C CB  . THR A 1 81  ? -1.003  17.642  -6.030  1.00 104.47 ? 237 THR A CB  1 
ATOM   598  O OG1 . THR A 1 81  ? 0.344   18.093  -5.849  1.00 113.82 ? 237 THR A OG1 1 
ATOM   599  C CG2 . THR A 1 81  ? -1.522  17.087  -4.720  1.00 106.60 ? 237 THR A CG2 1 
ATOM   600  N N   . TYR A 1 82  ? -3.345  15.861  -6.930  1.00 80.89  ? 238 TYR A N   1 
ATOM   601  C CA  . TYR A 1 82  ? -4.722  15.640  -7.350  1.00 83.13  ? 238 TYR A CA  1 
ATOM   602  C C   . TYR A 1 82  ? -5.639  15.530  -6.139  1.00 88.84  ? 238 TYR A C   1 
ATOM   603  O O   . TYR A 1 82  ? -5.537  14.578  -5.368  1.00 91.14  ? 238 TYR A O   1 
ATOM   604  C CB  . TYR A 1 82  ? -4.836  14.350  -8.170  1.00 89.31  ? 238 TYR A CB  1 
ATOM   605  C CG  . TYR A 1 82  ? -4.304  14.462  -9.579  1.00 96.06  ? 238 TYR A CG  1 
ATOM   606  C CD1 . TYR A 1 82  ? -2.953  14.261  -9.855  1.00 100.26 ? 238 TYR A CD1 1 
ATOM   607  C CD2 . TYR A 1 82  ? -5.154  14.762  -10.638 1.00 100.02 ? 238 TYR A CD2 1 
ATOM   608  C CE1 . TYR A 1 82  ? -2.459  14.371  -11.149 1.00 101.66 ? 238 TYR A CE1 1 
ATOM   609  C CE2 . TYR A 1 82  ? -4.674  14.869  -11.935 1.00 100.64 ? 238 TYR A CE2 1 
ATOM   610  C CZ  . TYR A 1 82  ? -3.325  14.672  -12.187 1.00 102.55 ? 238 TYR A CZ  1 
ATOM   611  O OH  . TYR A 1 82  ? -2.845  14.778  -13.474 1.00 100.07 ? 238 TYR A OH  1 
ATOM   612  N N   . GLU A 1 83  ? -6.531  16.508  -5.977  1.00 95.23  ? 239 GLU A N   1 
ATOM   613  C CA  . GLU A 1 83  ? -7.594  16.450  -4.971  1.00 93.87  ? 239 GLU A CA  1 
ATOM   614  C C   . GLU A 1 83  ? -8.226  15.062  -5.013  1.00 85.58  ? 239 GLU A C   1 
ATOM   615  O O   . GLU A 1 83  ? -8.278  14.441  -6.075  1.00 79.76  ? 239 GLU A O   1 
ATOM   616  C CB  . GLU A 1 83  ? -8.662  17.514  -5.277  1.00 104.96 ? 239 GLU A CB  1 
ATOM   617  C CG  . GLU A 1 83  ? -9.662  17.794  -4.144  1.00 108.58 ? 239 GLU A CG  1 
ATOM   618  C CD  . GLU A 1 83  ? -9.210  18.888  -3.182  1.00 113.41 ? 239 GLU A CD  1 
ATOM   619  O OE1 . GLU A 1 83  ? -10.044 19.323  -2.359  1.00 125.54 ? 239 GLU A OE1 1 
ATOM   620  O OE2 . GLU A 1 83  ? -8.038  19.319  -3.242  1.00 114.30 ? 239 GLU A OE2 1 
ATOM   621  N N   . ALA A 1 84  ? -8.693  14.570  -3.870  1.00 83.45  ? 240 ALA A N   1 
ATOM   622  C CA  . ALA A 1 84  ? -9.258  13.221  -3.801  1.00 89.17  ? 240 ALA A CA  1 
ATOM   623  C C   . ALA A 1 84  ? -10.372 13.108  -2.771  1.00 90.29  ? 240 ALA A C   1 
ATOM   624  O O   . ALA A 1 84  ? -10.304 13.734  -1.713  1.00 96.35  ? 240 ALA A O   1 
ATOM   625  C CB  . ALA A 1 84  ? -8.164  12.220  -3.488  1.00 97.12  ? 240 ALA A CB  1 
ATOM   626  N N   . LYS A 1 85  ? -11.384 12.297  -3.089  1.00 91.06  ? 241 LYS A N   1 
ATOM   627  C CA  . LYS A 1 85  ? -12.554 12.106  -2.232  1.00 94.05  ? 241 LYS A CA  1 
ATOM   628  C C   . LYS A 1 85  ? -12.615 10.676  -1.728  1.00 86.26  ? 241 LYS A C   1 
ATOM   629  O O   . LYS A 1 85  ? -12.410 9.740   -2.501  1.00 86.00  ? 241 LYS A O   1 
ATOM   630  C CB  . LYS A 1 85  ? -13.845 12.410  -3.004  1.00 112.57 ? 241 LYS A CB  1 
ATOM   631  C CG  . LYS A 1 85  ? -14.113 13.897  -3.271  1.00 123.18 ? 241 LYS A CG  1 
ATOM   632  C CD  . LYS A 1 85  ? -15.501 14.111  -3.888  1.00 129.92 ? 241 LYS A CD  1 
ATOM   633  C CE  . LYS A 1 85  ? -15.750 15.571  -4.276  1.00 132.96 ? 241 LYS A CE  1 
ATOM   634  N NZ  . LYS A 1 85  ? -15.885 16.479  -3.099  1.00 131.23 ? 241 LYS A NZ  1 
ATOM   635  N N   . ILE A 1 86  ? -12.902 10.514  -0.436  1.00 89.14  ? 242 ILE A N   1 
ATOM   636  C CA  . ILE A 1 86  ? -13.095 9.183   0.156   1.00 93.59  ? 242 ILE A CA  1 
ATOM   637  C C   . ILE A 1 86  ? -14.354 8.547   -0.421  1.00 100.27 ? 242 ILE A C   1 
ATOM   638  O O   . ILE A 1 86  ? -15.405 9.183   -0.468  1.00 110.23 ? 242 ILE A O   1 
ATOM   639  C CB  . ILE A 1 86  ? -13.170 9.212   1.724   1.00 95.23  ? 242 ILE A CB  1 
ATOM   640  C CG1 . ILE A 1 86  ? -14.345 10.061  2.236   1.00 105.72 ? 242 ILE A CG1 1 
ATOM   641  C CG2 . ILE A 1 86  ? -11.867 9.728   2.315   1.00 88.81  ? 242 ILE A CG2 1 
ATOM   642  C CD1 . ILE A 1 86  ? -14.350 10.264  3.752   1.00 105.67 ? 242 ILE A CD1 1 
ATOM   643  N N   . LYS A 1 87  ? -14.240 7.302   -0.880  1.00 99.07  ? 243 LYS A N   1 
ATOM   644  C CA  . LYS A 1 87  ? -15.360 6.604   -1.510  1.00 95.20  ? 243 LYS A CA  1 
ATOM   645  C C   . LYS A 1 87  ? -15.965 5.528   -0.617  1.00 90.97  ? 243 LYS A C   1 
ATOM   646  O O   . LYS A 1 87  ? -17.150 5.231   -0.719  1.00 107.62 ? 243 LYS A O   1 
ATOM   647  C CB  . LYS A 1 87  ? -14.919 5.987   -2.834  1.00 104.92 ? 243 LYS A CB  1 
ATOM   648  C CG  . LYS A 1 87  ? -14.617 7.002   -3.928  1.00 113.73 ? 243 LYS A CG  1 
ATOM   649  C CD  . LYS A 1 87  ? -15.867 7.424   -4.718  1.00 123.38 ? 243 LYS A CD  1 
ATOM   650  C CE  . LYS A 1 87  ? -16.219 6.433   -5.839  1.00 130.69 ? 243 LYS A CE  1 
ATOM   651  N NZ  . LYS A 1 87  ? -17.266 6.959   -6.776  1.00 132.14 ? 243 LYS A NZ  1 
ATOM   652  N N   . ASP A 1 88  ? -15.150 4.934   0.245   1.00 94.10  ? 244 ASP A N   1 
ATOM   653  C CA  . ASP A 1 88  ? -15.619 3.931   1.199   1.00 94.62  ? 244 ASP A CA  1 
ATOM   654  C C   . ASP A 1 88  ? -14.528 3.744   2.245   1.00 92.54  ? 244 ASP A C   1 
ATOM   655  O O   . ASP A 1 88  ? -13.385 4.148   2.028   1.00 101.80 ? 244 ASP A O   1 
ATOM   656  C CB  . ASP A 1 88  ? -15.919 2.602   0.489   1.00 98.27  ? 244 ASP A CB  1 
ATOM   657  C CG  . ASP A 1 88  ? -16.636 1.584   1.386   1.00 110.04 ? 244 ASP A CG  1 
ATOM   658  O OD1 . ASP A 1 88  ? -16.985 1.912   2.545   1.00 111.42 ? 244 ASP A OD1 1 
ATOM   659  O OD2 . ASP A 1 88  ? -16.852 0.442   0.922   1.00 113.85 ? 244 ASP A OD2 1 
ATOM   660  N N   . VAL A 1 89  ? -14.886 3.154   3.380   1.00 85.28  ? 245 VAL A N   1 
ATOM   661  C CA  . VAL A 1 89  ? -13.932 2.897   4.452   1.00 84.75  ? 245 VAL A CA  1 
ATOM   662  C C   . VAL A 1 89  ? -14.423 1.795   5.385   1.00 89.43  ? 245 VAL A C   1 
ATOM   663  O O   . VAL A 1 89  ? -15.441 1.952   6.060   1.00 101.35 ? 245 VAL A O   1 
ATOM   664  C CB  . VAL A 1 89  ? -13.666 4.176   5.278   1.00 78.33  ? 245 VAL A CB  1 
ATOM   665  C CG1 . VAL A 1 89  ? -13.278 3.831   6.721   1.00 76.87  ? 245 VAL A CG1 1 
ATOM   666  C CG2 . VAL A 1 89  ? -12.587 5.021   4.616   1.00 71.84  ? 245 VAL A CG2 1 
ATOM   667  N N   . ASP A 1 90  ? -13.703 0.676   5.403   1.00 87.77  ? 246 ASP A N   1 
ATOM   668  C CA  . ASP A 1 90  ? -13.893 -0.350  6.417   1.00 92.19  ? 246 ASP A CA  1 
ATOM   669  C C   . ASP A 1 90  ? -12.746 -0.203  7.408   1.00 103.32 ? 246 ASP A C   1 
ATOM   670  O O   . ASP A 1 90  ? -11.595 -0.025  7.009   1.00 112.16 ? 246 ASP A O   1 
ATOM   671  C CB  . ASP A 1 90  ? -13.887 -1.743  5.788   1.00 92.60  ? 246 ASP A CB  1 
ATOM   672  C CG  . ASP A 1 90  ? -14.093 -2.856  6.810   1.00 95.47  ? 246 ASP A CG  1 
ATOM   673  O OD1 . ASP A 1 90  ? -14.292 -2.559  8.007   1.00 100.87 ? 246 ASP A OD1 1 
ATOM   674  O OD2 . ASP A 1 90  ? -14.060 -4.040  6.410   1.00 98.36  ? 246 ASP A OD2 1 
ATOM   675  N N   . GLU A 1 91  ? -13.062 -0.260  8.698   1.00 109.91 ? 247 GLU A N   1 
ATOM   676  C CA  . GLU A 1 91  ? -12.051 -0.115  9.740   1.00 109.93 ? 247 GLU A CA  1 
ATOM   677  C C   . GLU A 1 91  ? -11.959 -1.354  10.631  1.00 108.96 ? 247 GLU A C   1 
ATOM   678  O O   . GLU A 1 91  ? -11.300 -1.324  11.667  1.00 118.31 ? 247 GLU A O   1 
ATOM   679  C CB  . GLU A 1 91  ? -12.325 1.145   10.569  1.00 112.44 ? 247 GLU A CB  1 
ATOM   680  C CG  . GLU A 1 91  ? -12.477 2.409   9.713   1.00 116.18 ? 247 GLU A CG  1 
ATOM   681  C CD  . GLU A 1 91  ? -12.507 3.699   10.520  1.00 120.46 ? 247 GLU A CD  1 
ATOM   682  O OE1 . GLU A 1 91  ? -12.254 3.663   11.745  1.00 127.96 ? 247 GLU A OE1 1 
ATOM   683  O OE2 . GLU A 1 91  ? -12.784 4.758   9.920   1.00 118.63 ? 247 GLU A OE2 1 
ATOM   684  N N   . LYS A 1 92  ? -12.606 -2.443  10.220  1.00 111.30 ? 248 LYS A N   1 
ATOM   685  C CA  . LYS A 1 92  ? -12.426 -3.734  10.878  1.00 116.74 ? 248 LYS A CA  1 
ATOM   686  C C   . LYS A 1 92  ? -11.081 -4.284  10.397  1.00 113.28 ? 248 LYS A C   1 
ATOM   687  O O   . LYS A 1 92  ? -10.172 -4.512  11.196  1.00 101.29 ? 248 LYS A O   1 
ATOM   688  C CB  . LYS A 1 92  ? -13.587 -4.686  10.560  1.00 124.78 ? 248 LYS A CB  1 
ATOM   689  C CG  . LYS A 1 92  ? -13.786 -5.778  11.602  1.00 128.13 ? 248 LYS A CG  1 
ATOM   690  C CD  . LYS A 1 92  ? -14.823 -6.802  11.158  1.00 129.96 ? 248 LYS A CD  1 
ATOM   691  C CE  . LYS A 1 92  ? -15.265 -7.688  12.315  1.00 130.57 ? 248 LYS A CE  1 
ATOM   692  N NZ  . LYS A 1 92  ? -14.113 -8.313  13.022  1.00 126.72 ? 248 LYS A NZ  1 
ATOM   693  N N   . ALA A 1 93  ? -10.960 -4.490  9.087   1.00 112.28 ? 249 ALA A N   1 
ATOM   694  C CA  . ALA A 1 93  ? -9.655  -4.490  8.438   1.00 103.85 ? 249 ALA A CA  1 
ATOM   695  C C   . ALA A 1 93  ? -9.428  -3.031  8.120   1.00 89.97  ? 249 ALA A C   1 
ATOM   696  O O   . ALA A 1 93  ? -10.375 -2.255  8.054   1.00 92.00  ? 249 ALA A O   1 
ATOM   697  C CB  . ALA A 1 93  ? -9.651  -5.325  7.173   1.00 103.86 ? 249 ALA A CB  1 
ATOM   698  N N   . ASP A 1 94  ? -8.180  -2.655  7.920   1.00 86.44  ? 250 ASP A N   1 
ATOM   699  C CA  . ASP A 1 94  ? -7.811  -1.255  7.854   1.00 82.05  ? 250 ASP A CA  1 
ATOM   700  C C   . ASP A 1 94  ? -7.682  -0.805  6.399   1.00 85.14  ? 250 ASP A C   1 
ATOM   701  O O   . ASP A 1 94  ? -6.611  -0.379  5.977   1.00 96.96  ? 250 ASP A O   1 
ATOM   702  C CB  . ASP A 1 94  ? -6.494  -1.086  8.616   1.00 83.41  ? 250 ASP A CB  1 
ATOM   703  C CG  . ASP A 1 94  ? -6.147  0.357   8.897   1.00 81.67  ? 250 ASP A CG  1 
ATOM   704  O OD1 . ASP A 1 94  ? -5.364  0.582   9.843   1.00 81.42  ? 250 ASP A OD1 1 
ATOM   705  O OD2 . ASP A 1 94  ? -6.629  1.257   8.184   1.00 71.27  ? 250 ASP A OD2 1 
ATOM   706  N N   . ILE A 1 95  ? -8.774  -0.882  5.636   1.00 82.69  ? 251 ILE A N   1 
ATOM   707  C CA  . ILE A 1 95  ? -8.741  -0.565  4.188   1.00 76.53  ? 251 ILE A CA  1 
ATOM   708  C C   . ILE A 1 95  ? -9.543  0.692   3.847   1.00 72.50  ? 251 ILE A C   1 
ATOM   709  O O   . ILE A 1 95  ? -10.356 1.162   4.634   1.00 77.93  ? 251 ILE A O   1 
ATOM   710  C CB  . ILE A 1 95  ? -9.280  -1.733  3.313   1.00 73.24  ? 251 ILE A CB  1 
ATOM   711  C CG1 . ILE A 1 95  ? -8.983  -3.096  3.945   1.00 73.57  ? 251 ILE A CG1 1 
ATOM   712  C CG2 . ILE A 1 95  ? -8.669  -1.674  1.915   1.00 75.51  ? 251 ILE A CG2 1 
ATOM   713  C CD1 . ILE A 1 95  ? -9.361  -4.266  3.063   1.00 70.57  ? 251 ILE A CD1 1 
ATOM   714  N N   . ALA A 1 96  ? -9.310  1.239   2.663   1.00 71.88  ? 252 ALA A N   1 
ATOM   715  C CA  . ALA A 1 96  ? -10.025 2.434   2.235   1.00 79.86  ? 252 ALA A CA  1 
ATOM   716  C C   . ALA A 1 96  ? -9.978  2.594   0.722   1.00 89.49  ? 252 ALA A C   1 
ATOM   717  O O   . ALA A 1 96  ? -8.938  2.370   0.094   1.00 96.78  ? 252 ALA A O   1 
ATOM   718  C CB  . ALA A 1 96  ? -9.437  3.666   2.905   1.00 78.46  ? 252 ALA A CB  1 
ATOM   719  N N   . LEU A 1 97  ? -11.115 2.972   0.143   1.00 91.64  ? 253 LEU A N   1 
ATOM   720  C CA  . LEU A 1 97  ? -11.174 3.322   -1.267  1.00 89.94  ? 253 LEU A CA  1 
ATOM   721  C C   . LEU A 1 97  ? -11.237 4.838   -1.339  1.00 82.91  ? 253 LEU A C   1 
ATOM   722  O O   . LEU A 1 97  ? -11.957 5.466   -0.560  1.00 83.99  ? 253 LEU A O   1 
ATOM   723  C CB  . LEU A 1 97  ? -12.400 2.699   -1.939  1.00 89.64  ? 253 LEU A CB  1 
ATOM   724  C CG  . LEU A 1 97  ? -12.189 2.175   -3.363  1.00 91.44  ? 253 LEU A CG  1 
ATOM   725  C CD1 . LEU A 1 97  ? -11.507 3.201   -4.271  1.00 95.28  ? 253 LEU A CD1 1 
ATOM   726  C CD2 . LEU A 1 97  ? -11.379 0.901   -3.308  1.00 96.28  ? 253 LEU A CD2 1 
ATOM   727  N N   . ILE A 1 98  ? -10.457 5.414   -2.249  1.00 74.19  ? 254 ILE A N   1 
ATOM   728  C CA  . ILE A 1 98  ? -10.467 6.849   -2.498  1.00 76.90  ? 254 ILE A CA  1 
ATOM   729  C C   . ILE A 1 98  ? -10.364 7.041   -4.005  1.00 76.80  ? 254 ILE A C   1 
ATOM   730  O O   . ILE A 1 98  ? -9.894  6.156   -4.707  1.00 80.38  ? 254 ILE A O   1 
ATOM   731  C CB  . ILE A 1 98  ? -9.338  7.585   -1.698  1.00 80.46  ? 254 ILE A CB  1 
ATOM   732  C CG1 . ILE A 1 98  ? -8.001  7.613   -2.438  1.00 82.46  ? 254 ILE A CG1 1 
ATOM   733  C CG2 . ILE A 1 98  ? -9.135  6.930   -0.339  1.00 80.35  ? 254 ILE A CG2 1 
ATOM   734  C CD1 . ILE A 1 98  ? -7.814  8.810   -3.338  1.00 86.24  ? 254 ILE A CD1 1 
ATOM   735  N N   . LYS A 1 99  ? -10.818 8.182   -4.505  1.00 83.82  ? 255 LYS A N   1 
ATOM   736  C CA  . LYS A 1 99  ? -11.006 8.351   -5.945  1.00 89.97  ? 255 LYS A CA  1 
ATOM   737  C C   . LYS A 1 99  ? -10.524 9.712   -6.406  1.00 86.10  ? 255 LYS A C   1 
ATOM   738  O O   . LYS A 1 99  ? -10.560 10.679  -5.649  1.00 91.08  ? 255 LYS A O   1 
ATOM   739  C CB  . LYS A 1 99  ? -12.490 8.139   -6.282  1.00 100.23 ? 255 LYS A CB  1 
ATOM   740  C CG  . LYS A 1 99  ? -13.028 8.772   -7.575  1.00 108.87 ? 255 LYS A CG  1 
ATOM   741  C CD  . LYS A 1 99  ? -12.755 7.942   -8.819  1.00 107.61 ? 255 LYS A CD  1 
ATOM   742  C CE  . LYS A 1 99  ? -13.490 8.537   -10.019 1.00 108.67 ? 255 LYS A CE  1 
ATOM   743  N NZ  . LYS A 1 99  ? -13.216 7.805   -11.284 1.00 110.36 ? 255 LYS A NZ  1 
ATOM   744  N N   . ILE A 1 100 ? -10.066 9.770   -7.654  1.00 86.39  ? 256 ILE A N   1 
ATOM   745  C CA  . ILE A 1 100 ? -9.651  11.022  -8.284  1.00 97.64  ? 256 ILE A CA  1 
ATOM   746  C C   . ILE A 1 100 ? -10.051 11.039  -9.761  1.00 103.87 ? 256 ILE A C   1 
ATOM   747  O O   . ILE A 1 100 ? -10.521 10.029  -10.289 1.00 108.91 ? 256 ILE A O   1 
ATOM   748  C CB  . ILE A 1 100 ? -8.125  11.234  -8.171  1.00 95.00  ? 256 ILE A CB  1 
ATOM   749  C CG1 . ILE A 1 100 ? -7.358  10.080  -8.830  1.00 96.97  ? 256 ILE A CG1 1 
ATOM   750  C CG2 . ILE A 1 100 ? -7.721  11.365  -6.717  1.00 89.48  ? 256 ILE A CG2 1 
ATOM   751  C CD1 . ILE A 1 100 ? -5.964  10.461  -9.277  1.00 97.96  ? 256 ILE A CD1 1 
ATOM   752  N N   . ASP A 1 101 ? -9.856  12.185  -10.416 1.00 108.48 ? 257 ASP A N   1 
ATOM   753  C CA  . ASP A 1 101 ? -10.125 12.320  -11.854 1.00 107.08 ? 257 ASP A CA  1 
ATOM   754  C C   . ASP A 1 101 ? -8.895  12.826  -12.604 1.00 100.11 ? 257 ASP A C   1 
ATOM   755  O O   . ASP A 1 101 ? -8.517  13.992  -12.504 1.00 95.37  ? 257 ASP A O   1 
ATOM   756  C CB  . ASP A 1 101 ? -11.352 13.207  -12.135 1.00 112.32 ? 257 ASP A CB  1 
ATOM   757  C CG  . ASP A 1 101 ? -11.387 14.473  -11.293 1.00 121.35 ? 257 ASP A CG  1 
ATOM   758  O OD1 . ASP A 1 101 ? -10.373 14.800  -10.636 1.00 123.93 ? 257 ASP A OD1 1 
ATOM   759  O OD2 . ASP A 1 101 ? -12.443 15.141  -11.289 1.00 123.92 ? 257 ASP A OD2 1 
ATOM   760  N N   . HIS A 1 102 ? -8.279  11.916  -13.351 1.00 101.29 ? 258 HIS A N   1 
ATOM   761  C CA  . HIS A 1 102 ? -7.073  12.195  -14.118 1.00 99.77  ? 258 HIS A CA  1 
ATOM   762  C C   . HIS A 1 102 ? -7.494  12.517  -15.545 1.00 106.93 ? 258 HIS A C   1 
ATOM   763  O O   . HIS A 1 102 ? -8.335  11.813  -16.114 1.00 99.96  ? 258 HIS A O   1 
ATOM   764  C CB  . HIS A 1 102 ? -6.154  10.965  -14.078 1.00 91.53  ? 258 HIS A CB  1 
ATOM   765  C CG  . HIS A 1 102 ? -4.943  11.074  -14.951 1.00 88.66  ? 258 HIS A CG  1 
ATOM   766  N ND1 . HIS A 1 102 ? -4.793  10.339  -16.107 1.00 93.73  ? 258 HIS A ND1 1 
ATOM   767  C CD2 . HIS A 1 102 ? -3.823  11.825  -14.834 1.00 87.30  ? 258 HIS A CD2 1 
ATOM   768  C CE1 . HIS A 1 102 ? -3.633  10.636  -16.666 1.00 95.23  ? 258 HIS A CE1 1 
ATOM   769  N NE2 . HIS A 1 102 ? -3.026  11.537  -15.915 1.00 88.22  ? 258 HIS A NE2 1 
ATOM   770  N N   . GLN A 1 103 ? -6.909  13.568  -16.121 1.00 117.22 ? 259 GLN A N   1 
ATOM   771  C CA  . GLN A 1 103 ? -7.259  14.018  -17.481 1.00 128.37 ? 259 GLN A CA  1 
ATOM   772  C C   . GLN A 1 103 ? -6.748  13.045  -18.552 1.00 131.04 ? 259 GLN A C   1 
ATOM   773  O O   . GLN A 1 103 ? -6.030  13.429  -19.481 1.00 135.29 ? 259 GLN A O   1 
ATOM   774  C CB  . GLN A 1 103 ? -6.762  15.455  -17.749 1.00 131.98 ? 259 GLN A CB  1 
ATOM   775  C CG  . GLN A 1 103 ? -5.247  15.702  -17.580 1.00 134.25 ? 259 GLN A CG  1 
ATOM   776  C CD  . GLN A 1 103 ? -4.873  16.237  -16.202 1.00 132.03 ? 259 GLN A CD  1 
ATOM   777  O OE1 . GLN A 1 103 ? -4.988  15.531  -15.200 1.00 129.63 ? 259 GLN A OE1 1 
ATOM   778  N NE2 . GLN A 1 103 ? -4.415  17.486  -16.151 1.00 116.24 ? 259 GLN A NE2 1 
ATOM   779  N N   . GLY A 1 104 ? -7.160  11.788  -18.424 1.00 125.17 ? 260 GLY A N   1 
ATOM   780  C CA  . GLY A 1 104 ? -6.638  10.705  -19.243 1.00 125.98 ? 260 GLY A CA  1 
ATOM   781  C C   . GLY A 1 104 ? -6.960  9.353   -18.629 1.00 128.02 ? 260 GLY A C   1 
ATOM   782  O O   . GLY A 1 104 ? -8.096  9.111   -18.213 1.00 120.97 ? 260 GLY A O   1 
ATOM   783  N N   . LYS A 1 105 ? -5.948  8.490   -18.545 1.00 126.44 ? 261 LYS A N   1 
ATOM   784  C CA  . LYS A 1 105 ? -6.132  7.081   -18.177 1.00 122.63 ? 261 LYS A CA  1 
ATOM   785  C C   . LYS A 1 105 ? -4.912  6.549   -17.415 1.00 113.66 ? 261 LYS A C   1 
ATOM   786  O O   . LYS A 1 105 ? -3.772  6.767   -17.832 1.00 107.55 ? 261 LYS A O   1 
ATOM   787  C CB  . LYS A 1 105 ? -6.415  6.240   -19.435 1.00 123.48 ? 261 LYS A CB  1 
ATOM   788  C CG  . LYS A 1 105 ? -5.747  6.759   -20.723 1.00 128.10 ? 261 LYS A CG  1 
ATOM   789  C CD  . LYS A 1 105 ? -6.528  6.375   -21.983 1.00 129.88 ? 261 LYS A CD  1 
ATOM   790  C CE  . LYS A 1 105 ? -6.291  7.372   -23.113 1.00 124.54 ? 261 LYS A CE  1 
ATOM   791  N NZ  . LYS A 1 105 ? -7.123  7.062   -24.306 1.00 123.19 ? 261 LYS A NZ  1 
ATOM   792  N N   . LEU A 1 106 ? -5.161  5.843   -16.311 1.00 98.70  ? 262 LEU A N   1 
ATOM   793  C CA  . LEU A 1 106 ? -4.112  5.511   -15.340 1.00 88.01  ? 262 LEU A CA  1 
ATOM   794  C C   . LEU A 1 106 ? -3.693  4.038   -15.365 1.00 88.21  ? 262 LEU A C   1 
ATOM   795  O O   . LEU A 1 106 ? -4.540  3.159   -15.511 1.00 92.50  ? 262 LEU A O   1 
ATOM   796  C CB  . LEU A 1 106 ? -4.589  5.857   -13.931 1.00 83.11  ? 262 LEU A CB  1 
ATOM   797  C CG  . LEU A 1 106 ? -4.808  7.344   -13.649 1.00 79.47  ? 262 LEU A CG  1 
ATOM   798  C CD1 . LEU A 1 106 ? -5.658  7.519   -12.402 1.00 87.09  ? 262 LEU A CD1 1 
ATOM   799  C CD2 . LEU A 1 106 ? -3.491  8.087   -13.513 1.00 72.49  ? 262 LEU A CD2 1 
ATOM   800  N N   . PRO A 1 107 ? -2.382  3.766   -15.210 1.00 81.81  ? 263 PRO A N   1 
ATOM   801  C CA  . PRO A 1 107 ? -1.909  2.395   -14.981 1.00 79.68  ? 263 PRO A CA  1 
ATOM   802  C C   . PRO A 1 107 ? -2.512  1.792   -13.712 1.00 84.04  ? 263 PRO A C   1 
ATOM   803  O O   . PRO A 1 107 ? -2.883  2.532   -12.799 1.00 97.66  ? 263 PRO A O   1 
ATOM   804  C CB  . PRO A 1 107 ? -0.395  2.566   -14.821 1.00 82.48  ? 263 PRO A CB  1 
ATOM   805  C CG  . PRO A 1 107 ? -0.070  3.827   -15.539 1.00 83.96  ? 263 PRO A CG  1 
ATOM   806  C CD  . PRO A 1 107 ? -1.265  4.715   -15.387 1.00 81.54  ? 263 PRO A CD  1 
ATOM   807  N N   . VAL A 1 108 ? -2.613  0.466   -13.655 1.00 74.59  ? 264 VAL A N   1 
ATOM   808  C CA  . VAL A 1 108 ? -3.241  -0.207  -12.520 1.00 70.03  ? 264 VAL A CA  1 
ATOM   809  C C   . VAL A 1 108 ? -2.485  -1.455  -12.091 1.00 71.20  ? 264 VAL A C   1 
ATOM   810  O O   . VAL A 1 108 ? -1.681  -2.011  -12.851 1.00 64.52  ? 264 VAL A O   1 
ATOM   811  C CB  . VAL A 1 108 ? -4.681  -0.640  -12.840 1.00 75.46  ? 264 VAL A CB  1 
ATOM   812  C CG1 . VAL A 1 108 ? -5.571  0.567   -13.005 1.00 78.24  ? 264 VAL A CG1 1 
ATOM   813  C CG2 . VAL A 1 108 ? -4.716  -1.526  -14.076 1.00 78.32  ? 264 VAL A CG2 1 
ATOM   814  N N   . LEU A 1 109 ? -2.758  -1.883  -10.862 1.00 62.30  ? 265 LEU A N   1 
ATOM   815  C CA  . LEU A 1 109 ? -2.196  -3.102  -10.320 1.00 60.09  ? 265 LEU A CA  1 
ATOM   816  C C   . LEU A 1 109 ? -3.327  -4.080  -10.112 1.00 62.46  ? 265 LEU A C   1 
ATOM   817  O O   . LEU A 1 109 ? -4.415  -3.714  -9.665  1.00 64.00  ? 265 LEU A O   1 
ATOM   818  C CB  . LEU A 1 109 ? -1.506  -2.863  -8.971  1.00 57.10  ? 265 LEU A CB  1 
ATOM   819  C CG  . LEU A 1 109 ? -0.278  -1.959  -8.902  1.00 53.89  ? 265 LEU A CG  1 
ATOM   820  C CD1 . LEU A 1 109 ? 0.437   -2.172  -7.575  1.00 50.74  ? 265 LEU A CD1 1 
ATOM   821  C CD2 . LEU A 1 109 ? 0.655   -2.222  -10.042 1.00 48.55  ? 265 LEU A CD2 1 
ATOM   822  N N   . LEU A 1 110 ? -3.047  -5.335  -10.412 1.00 61.75  ? 266 LEU A N   1 
ATOM   823  C CA  . LEU A 1 110 ? -4.010  -6.385  -10.240 1.00 62.53  ? 266 LEU A CA  1 
ATOM   824  C C   . LEU A 1 110 ? -3.674  -7.035  -8.923  1.00 63.64  ? 266 LEU A C   1 
ATOM   825  O O   . LEU A 1 110 ? -2.537  -6.957  -8.480  1.00 71.35  ? 266 LEU A O   1 
ATOM   826  C CB  . LEU A 1 110 ? -3.912  -7.362  -11.416 1.00 61.78  ? 266 LEU A CB  1 
ATOM   827  C CG  . LEU A 1 110 ? -4.048  -6.611  -12.761 1.00 60.79  ? 266 LEU A CG  1 
ATOM   828  C CD1 . LEU A 1 110 ? -3.503  -7.396  -13.946 1.00 53.73  ? 266 LEU A CD1 1 
ATOM   829  C CD2 . LEU A 1 110 ? -5.503  -6.203  -12.989 1.00 57.60  ? 266 LEU A CD2 1 
ATOM   830  N N   . LEU A 1 111 ? -4.667  -7.645  -8.287  1.00 63.92  ? 267 LEU A N   1 
ATOM   831  C CA  . LEU A 1 111 ? -4.457  -8.371  -7.043  1.00 61.26  ? 267 LEU A CA  1 
ATOM   832  C C   . LEU A 1 111 ? -4.175  -9.818  -7.393  1.00 62.53  ? 267 LEU A C   1 
ATOM   833  O O   . LEU A 1 111 ? -4.742  -10.341 -8.346  1.00 73.64  ? 267 LEU A O   1 
ATOM   834  C CB  . LEU A 1 111 ? -5.697  -8.294  -6.156  1.00 62.61  ? 267 LEU A CB  1 
ATOM   835  C CG  . LEU A 1 111 ? -6.421  -6.945  -6.065  1.00 62.30  ? 267 LEU A CG  1 
ATOM   836  C CD1 . LEU A 1 111 ? -7.565  -7.023  -5.067  1.00 61.75  ? 267 LEU A CD1 1 
ATOM   837  C CD2 . LEU A 1 111 ? -5.453  -5.837  -5.682  1.00 65.07  ? 267 LEU A CD2 1 
ATOM   838  N N   . GLY A 1 112 ? -3.286  -10.458 -6.643  1.00 66.53  ? 268 GLY A N   1 
ATOM   839  C CA  . GLY A 1 112 ? -3.019  -11.884 -6.806  1.00 66.33  ? 268 GLY A CA  1 
ATOM   840  C C   . GLY A 1 112 ? -3.870  -12.617 -5.802  1.00 72.72  ? 268 GLY A C   1 
ATOM   841  O O   . GLY A 1 112 ? -4.649  -11.989 -5.093  1.00 79.58  ? 268 GLY A O   1 
ATOM   842  N N   . ARG A 1 113 ? -3.726  -13.938 -5.728  1.00 84.94  ? 269 ARG A N   1 
ATOM   843  C CA  . ARG A 1 113 ? -4.472  -14.734 -4.749  1.00 92.62  ? 269 ARG A CA  1 
ATOM   844  C C   . ARG A 1 113 ? -3.566  -15.108 -3.580  1.00 93.50  ? 269 ARG A C   1 
ATOM   845  O O   . ARG A 1 113 ? -2.879  -16.128 -3.613  1.00 96.19  ? 269 ARG A O   1 
ATOM   846  C CB  . ARG A 1 113 ? -5.093  -15.984 -5.397  1.00 107.01 ? 269 ARG A CB  1 
ATOM   847  C CG  . ARG A 1 113 ? -6.358  -15.690 -6.228  1.00 121.45 ? 269 ARG A CG  1 
ATOM   848  C CD  . ARG A 1 113 ? -7.085  -16.958 -6.721  1.00 129.70 ? 269 ARG A CD  1 
ATOM   849  N NE  . ARG A 1 113 ? -8.066  -17.487 -5.767  1.00 136.15 ? 269 ARG A NE  1 
ATOM   850  C CZ  . ARG A 1 113 ? -8.882  -18.520 -6.000  1.00 128.92 ? 269 ARG A CZ  1 
ATOM   851  N NH1 . ARG A 1 113 ? -8.854  -19.165 -7.165  1.00 126.92 ? 269 ARG A NH1 1 
ATOM   852  N NH2 . ARG A 1 113 ? -9.735  -18.916 -5.059  1.00 118.74 ? 269 ARG A NH2 1 
ATOM   853  N N   . SER A 1 114 ? -3.580  -14.278 -2.538  1.00 94.26  ? 270 SER A N   1 
ATOM   854  C CA  . SER A 1 114 ? -2.724  -14.488 -1.362  1.00 87.45  ? 270 SER A CA  1 
ATOM   855  C C   . SER A 1 114 ? -2.881  -15.870 -0.729  1.00 80.21  ? 270 SER A C   1 
ATOM   856  O O   . SER A 1 114 ? -2.042  -16.283 0.055   1.00 90.03  ? 270 SER A O   1 
ATOM   857  C CB  . SER A 1 114 ? -2.953  -13.391 -0.309  1.00 89.52  ? 270 SER A CB  1 
ATOM   858  O OG  . SER A 1 114 ? -4.332  -13.140 -0.091  1.00 94.31  ? 270 SER A OG  1 
ATOM   859  N N   . SER A 1 115 ? -3.949  -16.584 -1.067  1.00 81.75  ? 271 SER A N   1 
ATOM   860  C CA  . SER A 1 115 ? -4.084  -17.995 -0.694  1.00 89.36  ? 271 SER A CA  1 
ATOM   861  C C   . SER A 1 115 ? -2.936  -18.864 -1.236  1.00 91.89  ? 271 SER A C   1 
ATOM   862  O O   . SER A 1 115 ? -2.629  -19.920 -0.670  1.00 81.75  ? 271 SER A O   1 
ATOM   863  C CB  . SER A 1 115 ? -5.436  -18.547 -1.175  1.00 96.25  ? 271 SER A CB  1 
ATOM   864  O OG  . SER A 1 115 ? -5.724  -18.164 -2.515  1.00 97.67  ? 271 SER A OG  1 
ATOM   865  N N   . GLU A 1 116 ? -2.301  -18.412 -2.318  1.00 95.58  ? 272 GLU A N   1 
ATOM   866  C CA  . GLU A 1 116 ? -1.221  -19.157 -2.971  1.00 92.47  ? 272 GLU A CA  1 
ATOM   867  C C   . GLU A 1 116 ? 0.173   -18.641 -2.608  1.00 83.11  ? 272 GLU A C   1 
ATOM   868  O O   . GLU A 1 116 ? 1.176   -19.065 -3.191  1.00 80.11  ? 272 GLU A O   1 
ATOM   869  C CB  . GLU A 1 116 ? -1.407  -19.104 -4.487  1.00 102.58 ? 272 GLU A CB  1 
ATOM   870  C CG  . GLU A 1 116 ? -2.850  -19.322 -4.927  1.00 111.09 ? 272 GLU A CG  1 
ATOM   871  C CD  . GLU A 1 116 ? -2.961  -19.927 -6.306  1.00 117.60 ? 272 GLU A CD  1 
ATOM   872  O OE1 . GLU A 1 116 ? -3.536  -19.272 -7.206  1.00 122.38 ? 272 GLU A OE1 1 
ATOM   873  O OE2 . GLU A 1 116 ? -2.469  -21.062 -6.484  1.00 126.05 ? 272 GLU A OE2 1 
ATOM   874  N N   . LEU A 1 117 ? 0.246   -17.733 -1.644  1.00 73.69  ? 273 LEU A N   1 
ATOM   875  C CA  . LEU A 1 117 ? 1.534   -17.226 -1.209  1.00 72.16  ? 273 LEU A CA  1 
ATOM   876  C C   . LEU A 1 117 ? 2.303   -18.393 -0.630  1.00 68.42  ? 273 LEU A C   1 
ATOM   877  O O   . LEU A 1 117 ? 1.726   -19.260 0.026   1.00 64.79  ? 273 LEU A O   1 
ATOM   878  C CB  . LEU A 1 117 ? 1.374   -16.133 -0.151  1.00 69.22  ? 273 LEU A CB  1 
ATOM   879  C CG  . LEU A 1 117 ? 2.241   -14.897 -0.331  1.00 68.96  ? 273 LEU A CG  1 
ATOM   880  C CD1 . LEU A 1 117 ? 1.955   -14.249 -1.669  1.00 68.62  ? 273 LEU A CD1 1 
ATOM   881  C CD2 . LEU A 1 117 ? 1.978   -13.915 0.795   1.00 71.04  ? 273 LEU A CD2 1 
ATOM   882  N N   . ARG A 1 118 ? 3.600   -18.434 -0.883  1.00 63.88  ? 274 ARG A N   1 
ATOM   883  C CA  . ARG A 1 118 ? 4.420   -19.440 -0.232  1.00 60.91  ? 274 ARG A CA  1 
ATOM   884  C C   . ARG A 1 118 ? 5.386   -18.767 0.717   1.00 52.69  ? 274 ARG A C   1 
ATOM   885  O O   . ARG A 1 118 ? 5.864   -17.680 0.444   1.00 50.52  ? 274 ARG A O   1 
ATOM   886  C CB  . ARG A 1 118 ? 5.157   -20.346 -1.228  1.00 61.03  ? 274 ARG A CB  1 
ATOM   887  C CG  . ARG A 1 118 ? 4.962   -20.047 -2.705  1.00 62.38  ? 274 ARG A CG  1 
ATOM   888  C CD  . ARG A 1 118 ? 5.063   -21.347 -3.503  1.00 66.22  ? 274 ARG A CD  1 
ATOM   889  N NE  . ARG A 1 118 ? 6.325   -22.063 -3.271  1.00 64.88  ? 274 ARG A NE  1 
ATOM   890  C CZ  . ARG A 1 118 ? 7.442   -21.890 -3.982  1.00 62.57  ? 274 ARG A CZ  1 
ATOM   891  N NH1 . ARG A 1 118 ? 7.481   -21.009 -4.984  1.00 55.74  ? 274 ARG A NH1 1 
ATOM   892  N NH2 . ARG A 1 118 ? 8.536   -22.597 -3.687  1.00 58.86  ? 274 ARG A NH2 1 
ATOM   893  N N   . PRO A 1 119 ? 5.666   -19.410 1.852   1.00 55.09  ? 275 PRO A N   1 
ATOM   894  C CA  . PRO A 1 119 ? 6.684   -18.813 2.707   1.00 58.41  ? 275 PRO A CA  1 
ATOM   895  C C   . PRO A 1 119 ? 7.966   -18.715 1.905   1.00 52.64  ? 275 PRO A C   1 
ATOM   896  O O   . PRO A 1 119 ? 8.236   -19.613 1.116   1.00 60.15  ? 275 PRO A O   1 
ATOM   897  C CB  . PRO A 1 119 ? 6.849   -19.827 3.849   1.00 56.54  ? 275 PRO A CB  1 
ATOM   898  C CG  . PRO A 1 119 ? 5.800   -20.868 3.646   1.00 52.18  ? 275 PRO A CG  1 
ATOM   899  C CD  . PRO A 1 119 ? 5.344   -20.793 2.236   1.00 52.18  ? 275 PRO A CD  1 
ATOM   900  N N   . GLY A 1 120 ? 8.721   -17.636 2.072   1.00 46.59  ? 276 GLY A N   1 
ATOM   901  C CA  . GLY A 1 120 ? 9.992   -17.467 1.357   1.00 46.56  ? 276 GLY A CA  1 
ATOM   902  C C   . GLY A 1 120 ? 9.906   -16.692 0.051   1.00 42.07  ? 276 GLY A C   1 
ATOM   903  O O   . GLY A 1 120 ? 10.921  -16.246 -0.467  1.00 39.89  ? 276 GLY A O   1 
ATOM   904  N N   . GLU A 1 121 ? 8.706   -16.539 -0.488  1.00 37.23  ? 277 GLU A N   1 
ATOM   905  C CA  . GLU A 1 121 ? 8.518   -15.751 -1.690  1.00 42.26  ? 277 GLU A CA  1 
ATOM   906  C C   . GLU A 1 121 ? 9.232   -14.408 -1.565  1.00 38.79  ? 277 GLU A C   1 
ATOM   907  O O   . GLU A 1 121 ? 9.045   -13.724 -0.573  1.00 46.46  ? 277 GLU A O   1 
ATOM   908  C CB  . GLU A 1 121 ? 7.027   -15.463 -1.909  1.00 46.77  ? 277 GLU A CB  1 
ATOM   909  C CG  . GLU A 1 121 ? 6.262   -16.463 -2.752  1.00 49.28  ? 277 GLU A CG  1 
ATOM   910  C CD  . GLU A 1 121 ? 5.137   -15.786 -3.546  1.00 59.99  ? 277 GLU A CD  1 
ATOM   911  O OE1 . GLU A 1 121 ? 5.432   -14.983 -4.475  1.00 50.98  ? 277 GLU A OE1 1 
ATOM   912  O OE2 . GLU A 1 121 ? 3.957   -16.049 -3.231  1.00 70.17  ? 277 GLU A OE2 1 
ATOM   913  N N   . PHE A 1 122 ? 10.026  -14.025 -2.561  1.00 34.50  ? 278 PHE A N   1 
ATOM   914  C CA  . PHE A 1 122 ? 10.472  -12.639 -2.684  1.00 35.07  ? 278 PHE A CA  1 
ATOM   915  C C   . PHE A 1 122 ? 9.283   -11.687 -2.920  1.00 39.93  ? 278 PHE A C   1 
ATOM   916  O O   . PHE A 1 122 ? 8.394   -11.985 -3.707  1.00 42.17  ? 278 PHE A O   1 
ATOM   917  C CB  . PHE A 1 122 ? 11.423  -12.484 -3.853  1.00 37.89  ? 278 PHE A CB  1 
ATOM   918  C CG  . PHE A 1 122 ? 12.756  -13.120 -3.642  1.00 41.41  ? 278 PHE A CG  1 
ATOM   919  C CD1 . PHE A 1 122 ? 13.574  -12.696 -2.625  1.00 42.24  ? 278 PHE A CD1 1 
ATOM   920  C CD2 . PHE A 1 122 ? 13.200  -14.123 -4.481  1.00 41.14  ? 278 PHE A CD2 1 
ATOM   921  C CE1 . PHE A 1 122 ? 14.803  -13.266 -2.429  1.00 45.23  ? 278 PHE A CE1 1 
ATOM   922  C CE2 . PHE A 1 122 ? 14.423  -14.689 -4.293  1.00 44.28  ? 278 PHE A CE2 1 
ATOM   923  C CZ  . PHE A 1 122 ? 15.237  -14.257 -3.257  1.00 47.07  ? 278 PHE A CZ  1 
ATOM   924  N N   . VAL A 1 123 ? 9.276   -10.543 -2.236  1.00 41.27  ? 279 VAL A N   1 
ATOM   925  C CA  . VAL A 1 123 ? 8.201   -9.556  -2.352  1.00 37.93  ? 279 VAL A CA  1 
ATOM   926  C C   . VAL A 1 123 ? 8.859   -8.212  -2.419  1.00 35.38  ? 279 VAL A C   1 
ATOM   927  O O   . VAL A 1 123 ? 9.940   -8.037  -1.847  1.00 32.93  ? 279 VAL A O   1 
ATOM   928  C CB  . VAL A 1 123 ? 7.246   -9.544  -1.128  1.00 38.65  ? 279 VAL A CB  1 
ATOM   929  C CG1 . VAL A 1 123 ? 6.343   -10.735 -1.129  1.00 48.51  ? 279 VAL A CG1 1 
ATOM   930  C CG2 . VAL A 1 123 ? 8.020   -9.526  0.164   1.00 46.18  ? 279 VAL A CG2 1 
ATOM   931  N N   . VAL A 1 124 ? 8.192   -7.272  -3.093  1.00 32.64  ? 280 VAL A N   1 
ATOM   932  C CA  . VAL A 1 124 ? 8.668   -5.910  -3.274  1.00 31.76  ? 280 VAL A CA  1 
ATOM   933  C C   . VAL A 1 124 ? 7.665   -4.986  -2.667  1.00 33.78  ? 280 VAL A C   1 
ATOM   934  O O   . VAL A 1 124 ? 6.535   -4.970  -3.102  1.00 39.56  ? 280 VAL A O   1 
ATOM   935  C CB  . VAL A 1 124 ? 8.778   -5.559  -4.767  1.00 31.80  ? 280 VAL A CB  1 
ATOM   936  C CG1 . VAL A 1 124 ? 8.888   -4.040  -5.005  1.00 27.12  ? 280 VAL A CG1 1 
ATOM   937  C CG2 . VAL A 1 124 ? 9.954   -6.295  -5.392  1.00 33.86  ? 280 VAL A CG2 1 
ATOM   938  N N   . ALA A 1 125 ? 8.079   -4.203  -1.676  1.00 39.26  ? 281 ALA A N   1 
ATOM   939  C CA  . ALA A 1 125 ? 7.225   -3.159  -1.089  1.00 41.62  ? 281 ALA A CA  1 
ATOM   940  C C   . ALA A 1 125 ? 7.599   -1.821  -1.687  1.00 43.67  ? 281 ALA A C   1 
ATOM   941  O O   . ALA A 1 125 ? 8.773   -1.583  -1.971  1.00 40.99  ? 281 ALA A O   1 
ATOM   942  C CB  . ALA A 1 125 ? 7.399   -3.120  0.432   1.00 35.07  ? 281 ALA A CB  1 
ATOM   943  N N   . ILE A 1 126 ? 6.622   -0.941  -1.895  1.00 51.46  ? 282 ILE A N   1 
ATOM   944  C CA  . ILE A 1 126 ? 6.945   0.454   -2.250  1.00 52.92  ? 282 ILE A CA  1 
ATOM   945  C C   . ILE A 1 126 ? 5.928   1.430   -1.685  1.00 59.27  ? 282 ILE A C   1 
ATOM   946  O O   . ILE A 1 126 ? 4.731   1.216   -1.772  1.00 68.58  ? 282 ILE A O   1 
ATOM   947  C CB  . ILE A 1 126 ? 7.186   0.670   -3.771  1.00 53.24  ? 282 ILE A CB  1 
ATOM   948  C CG1 . ILE A 1 126 ? 6.786   2.067   -4.201  1.00 59.65  ? 282 ILE A CG1 1 
ATOM   949  C CG2 . ILE A 1 126 ? 6.438   -0.328  -4.625  1.00 57.63  ? 282 ILE A CG2 1 
ATOM   950  C CD1 . ILE A 1 126 ? 7.014   2.300   -5.678  1.00 69.67  ? 282 ILE A CD1 1 
ATOM   951  N N   . GLY A 1 127 ? 6.438   2.500   -1.086  1.00 66.86  ? 283 GLY A N   1 
ATOM   952  C CA  . GLY A 1 127 ? 5.608   3.506   -0.452  1.00 64.47  ? 283 GLY A CA  1 
ATOM   953  C C   . GLY A 1 127 ? 6.442   4.700   -0.045  1.00 69.14  ? 283 GLY A C   1 
ATOM   954  O O   . GLY A 1 127 ? 7.538   4.899   -0.568  1.00 65.68  ? 283 GLY A O   1 
ATOM   955  N N   . SER A 1 128 ? 5.932   5.480   0.905   1.00 73.71  ? 284 SER A N   1 
ATOM   956  C CA  . SER A 1 128 ? 6.530   6.762   1.267   1.00 70.64  ? 284 SER A CA  1 
ATOM   957  C C   . SER A 1 128 ? 6.918   6.831   2.740   1.00 69.36  ? 284 SER A C   1 
ATOM   958  O O   . SER A 1 128 ? 6.297   7.553   3.511   1.00 66.63  ? 284 SER A O   1 
ATOM   959  C CB  . SER A 1 128 ? 5.553   7.897   0.950   1.00 67.26  ? 284 SER A CB  1 
ATOM   960  O OG  . SER A 1 128 ? 5.239   7.915   -0.424  1.00 67.38  ? 284 SER A OG  1 
ATOM   961  N N   . PRO A 1 129 ? 7.964   6.094   3.137   1.00 63.98  ? 285 PRO A N   1 
ATOM   962  C CA  . PRO A 1 129 ? 8.453   6.308   4.485   1.00 66.57  ? 285 PRO A CA  1 
ATOM   963  C C   . PRO A 1 129 ? 8.899   7.752   4.634   1.00 69.60  ? 285 PRO A C   1 
ATOM   964  O O   . PRO A 1 129 ? 9.645   8.252   3.780   1.00 63.59  ? 285 PRO A O   1 
ATOM   965  C CB  . PRO A 1 129 ? 9.665   5.373   4.589   1.00 64.41  ? 285 PRO A CB  1 
ATOM   966  C CG  . PRO A 1 129 ? 9.581   4.466   3.430   1.00 62.30  ? 285 PRO A CG  1 
ATOM   967  C CD  . PRO A 1 129 ? 8.819   5.178   2.375   1.00 61.67  ? 285 PRO A CD  1 
ATOM   968  N N   . PHE A 1 130 ? 8.421   8.424   5.682   1.00 68.33  ? 286 PHE A N   1 
ATOM   969  C CA  . PHE A 1 130 ? 8.859   9.788   5.985   1.00 66.97  ? 286 PHE A CA  1 
ATOM   970  C C   . PHE A 1 130 ? 8.661   10.722  4.790   1.00 66.21  ? 286 PHE A C   1 
ATOM   971  O O   . PHE A 1 130 ? 9.472   11.609  4.541   1.00 64.97  ? 286 PHE A O   1 
ATOM   972  C CB  . PHE A 1 130 ? 10.342  9.785   6.406   1.00 66.41  ? 286 PHE A CB  1 
ATOM   973  C CG  . PHE A 1 130 ? 10.685  8.725   7.428   1.00 60.05  ? 286 PHE A CG  1 
ATOM   974  C CD1 . PHE A 1 130 ? 11.635  7.760   7.154   1.00 58.30  ? 286 PHE A CD1 1 
ATOM   975  C CD2 . PHE A 1 130 ? 10.044  8.695   8.659   1.00 61.21  ? 286 PHE A CD2 1 
ATOM   976  C CE1 . PHE A 1 130 ? 11.944  6.780   8.095   1.00 62.22  ? 286 PHE A CE1 1 
ATOM   977  C CE2 . PHE A 1 130 ? 10.349  7.722   9.605   1.00 60.23  ? 286 PHE A CE2 1 
ATOM   978  C CZ  . PHE A 1 130 ? 11.296  6.762   9.320   1.00 59.25  ? 286 PHE A CZ  1 
ATOM   979  N N   . SER A 1 131 ? 7.588   10.498  4.040   1.00 75.45  ? 287 SER A N   1 
ATOM   980  C CA  . SER A 1 131 ? 7.294   11.274  2.827   1.00 78.25  ? 287 SER A CA  1 
ATOM   981  C C   . SER A 1 131 ? 8.358   11.187  1.729   1.00 70.73  ? 287 SER A C   1 
ATOM   982  O O   . SER A 1 131 ? 8.357   12.004  0.807   1.00 70.40  ? 287 SER A O   1 
ATOM   983  C CB  . SER A 1 131 ? 7.018   12.733  3.181   1.00 76.15  ? 287 SER A CB  1 
ATOM   984  O OG  . SER A 1 131 ? 6.100   12.789  4.256   1.00 89.32  ? 287 SER A OG  1 
ATOM   985  N N   . LEU A 1 132 ? 9.242   10.190  1.818   1.00 68.18  ? 288 LEU A N   1 
ATOM   986  C CA  . LEU A 1 132 ? 10.181  9.880   0.738   1.00 69.63  ? 288 LEU A CA  1 
ATOM   987  C C   . LEU A 1 132 ? 9.423   9.095   -0.347  1.00 69.01  ? 288 LEU A C   1 
ATOM   988  O O   . LEU A 1 132 ? 9.542   7.875   -0.461  1.00 59.68  ? 288 LEU A O   1 
ATOM   989  C CB  . LEU A 1 132 ? 11.392  9.094   1.267   1.00 65.40  ? 288 LEU A CB  1 
ATOM   990  C CG  . LEU A 1 132 ? 12.214  9.753   2.386   1.00 66.79  ? 288 LEU A CG  1 
ATOM   991  C CD1 . LEU A 1 132 ? 13.259  8.815   2.958   1.00 57.84  ? 288 LEU A CD1 1 
ATOM   992  C CD2 . LEU A 1 132 ? 12.881  11.023  1.884   1.00 67.78  ? 288 LEU A CD2 1 
ATOM   993  N N   . GLN A 1 133 ? 8.631   9.820   -1.131  1.00 73.96  ? 289 GLN A N   1 
ATOM   994  C CA  . GLN A 1 133 ? 7.731   9.211   -2.108  1.00 71.12  ? 289 GLN A CA  1 
ATOM   995  C C   . GLN A 1 133 ? 8.462   8.264   -3.052  1.00 71.29  ? 289 GLN A C   1 
ATOM   996  O O   . GLN A 1 133 ? 9.653   8.454   -3.344  1.00 62.15  ? 289 GLN A O   1 
ATOM   997  C CB  . GLN A 1 133 ? 6.940   10.275  -2.887  1.00 73.92  ? 289 GLN A CB  1 
ATOM   998  C CG  . GLN A 1 133 ? 7.773   11.278  -3.699  1.00 81.34  ? 289 GLN A CG  1 
ATOM   999  C CD  . GLN A 1 133 ? 8.371   12.408  -2.867  1.00 85.63  ? 289 GLN A CD  1 
ATOM   1000 O OE1 . GLN A 1 133 ? 7.733   12.932  -1.949  1.00 93.66  ? 289 GLN A OE1 1 
ATOM   1001 N NE2 . GLN A 1 133 ? 9.602   12.795  -3.196  1.00 78.85  ? 289 GLN A NE2 1 
ATOM   1002 N N   . ASN A 1 134 ? 7.739   7.232   -3.492  1.00 67.50  ? 290 ASN A N   1 
ATOM   1003 C CA  . ASN A 1 134 ? 8.266   6.196   -4.387  1.00 67.87  ? 290 ASN A CA  1 
ATOM   1004 C C   . ASN A 1 134 ? 9.607   5.594   -3.946  1.00 66.25  ? 290 ASN A C   1 
ATOM   1005 O O   . ASN A 1 134 ? 10.535  5.455   -4.750  1.00 65.91  ? 290 ASN A O   1 
ATOM   1006 C CB  . ASN A 1 134 ? 8.347   6.716   -5.838  1.00 72.62  ? 290 ASN A CB  1 
ATOM   1007 C CG  . ASN A 1 134 ? 7.805   5.699   -6.854  1.00 81.29  ? 290 ASN A CG  1 
ATOM   1008 O OD1 . ASN A 1 134 ? 6.584   5.500   -6.958  1.00 81.70  ? 290 ASN A OD1 1 
ATOM   1009 N ND2 . ASN A 1 134 ? 8.706   5.049   -7.599  1.00 69.93  ? 290 ASN A ND2 1 
ATOM   1010 N N   . THR A 1 135 ? 9.698   5.260   -2.656  1.00 65.01  ? 291 THR A N   1 
ATOM   1011 C CA  . THR A 1 135 ? 10.791  4.442   -2.113  1.00 51.39  ? 291 THR A CA  1 
ATOM   1012 C C   . THR A 1 135 ? 10.414  3.010   -2.345  1.00 46.75  ? 291 THR A C   1 
ATOM   1013 O O   . THR A 1 135 ? 9.301   2.624   -1.992  1.00 45.56  ? 291 THR A O   1 
ATOM   1014 C CB  . THR A 1 135 ? 10.934  4.582   -0.568  1.00 46.76  ? 291 THR A CB  1 
ATOM   1015 O OG1 . THR A 1 135 ? 11.496  5.847   -0.235  1.00 46.93  ? 291 THR A OG1 1 
ATOM   1016 C CG2 . THR A 1 135 ? 11.838  3.505   0.005   1.00 44.08  ? 291 THR A CG2 1 
ATOM   1017 N N   . VAL A 1 136 ? 11.325  2.212   -2.899  1.00 46.12  ? 292 VAL A N   1 
ATOM   1018 C CA  . VAL A 1 136 ? 11.131  0.744   -2.919  1.00 43.00  ? 292 VAL A CA  1 
ATOM   1019 C C   . VAL A 1 136 ? 12.123  0.003   -2.015  1.00 38.29  ? 292 VAL A C   1 
ATOM   1020 O O   . VAL A 1 136 ? 13.316  0.261   -2.048  1.00 42.89  ? 292 VAL A O   1 
ATOM   1021 C CB  . VAL A 1 136 ? 11.135  0.125   -4.363  1.00 41.22  ? 292 VAL A CB  1 
ATOM   1022 C CG1 . VAL A 1 136 ? 12.031  0.897   -5.308  1.00 43.05  ? 292 VAL A CG1 1 
ATOM   1023 C CG2 . VAL A 1 136 ? 11.533  -1.342  -4.316  1.00 42.06  ? 292 VAL A CG2 1 
ATOM   1024 N N   . THR A 1 137 ? 11.592  -0.893  -1.193  1.00 34.65  ? 293 THR A N   1 
ATOM   1025 C CA  . THR A 1 137 ? 12.360  -1.869  -0.452  1.00 34.25  ? 293 THR A CA  1 
ATOM   1026 C C   . THR A 1 137 ? 11.844  -3.295  -0.750  1.00 39.77  ? 293 THR A C   1 
ATOM   1027 O O   . THR A 1 137 ? 10.762  -3.477  -1.325  1.00 41.55  ? 293 THR A O   1 
ATOM   1028 C CB  . THR A 1 137 ? 12.208  -1.638  1.032   1.00 36.96  ? 293 THR A CB  1 
ATOM   1029 O OG1 . THR A 1 137 ? 10.833  -1.812  1.402   1.00 29.37  ? 293 THR A OG1 1 
ATOM   1030 C CG2 . THR A 1 137 ? 12.715  -0.233  1.431   1.00 34.82  ? 293 THR A CG2 1 
ATOM   1031 N N   . THR A 1 138 ? 12.611  -4.307  -0.348  1.00 41.64  ? 294 THR A N   1 
ATOM   1032 C CA  . THR A 1 138 ? 12.300  -5.687  -0.709  1.00 41.25  ? 294 THR A CA  1 
ATOM   1033 C C   . THR A 1 138 ? 12.806  -6.706  0.293   1.00 38.43  ? 294 THR A C   1 
ATOM   1034 O O   . THR A 1 138 ? 13.776  -6.492  0.997   1.00 42.33  ? 294 THR A O   1 
ATOM   1035 C CB  . THR A 1 138 ? 12.879  -6.040  -2.087  1.00 50.52  ? 294 THR A CB  1 
ATOM   1036 O OG1 . THR A 1 138 ? 12.750  -7.449  -2.318  1.00 63.25  ? 294 THR A OG1 1 
ATOM   1037 C CG2 . THR A 1 138 ? 14.359  -5.642  -2.176  1.00 47.71  ? 294 THR A CG2 1 
ATOM   1038 N N   . GLY A 1 139 ? 12.131  -7.843  0.321   1.00 43.60  ? 295 GLY A N   1 
ATOM   1039 C CA  . GLY A 1 139 ? 12.362  -8.887  1.320   1.00 39.54  ? 295 GLY A CA  1 
ATOM   1040 C C   . GLY A 1 139 ? 11.615  -10.141 0.921   1.00 37.21  ? 295 GLY A C   1 
ATOM   1041 O O   . GLY A 1 139 ? 11.563  -10.475 -0.253  1.00 35.81  ? 295 GLY A O   1 
ATOM   1042 N N   . ILE A 1 140 ? 11.033  -10.833 1.890   1.00 39.31  ? 296 ILE A N   1 
ATOM   1043 C CA  . ILE A 1 140 ? 10.410  -12.129 1.636   1.00 38.60  ? 296 ILE A CA  1 
ATOM   1044 C C   . ILE A 1 140 ? 9.244   -12.359 2.567   1.00 39.51  ? 296 ILE A C   1 
ATOM   1045 O O   . ILE A 1 140 ? 9.209   -11.792 3.652   1.00 42.81  ? 296 ILE A O   1 
ATOM   1046 C CB  . ILE A 1 140 ? 11.405  -13.285 1.814   1.00 35.64  ? 296 ILE A CB  1 
ATOM   1047 C CG1 . ILE A 1 140 ? 11.874  -13.388 3.265   1.00 40.40  ? 296 ILE A CG1 1 
ATOM   1048 C CG2 . ILE A 1 140 ? 12.601  -13.084 0.897   1.00 36.58  ? 296 ILE A CG2 1 
ATOM   1049 C CD1 . ILE A 1 140 ? 12.344  -14.797 3.675   1.00 43.54  ? 296 ILE A CD1 1 
ATOM   1050 N N   . VAL A 1 141 ? 8.290   -13.187 2.146   1.00 40.39  ? 297 VAL A N   1 
ATOM   1051 C CA  . VAL A 1 141 ? 7.164   -13.543 3.005   1.00 39.09  ? 297 VAL A CA  1 
ATOM   1052 C C   . VAL A 1 141 ? 7.722   -14.289 4.185   1.00 37.80  ? 297 VAL A C   1 
ATOM   1053 O O   . VAL A 1 141 ? 8.175   -15.399 4.030   1.00 40.35  ? 297 VAL A O   1 
ATOM   1054 C CB  . VAL A 1 141 ? 6.163   -14.462 2.294   1.00 35.20  ? 297 VAL A CB  1 
ATOM   1055 C CG1 . VAL A 1 141 ? 5.225   -15.103 3.321   1.00 36.49  ? 297 VAL A CG1 1 
ATOM   1056 C CG2 . VAL A 1 141 ? 5.406   -13.690 1.253   1.00 30.62  ? 297 VAL A CG2 1 
ATOM   1057 N N   . SER A 1 142 ? 7.719   -13.678 5.357   1.00 43.05  ? 298 SER A N   1 
ATOM   1058 C CA  . SER A 1 142 ? 8.313   -14.322 6.529   1.00 51.67  ? 298 SER A CA  1 
ATOM   1059 C C   . SER A 1 142 ? 7.319   -15.271 7.193   1.00 49.13  ? 298 SER A C   1 
ATOM   1060 O O   . SER A 1 142 ? 7.707   -16.123 7.984   1.00 54.33  ? 298 SER A O   1 
ATOM   1061 C CB  . SER A 1 142 ? 8.815   -13.272 7.533   1.00 54.61  ? 298 SER A CB  1 
ATOM   1062 O OG  . SER A 1 142 ? 9.829   -12.452 6.963   1.00 48.22  ? 298 SER A OG  1 
ATOM   1063 N N   . THR A 1 143 ? 6.042   -15.094 6.878   1.00 45.88  ? 299 THR A N   1 
ATOM   1064 C CA  . THR A 1 143 ? 4.994   -16.025 7.269   1.00 52.72  ? 299 THR A CA  1 
ATOM   1065 C C   . THR A 1 143 ? 3.708   -15.638 6.561   1.00 56.82  ? 299 THR A C   1 
ATOM   1066 O O   . THR A 1 143 ? 3.341   -14.461 6.499   1.00 63.25  ? 299 THR A O   1 
ATOM   1067 C CB  . THR A 1 143 ? 4.752   -16.053 8.793   1.00 55.70  ? 299 THR A CB  1 
ATOM   1068 O OG1 . THR A 1 143 ? 5.680   -16.964 9.396   1.00 51.90  ? 299 THR A OG1 1 
ATOM   1069 C CG2 . THR A 1 143 ? 3.316   -16.515 9.111   1.00 50.98  ? 299 THR A CG2 1 
ATOM   1070 N N   . THR A 1 144 ? 3.024   -16.643 6.041   1.00 58.84  ? 300 THR A N   1 
ATOM   1071 C CA  . THR A 1 144 ? 1.917   -16.426 5.125   1.00 59.71  ? 300 THR A CA  1 
ATOM   1072 C C   . THR A 1 144 ? 0.684   -15.967 5.876   1.00 58.40  ? 300 THR A C   1 
ATOM   1073 O O   . THR A 1 144 ? -0.024  -15.068 5.421   1.00 54.12  ? 300 THR A O   1 
ATOM   1074 C CB  . THR A 1 144 ? 1.604   -17.711 4.349   1.00 55.56  ? 300 THR A CB  1 
ATOM   1075 O OG1 . THR A 1 144 ? 1.655   -18.821 5.250   1.00 60.97  ? 300 THR A OG1 1 
ATOM   1076 C CG2 . THR A 1 144 ? 2.631   -17.930 3.244   1.00 51.02  ? 300 THR A CG2 1 
ATOM   1077 N N   . GLN A 1 145 ? 0.441   -16.581 7.030   1.00 62.55  ? 301 GLN A N   1 
ATOM   1078 C CA  . GLN A 1 145 ? -0.724  -16.261 7.845   1.00 67.83  ? 301 GLN A CA  1 
ATOM   1079 C C   . GLN A 1 145 ? -0.354  -16.130 9.311   1.00 67.45  ? 301 GLN A C   1 
ATOM   1080 O O   . GLN A 1 145 ? -0.157  -17.136 9.994   1.00 61.25  ? 301 GLN A O   1 
ATOM   1081 C CB  . GLN A 1 145 ? -1.776  -17.359 7.703   1.00 78.96  ? 301 GLN A CB  1 
ATOM   1082 C CG  . GLN A 1 145 ? -2.492  -17.398 6.352   1.00 82.55  ? 301 GLN A CG  1 
ATOM   1083 C CD  . GLN A 1 145 ? -3.186  -18.728 6.105   1.00 82.84  ? 301 GLN A CD  1 
ATOM   1084 O OE1 . GLN A 1 145 ? -3.436  -19.497 7.038   1.00 81.44  ? 301 GLN A OE1 1 
ATOM   1085 N NE2 . GLN A 1 145 ? -3.493  -19.006 4.841   1.00 78.79  ? 301 GLN A NE2 1 
ATOM   1086 N N   . ARG A 1 146 ? -0.245  -14.894 9.789   1.00 68.70  ? 302 ARG A N   1 
ATOM   1087 C CA  . ARG A 1 146 ? -0.135  -14.647 11.218  1.00 69.96  ? 302 ARG A CA  1 
ATOM   1088 C C   . ARG A 1 146 ? -1.341  -13.849 11.666  1.00 77.77  ? 302 ARG A C   1 
ATOM   1089 O O   . ARG A 1 146 ? -1.592  -12.749 11.152  1.00 79.77  ? 302 ARG A O   1 
ATOM   1090 C CB  . ARG A 1 146 ? 1.150   -13.908 11.574  1.00 69.35  ? 302 ARG A CB  1 
ATOM   1091 C CG  . ARG A 1 146 ? 1.541   -14.141 13.020  1.00 70.88  ? 302 ARG A CG  1 
ATOM   1092 C CD  . ARG A 1 146 ? 2.980   -13.805 13.300  1.00 74.14  ? 302 ARG A CD  1 
ATOM   1093 N NE  . ARG A 1 146 ? 3.939   -14.722 12.682  1.00 70.78  ? 302 ARG A NE  1 
ATOM   1094 C CZ  . ARG A 1 146 ? 4.215   -15.949 13.108  1.00 70.89  ? 302 ARG A CZ  1 
ATOM   1095 N NH1 . ARG A 1 146 ? 3.584   -16.474 14.146  1.00 73.34  ? 302 ARG A NH1 1 
ATOM   1096 N NH2 . ARG A 1 146 ? 5.128   -16.668 12.473  1.00 83.48  ? 302 ARG A NH2 1 
ATOM   1097 N N   . GLY A 1 147 ? -2.084  -14.414 12.617  1.00 75.88  ? 303 GLY A N   1 
ATOM   1098 C CA  . GLY A 1 147 ? -3.342  -13.837 13.069  1.00 78.14  ? 303 GLY A CA  1 
ATOM   1099 C C   . GLY A 1 147 ? -3.123  -12.682 14.014  1.00 77.26  ? 303 GLY A C   1 
ATOM   1100 O O   . GLY A 1 147 ? -2.243  -12.740 14.871  1.00 84.08  ? 303 GLY A O   1 
ATOM   1101 N N   . GLY A 1 148 ? -3.932  -11.636 13.866  1.00 74.14  ? 304 GLY A N   1 
ATOM   1102 C CA  . GLY A 1 148 ? -3.842  -10.459 14.729  1.00 82.28  ? 304 GLY A CA  1 
ATOM   1103 C C   . GLY A 1 148 ? -3.817  -10.813 16.206  1.00 91.17  ? 304 GLY A C   1 
ATOM   1104 O O   . GLY A 1 148 ? -3.239  -10.083 17.012  1.00 96.86  ? 304 GLY A O   1 
ATOM   1105 N N   . LYS A 1 149 ? -4.436  -11.942 16.553  1.00 94.64  ? 305 LYS A N   1 
ATOM   1106 C CA  . LYS A 1 149 ? -4.420  -12.466 17.917  1.00 103.57 ? 305 LYS A CA  1 
ATOM   1107 C C   . LYS A 1 149 ? -3.008  -12.756 18.423  1.00 99.27  ? 305 LYS A C   1 
ATOM   1108 O O   . LYS A 1 149 ? -2.746  -12.641 19.621  1.00 99.52  ? 305 LYS A O   1 
ATOM   1109 C CB  . LYS A 1 149 ? -5.279  -13.734 18.014  1.00 121.33 ? 305 LYS A CB  1 
ATOM   1110 C CG  . LYS A 1 149 ? -6.780  -13.484 17.851  1.00 134.31 ? 305 LYS A CG  1 
ATOM   1111 C CD  . LYS A 1 149 ? -7.594  -14.766 18.018  1.00 142.90 ? 305 LYS A CD  1 
ATOM   1112 C CE  . LYS A 1 149 ? -9.085  -14.527 17.780  1.00 146.62 ? 305 LYS A CE  1 
ATOM   1113 N NZ  . LYS A 1 149 ? -9.895  -15.773 17.912  1.00 149.05 ? 305 LYS A NZ  1 
ATOM   1114 N N   . GLU A 1 150 ? -2.102  -13.128 17.517  1.00 93.99  ? 306 GLU A N   1 
ATOM   1115 C CA  . GLU A 1 150 ? -0.701  -13.368 17.881  1.00 91.01  ? 306 GLU A CA  1 
ATOM   1116 C C   . GLU A 1 150 ? 0.067   -12.072 18.146  1.00 86.89  ? 306 GLU A C   1 
ATOM   1117 O O   . GLU A 1 150 ? 1.133   -12.106 18.760  1.00 79.42  ? 306 GLU A O   1 
ATOM   1118 C CB  . GLU A 1 150 ? 0.033   -14.158 16.789  1.00 92.51  ? 306 GLU A CB  1 
ATOM   1119 C CG  . GLU A 1 150 ? -0.594  -15.501 16.430  1.00 94.77  ? 306 GLU A CG  1 
ATOM   1120 C CD  . GLU A 1 150 ? 0.334   -16.390 15.614  1.00 93.95  ? 306 GLU A CD  1 
ATOM   1121 O OE1 . GLU A 1 150 ? 1.417   -16.746 16.130  1.00 91.57  ? 306 GLU A OE1 1 
ATOM   1122 O OE2 . GLU A 1 150 ? -0.022  -16.742 14.465  1.00 89.34  ? 306 GLU A OE2 1 
ATOM   1123 N N   . LEU A 1 151 ? -0.472  -10.943 17.684  1.00 90.63  ? 307 LEU A N   1 
ATOM   1124 C CA  . LEU A 1 151 ? 0.238   -9.657  17.719  1.00 96.82  ? 307 LEU A CA  1 
ATOM   1125 C C   . LEU A 1 151 ? -0.162  -8.736  18.879  1.00 108.65 ? 307 LEU A C   1 
ATOM   1126 O O   . LEU A 1 151 ? 0.509   -7.729  19.131  1.00 115.06 ? 307 LEU A O   1 
ATOM   1127 C CB  . LEU A 1 151 ? 0.028   -8.920  16.392  1.00 89.69  ? 307 LEU A CB  1 
ATOM   1128 C CG  . LEU A 1 151 ? 0.572   -9.652  15.166  1.00 87.32  ? 307 LEU A CG  1 
ATOM   1129 C CD1 . LEU A 1 151 ? 0.005   -9.073  13.875  1.00 84.11  ? 307 LEU A CD1 1 
ATOM   1130 C CD2 . LEU A 1 151 ? 2.085   -9.598  15.178  1.00 83.23  ? 307 LEU A CD2 1 
ATOM   1131 N N   . GLY A 1 152 ? -1.246  -9.071  19.577  1.00 113.42 ? 308 GLY A N   1 
ATOM   1132 C CA  . GLY A 1 152 ? -1.731  -8.249  20.685  1.00 116.63 ? 308 GLY A CA  1 
ATOM   1133 C C   . GLY A 1 152 ? -3.173  -7.804  20.528  1.00 118.50 ? 308 GLY A C   1 
ATOM   1134 O O   . GLY A 1 152 ? -3.827  -7.482  21.517  1.00 135.98 ? 308 GLY A O   1 
ATOM   1135 N N   . LEU A 1 153 ? -3.670  -7.775  19.293  1.00 113.82 ? 309 LEU A N   1 
ATOM   1136 C CA  . LEU A 1 153 ? -5.076  -7.458  19.037  1.00 113.26 ? 309 LEU A CA  1 
ATOM   1137 C C   . LEU A 1 153 ? -5.959  -8.543  19.650  1.00 114.60 ? 309 LEU A C   1 
ATOM   1138 O O   . LEU A 1 153 ? -6.210  -9.569  19.021  1.00 109.82 ? 309 LEU A O   1 
ATOM   1139 C CB  . LEU A 1 153 ? -5.350  -7.347  17.530  1.00 114.33 ? 309 LEU A CB  1 
ATOM   1140 C CG  . LEU A 1 153 ? -4.633  -6.234  16.761  1.00 113.06 ? 309 LEU A CG  1 
ATOM   1141 C CD1 . LEU A 1 153 ? -4.743  -6.456  15.259  1.00 110.90 ? 309 LEU A CD1 1 
ATOM   1142 C CD2 . LEU A 1 153 ? -5.185  -4.868  17.140  1.00 120.02 ? 309 LEU A CD2 1 
ATOM   1143 N N   . ARG A 1 154 ? -6.414  -8.305  20.882  1.00 125.57 ? 310 ARG A N   1 
ATOM   1144 C CA  . ARG A 1 154 ? -7.223  -9.272  21.637  1.00 124.40 ? 310 ARG A CA  1 
ATOM   1145 C C   . ARG A 1 154 ? -8.281  -9.942  20.760  1.00 127.12 ? 310 ARG A C   1 
ATOM   1146 O O   . ARG A 1 154 ? -8.320  -11.171 20.653  1.00 119.59 ? 310 ARG A O   1 
ATOM   1147 C CB  . ARG A 1 154 ? -7.892  -8.586  22.829  1.00 20.00  ? 310 ARG A CB  1 
ATOM   1148 N N   . ASN A 1 155 ? -9.130  -9.122  20.139  1.00 132.84 ? 311 ASN A N   1 
ATOM   1149 C CA  . ASN A 1 155 ? -10.081 -9.591  19.133  1.00 132.83 ? 311 ASN A CA  1 
ATOM   1150 C C   . ASN A 1 155 ? -9.558  -9.270  17.743  1.00 132.36 ? 311 ASN A C   1 
ATOM   1151 O O   . ASN A 1 155 ? -9.374  -8.098  17.406  1.00 132.11 ? 311 ASN A O   1 
ATOM   1152 C CB  . ASN A 1 155 ? -11.454 -8.939  19.322  1.00 128.94 ? 311 ASN A CB  1 
ATOM   1153 C CG  . ASN A 1 155 ? -12.253 -9.581  20.430  1.00 126.92 ? 311 ASN A CG  1 
ATOM   1154 O OD1 . ASN A 1 155 ? -13.205 -10.320 20.176  1.00 123.85 ? 311 ASN A OD1 1 
ATOM   1155 N ND2 . ASN A 1 155 ? -11.859 -9.321  21.671  1.00 123.75 ? 311 ASN A ND2 1 
ATOM   1156 N N   . SER A 1 156 ? -9.311  -10.308 16.945  1.00 124.84 ? 312 SER A N   1 
ATOM   1157 C CA  . SER A 1 156 ? -8.930  -10.116 15.549  1.00 118.22 ? 312 SER A CA  1 
ATOM   1158 C C   . SER A 1 156 ? -9.301  -11.318 14.693  1.00 112.07 ? 312 SER A C   1 
ATOM   1159 O O   . SER A 1 156 ? -8.926  -12.450 14.996  1.00 103.82 ? 312 SER A O   1 
ATOM   1160 C CB  . SER A 1 156 ? -7.432  -9.836  15.423  1.00 115.76 ? 312 SER A CB  1 
ATOM   1161 O OG  . SER A 1 156 ? -7.116  -9.402  14.109  1.00 112.71 ? 312 SER A OG  1 
ATOM   1162 N N   . ASP A 1 157 ? -10.041 -11.049 13.623  1.00 113.35 ? 313 ASP A N   1 
ATOM   1163 C CA  . ASP A 1 157 ? -10.411 -12.064 12.645  1.00 119.40 ? 313 ASP A CA  1 
ATOM   1164 C C   . ASP A 1 157 ? -9.406  -12.051 11.489  1.00 115.98 ? 313 ASP A C   1 
ATOM   1165 O O   . ASP A 1 157 ? -9.461  -12.904 10.603  1.00 115.54 ? 313 ASP A O   1 
ATOM   1166 C CB  . ASP A 1 157 ? -11.829 -11.787 12.119  1.00 128.47 ? 313 ASP A CB  1 
ATOM   1167 C CG  . ASP A 1 157 ? -12.636 -13.056 11.875  1.00 137.12 ? 313 ASP A CG  1 
ATOM   1168 O OD1 . ASP A 1 157 ? -12.053 -14.163 11.842  1.00 142.04 ? 313 ASP A OD1 1 
ATOM   1169 O OD2 . ASP A 1 157 ? -13.871 -12.939 11.717  1.00 138.39 ? 313 ASP A OD2 1 
ATOM   1170 N N   . MET A 1 158 ? -8.491  -11.080 11.515  1.00 109.52 ? 314 MET A N   1 
ATOM   1171 C CA  . MET A 1 158 ? -7.562  -10.830 10.419  1.00 98.15  ? 314 MET A CA  1 
ATOM   1172 C C   . MET A 1 158 ? -6.306  -11.697 10.527  1.00 93.52  ? 314 MET A C   1 
ATOM   1173 O O   . MET A 1 158 ? -5.832  -11.986 11.628  1.00 87.52  ? 314 MET A O   1 
ATOM   1174 C CB  . MET A 1 158 ? -7.176  -9.347  10.420  1.00 98.30  ? 314 MET A CB  1 
ATOM   1175 C CG  . MET A 1 158 ? -6.362  -8.872  9.223   1.00 100.19 ? 314 MET A CG  1 
ATOM   1176 S SD  . MET A 1 158 ? -7.306  -8.744  7.693   1.00 101.52 ? 314 MET A SD  1 
ATOM   1177 C CE  . MET A 1 158 ? -7.292  -10.449 7.153   1.00 103.28 ? 314 MET A CE  1 
ATOM   1178 N N   . ASP A 1 159 ? -5.790  -12.115 9.371   1.00 88.54  ? 315 ASP A N   1 
ATOM   1179 C CA  . ASP A 1 159 ? -4.527  -12.841 9.259   1.00 89.19  ? 315 ASP A CA  1 
ATOM   1180 C C   . ASP A 1 159 ? -3.580  -12.061 8.360   1.00 80.38  ? 315 ASP A C   1 
ATOM   1181 O O   . ASP A 1 159 ? -3.746  -12.050 7.147   1.00 76.31  ? 315 ASP A O   1 
ATOM   1182 C CB  . ASP A 1 159 ? -4.758  -14.234 8.656   1.00 91.87  ? 315 ASP A CB  1 
ATOM   1183 C CG  . ASP A 1 159 ? -5.104  -15.283 9.696   1.00 101.11 ? 315 ASP A CG  1 
ATOM   1184 O OD1 . ASP A 1 159 ? -5.373  -14.934 10.867  1.00 106.72 ? 315 ASP A OD1 1 
ATOM   1185 O OD2 . ASP A 1 159 ? -5.106  -16.475 9.332   1.00 111.88 ? 315 ASP A OD2 1 
ATOM   1186 N N   . TYR A 1 160 ? -2.579  -11.418 8.945   1.00 76.72  ? 316 TYR A N   1 
ATOM   1187 C CA  . TYR A 1 160 ? -1.674  -10.586 8.163   1.00 65.09  ? 316 TYR A CA  1 
ATOM   1188 C C   . TYR A 1 160 ? -0.545  -11.422 7.579   1.00 61.58  ? 316 TYR A C   1 
ATOM   1189 O O   . TYR A 1 160 ? -0.124  -12.433 8.161   1.00 58.10  ? 316 TYR A O   1 
ATOM   1190 C CB  . TYR A 1 160 ? -1.087  -9.472  9.019   1.00 62.40  ? 316 TYR A CB  1 
ATOM   1191 C CG  . TYR A 1 160 ? -2.114  -8.616  9.715   1.00 64.64  ? 316 TYR A CG  1 
ATOM   1192 C CD1 . TYR A 1 160 ? -2.580  -8.945  10.991  1.00 68.25  ? 316 TYR A CD1 1 
ATOM   1193 C CD2 . TYR A 1 160 ? -2.612  -7.469  9.108   1.00 64.93  ? 316 TYR A CD2 1 
ATOM   1194 C CE1 . TYR A 1 160 ? -3.523  -8.149  11.643  1.00 71.68  ? 316 TYR A CE1 1 
ATOM   1195 C CE2 . TYR A 1 160 ? -3.546  -6.669  9.746   1.00 68.79  ? 316 TYR A CE2 1 
ATOM   1196 C CZ  . TYR A 1 160 ? -3.998  -7.007  11.008  1.00 78.92  ? 316 TYR A CZ  1 
ATOM   1197 O OH  . TYR A 1 160 ? -4.932  -6.190  11.609  1.00 87.55  ? 316 TYR A OH  1 
ATOM   1198 N N   . ILE A 1 161 ? -0.075  -10.992 6.415   1.00 53.71  ? 317 ILE A N   1 
ATOM   1199 C CA  . ILE A 1 161 ? 1.136   -11.523 5.824   1.00 50.31  ? 317 ILE A CA  1 
ATOM   1200 C C   . ILE A 1 161 ? 2.305   -10.823 6.484   1.00 48.04  ? 317 ILE A C   1 
ATOM   1201 O O   . ILE A 1 161 ? 2.292   -9.605  6.629   1.00 51.79  ? 317 ILE A O   1 
ATOM   1202 C CB  . ILE A 1 161 ? 1.198   -11.234 4.325   1.00 48.90  ? 317 ILE A CB  1 
ATOM   1203 C CG1 . ILE A 1 161 ? 0.017   -11.882 3.602   1.00 48.90  ? 317 ILE A CG1 1 
ATOM   1204 C CG2 . ILE A 1 161 ? 2.498   -11.747 3.736   1.00 49.70  ? 317 ILE A CG2 1 
ATOM   1205 C CD1 . ILE A 1 161 ? -0.010  -11.570 2.111   1.00 50.45  ? 317 ILE A CD1 1 
ATOM   1206 N N   . GLN A 1 162 ? 3.322   -11.585 6.860   1.00 44.87  ? 318 GLN A N   1 
ATOM   1207 C CA  . GLN A 1 162 ? 4.477   -11.026 7.556   1.00 48.15  ? 318 GLN A CA  1 
ATOM   1208 C C   . GLN A 1 162 ? 5.644   -10.958 6.590   1.00 49.49  ? 318 GLN A C   1 
ATOM   1209 O O   . GLN A 1 162 ? 5.829   -11.886 5.796   1.00 61.72  ? 318 GLN A O   1 
ATOM   1210 C CB  . GLN A 1 162 ? 4.830   -11.901 8.755   1.00 46.60  ? 318 GLN A CB  1 
ATOM   1211 C CG  . GLN A 1 162 ? 5.972   -11.398 9.582   1.00 45.61  ? 318 GLN A CG  1 
ATOM   1212 C CD  . GLN A 1 162 ? 6.268   -12.316 10.751  1.00 50.58  ? 318 GLN A CD  1 
ATOM   1213 O OE1 . GLN A 1 162 ? 5.350   -12.749 11.441  1.00 60.64  ? 318 GLN A OE1 1 
ATOM   1214 N NE2 . GLN A 1 162 ? 7.548   -12.620 10.980  1.00 50.32  ? 318 GLN A NE2 1 
ATOM   1215 N N   . THR A 1 163 ? 6.430   -9.881  6.655   1.00 44.18  ? 319 THR A N   1 
ATOM   1216 C CA  . THR A 1 163 ? 7.545   -9.679  5.723   1.00 41.94  ? 319 THR A CA  1 
ATOM   1217 C C   . THR A 1 163 ? 8.744   -9.037  6.372   1.00 42.94  ? 319 THR A C   1 
ATOM   1218 O O   . THR A 1 163 ? 8.583   -8.144  7.214   1.00 49.31  ? 319 THR A O   1 
ATOM   1219 C CB  . THR A 1 163 ? 7.162   -8.764  4.550   1.00 45.08  ? 319 THR A CB  1 
ATOM   1220 O OG1 . THR A 1 163 ? 8.292   -8.612  3.678   1.00 45.32  ? 319 THR A OG1 1 
ATOM   1221 C CG2 . THR A 1 163 ? 6.734   -7.369  5.037   1.00 40.90  ? 319 THR A CG2 1 
ATOM   1222 N N   . ASP A 1 164 ? 9.943   -9.459  5.950   1.00 42.44  ? 320 ASP A N   1 
ATOM   1223 C CA  . ASP A 1 164 ? 11.191  -8.828  6.397   1.00 42.48  ? 320 ASP A CA  1 
ATOM   1224 C C   . ASP A 1 164 ? 11.625  -7.695  5.487   1.00 40.42  ? 320 ASP A C   1 
ATOM   1225 O O   . ASP A 1 164 ? 12.712  -7.142  5.655   1.00 45.75  ? 320 ASP A O   1 
ATOM   1226 C CB  . ASP A 1 164 ? 12.324  -9.840  6.584   1.00 48.84  ? 320 ASP A CB  1 
ATOM   1227 C CG  . ASP A 1 164 ? 12.915  -10.321 5.274   1.00 53.98  ? 320 ASP A CG  1 
ATOM   1228 O OD1 . ASP A 1 164 ? 12.227  -10.218 4.233   1.00 51.53  ? 320 ASP A OD1 1 
ATOM   1229 O OD2 . ASP A 1 164 ? 14.070  -10.816 5.301   1.00 53.63  ? 320 ASP A OD2 1 
ATOM   1230 N N   . ALA A 1 165 ? 10.779  -7.325  4.535   1.00 37.14  ? 321 ALA A N   1 
ATOM   1231 C CA  . ALA A 1 165 ? 10.972  -6.066  3.851   1.00 37.62  ? 321 ALA A CA  1 
ATOM   1232 C C   . ALA A 1 165 ? 10.848  -4.929  4.871   1.00 37.12  ? 321 ALA A C   1 
ATOM   1233 O O   . ALA A 1 165 ? 9.921   -4.890  5.652   1.00 46.32  ? 321 ALA A O   1 
ATOM   1234 C CB  . ALA A 1 165 ? 9.969   -5.900  2.752   1.00 32.54  ? 321 ALA A CB  1 
ATOM   1235 N N   . ILE A 1 166 ? 11.801  -4.013  4.864   1.00 44.38  ? 322 ILE A N   1 
ATOM   1236 C CA  . ILE A 1 166 ? 11.780  -2.876  5.771   1.00 44.82  ? 322 ILE A CA  1 
ATOM   1237 C C   . ILE A 1 166 ? 10.661  -1.977  5.372   1.00 45.71  ? 322 ILE A C   1 
ATOM   1238 O O   . ILE A 1 166 ? 10.490  -1.693  4.190   1.00 52.27  ? 322 ILE A O   1 
ATOM   1239 C CB  . ILE A 1 166 ? 13.111  -2.087  5.747   1.00 45.91  ? 322 ILE A CB  1 
ATOM   1240 C CG1 . ILE A 1 166 ? 14.192  -2.897  6.486   1.00 44.25  ? 322 ILE A CG1 1 
ATOM   1241 C CG2 . ILE A 1 166 ? 12.919  -0.670  6.324   1.00 36.84  ? 322 ILE A CG2 1 
ATOM   1242 C CD1 . ILE A 1 166 ? 15.138  -2.043  7.322   1.00 49.42  ? 322 ILE A CD1 1 
ATOM   1243 N N   . ILE A 1 167 ? 9.929   -1.521  6.381   1.00 49.12  ? 323 ILE A N   1 
ATOM   1244 C CA  . ILE A 1 167 ? 8.673   -0.805  6.217   1.00 48.10  ? 323 ILE A CA  1 
ATOM   1245 C C   . ILE A 1 167 ? 8.616   0.242   7.322   1.00 51.59  ? 323 ILE A C   1 
ATOM   1246 O O   . ILE A 1 167 ? 8.924   -0.045  8.484   1.00 49.27  ? 323 ILE A O   1 
ATOM   1247 C CB  . ILE A 1 167 ? 7.480   -1.796  6.357   1.00 51.29  ? 323 ILE A CB  1 
ATOM   1248 C CG1 . ILE A 1 167 ? 6.622   -1.822  5.089   1.00 52.43  ? 323 ILE A CG1 1 
ATOM   1249 C CG2 . ILE A 1 167 ? 6.627   -1.468  7.583   1.00 48.62  ? 323 ILE A CG2 1 
ATOM   1250 C CD1 . ILE A 1 167 ? 7.395   -2.160  3.848   1.00 46.99  ? 323 ILE A CD1 1 
ATOM   1251 N N   . ASN A 1 168 ? 8.243   1.462   6.977   1.00 57.98  ? 324 ASN A N   1 
ATOM   1252 C CA  . ASN A 1 168 ? 8.383   2.561   7.919   1.00 61.46  ? 324 ASN A CA  1 
ATOM   1253 C C   . ASN A 1 168 ? 7.201   3.503   7.902   1.00 60.74  ? 324 ASN A C   1 
ATOM   1254 O O   . ASN A 1 168 ? 6.347   3.397   7.030   1.00 64.81  ? 324 ASN A O   1 
ATOM   1255 C CB  . ASN A 1 168 ? 9.681   3.313   7.627   1.00 63.54  ? 324 ASN A CB  1 
ATOM   1256 C CG  . ASN A 1 168 ? 10.819  2.856   8.509   1.00 65.84  ? 324 ASN A CG  1 
ATOM   1257 O OD1 . ASN A 1 168 ? 10.815  3.098   9.715   1.00 77.53  ? 324 ASN A OD1 1 
ATOM   1258 N ND2 . ASN A 1 168 ? 11.801  2.194   7.916   1.00 73.89  ? 324 ASN A ND2 1 
ATOM   1259 N N   . TYR A 1 169 ? 7.160   4.416   8.872   1.00 60.47  ? 325 TYR A N   1 
ATOM   1260 C CA  . TYR A 1 169 ? 6.075   5.384   8.977   1.00 68.29  ? 325 TYR A CA  1 
ATOM   1261 C C   . TYR A 1 169 ? 5.889   6.091   7.644   1.00 64.27  ? 325 TYR A C   1 
ATOM   1262 O O   . TYR A 1 169 ? 6.775   6.837   7.198   1.00 62.11  ? 325 TYR A O   1 
ATOM   1263 C CB  . TYR A 1 169 ? 6.335   6.400   10.095  1.00 78.22  ? 325 TYR A CB  1 
ATOM   1264 C CG  . TYR A 1 169 ? 6.314   5.783   11.479  1.00 86.71  ? 325 TYR A CG  1 
ATOM   1265 C CD1 . TYR A 1 169 ? 5.138   5.247   12.007  1.00 93.24  ? 325 TYR A CD1 1 
ATOM   1266 C CD2 . TYR A 1 169 ? 7.470   5.721   12.255  1.00 93.47  ? 325 TYR A CD2 1 
ATOM   1267 C CE1 . TYR A 1 169 ? 5.115   4.666   13.281  1.00 96.51  ? 325 TYR A CE1 1 
ATOM   1268 C CE2 . TYR A 1 169 ? 7.457   5.145   13.526  1.00 99.07  ? 325 TYR A CE2 1 
ATOM   1269 C CZ  . TYR A 1 169 ? 6.278   4.620   14.031  1.00 95.24  ? 325 TYR A CZ  1 
ATOM   1270 O OH  . TYR A 1 169 ? 6.268   4.050   15.283  1.00 97.42  ? 325 TYR A OH  1 
ATOM   1271 N N   . GLY A 1 170 ? 4.750   5.812   7.003   1.00 57.03  ? 326 GLY A N   1 
ATOM   1272 C CA  . GLY A 1 170 ? 4.432   6.352   5.683   1.00 59.58  ? 326 GLY A CA  1 
ATOM   1273 C C   . GLY A 1 170 ? 4.231   5.311   4.594   1.00 61.94  ? 326 GLY A C   1 
ATOM   1274 O O   . GLY A 1 170 ? 3.658   5.611   3.546   1.00 65.04  ? 326 GLY A O   1 
ATOM   1275 N N   . ASN A 1 171 ? 4.716   4.092   4.820   1.00 64.91  ? 327 ASN A N   1 
ATOM   1276 C CA  . ASN A 1 171 ? 4.470   2.992   3.892   1.00 61.11  ? 327 ASN A CA  1 
ATOM   1277 C C   . ASN A 1 171 ? 3.004   2.589   3.948   1.00 68.41  ? 327 ASN A C   1 
ATOM   1278 O O   . ASN A 1 171 ? 2.451   2.069   2.970   1.00 78.23  ? 327 ASN A O   1 
ATOM   1279 C CB  . ASN A 1 171 ? 5.356   1.779   4.208   1.00 56.04  ? 327 ASN A CB  1 
ATOM   1280 C CG  . ASN A 1 171 ? 6.759   1.908   3.642   1.00 55.32  ? 327 ASN A CG  1 
ATOM   1281 O OD1 . ASN A 1 171 ? 7.739   1.842   4.388   1.00 69.21  ? 327 ASN A OD1 1 
ATOM   1282 N ND2 . ASN A 1 171 ? 6.868   2.091   2.325   1.00 48.25  ? 327 ASN A ND2 1 
ATOM   1283 N N   . SER A 1 172 ? 2.389   2.829   5.104   1.00 63.54  ? 328 SER A N   1 
ATOM   1284 C CA  . SER A 1 172 ? 0.979   2.548   5.319   1.00 67.39  ? 328 SER A CA  1 
ATOM   1285 C C   . SER A 1 172 ? 0.164   2.684   4.029   1.00 66.66  ? 328 SER A C   1 
ATOM   1286 O O   . SER A 1 172 ? 0.288   3.669   3.292   1.00 66.22  ? 328 SER A O   1 
ATOM   1287 C CB  . SER A 1 172 ? 0.426   3.462   6.427   1.00 71.49  ? 328 SER A CB  1 
ATOM   1288 O OG  . SER A 1 172 ? 0.838   2.998   7.719   1.00 74.77  ? 328 SER A OG  1 
ATOM   1289 N N   . GLY A 1 173 ? -0.628  1.662   3.731   1.00 70.05  ? 329 GLY A N   1 
ATOM   1290 C CA  . GLY A 1 173 ? -1.511  1.683   2.566   1.00 73.85  ? 329 GLY A CA  1 
ATOM   1291 C C   . GLY A 1 173 ? -0.879  1.243   1.251   1.00 74.64  ? 329 GLY A C   1 
ATOM   1292 O O   . GLY A 1 173 ? -1.574  0.770   0.356   1.00 83.27  ? 329 GLY A O   1 
ATOM   1293 N N   . GLY A 1 174 ? 0.434   1.401   1.121   1.00 69.77  ? 330 GLY A N   1 
ATOM   1294 C CA  . GLY A 1 174 ? 1.123   1.021   -0.105  1.00 62.51  ? 330 GLY A CA  1 
ATOM   1295 C C   . GLY A 1 174 ? 1.148   -0.485  -0.341  1.00 57.27  ? 330 GLY A C   1 
ATOM   1296 O O   . GLY A 1 174 ? 0.904   -1.276  0.588   1.00 45.76  ? 330 GLY A O   1 
ATOM   1297 N N   . PRO A 1 175 ? 1.475   -0.890  -1.583  1.00 52.45  ? 331 PRO A N   1 
ATOM   1298 C CA  . PRO A 1 175 ? 1.355   -2.266  -2.051  1.00 56.36  ? 331 PRO A CA  1 
ATOM   1299 C C   . PRO A 1 175 ? 2.533   -3.144  -1.696  1.00 48.24  ? 331 PRO A C   1 
ATOM   1300 O O   . PRO A 1 175 ? 3.674   -2.708  -1.791  1.00 46.99  ? 331 PRO A O   1 
ATOM   1301 C CB  . PRO A 1 175 ? 1.322   -2.099  -3.570  1.00 58.34  ? 331 PRO A CB  1 
ATOM   1302 C CG  . PRO A 1 175 ? 2.167   -0.901  -3.818  1.00 56.37  ? 331 PRO A CG  1 
ATOM   1303 C CD  . PRO A 1 175 ? 1.942   0.005   -2.656  1.00 53.24  ? 331 PRO A CD  1 
ATOM   1304 N N   . LEU A 1 176 ? 2.245   -4.374  -1.308  1.00 46.19  ? 332 LEU A N   1 
ATOM   1305 C CA  . LEU A 1 176 ? 3.263   -5.422  -1.207  1.00 46.86  ? 332 LEU A CA  1 
ATOM   1306 C C   . LEU A 1 176 ? 3.031   -6.363  -2.394  1.00 48.12  ? 332 LEU A C   1 
ATOM   1307 O O   . LEU A 1 176 ? 2.078   -7.136  -2.365  1.00 48.67  ? 332 LEU A O   1 
ATOM   1308 C CB  . LEU A 1 176 ? 3.101   -6.177  0.119   1.00 41.35  ? 332 LEU A CB  1 
ATOM   1309 C CG  . LEU A 1 176 ? 4.186   -7.179  0.524   1.00 41.84  ? 332 LEU A CG  1 
ATOM   1310 C CD1 . LEU A 1 176 ? 5.555   -6.519  0.684   1.00 44.14  ? 332 LEU A CD1 1 
ATOM   1311 C CD2 . LEU A 1 176 ? 3.815   -7.907  1.804   1.00 39.07  ? 332 LEU A CD2 1 
ATOM   1312 N N   . VAL A 1 177 ? 3.868   -6.275  -3.432  1.00 43.33  ? 333 VAL A N   1 
ATOM   1313 C CA  . VAL A 1 177 ? 3.728   -7.117  -4.618  1.00 45.02  ? 333 VAL A CA  1 
ATOM   1314 C C   . VAL A 1 177 ? 4.666   -8.318  -4.636  1.00 47.52  ? 333 VAL A C   1 
ATOM   1315 O O   . VAL A 1 177 ? 5.622   -8.388  -3.872  1.00 50.47  ? 333 VAL A O   1 
ATOM   1316 C CB  . VAL A 1 177 ? 4.003   -6.342  -5.900  1.00 48.15  ? 333 VAL A CB  1 
ATOM   1317 C CG1 . VAL A 1 177 ? 3.389   -4.970  -5.842  1.00 44.77  ? 333 VAL A CG1 1 
ATOM   1318 C CG2 . VAL A 1 177 ? 5.482   -6.256  -6.139  1.00 54.65  ? 333 VAL A CG2 1 
ATOM   1319 N N   . ASN A 1 178 ? 4.392   -9.264  -5.528  1.00 51.73  ? 334 ASN A N   1 
ATOM   1320 C CA  . ASN A 1 178 ? 5.250   -10.451 -5.685  1.00 50.27  ? 334 ASN A CA  1 
ATOM   1321 C C   . ASN A 1 178 ? 5.966   -10.370 -7.018  1.00 49.63  ? 334 ASN A C   1 
ATOM   1322 O O   . ASN A 1 178 ? 5.867   -9.355  -7.717  1.00 43.78  ? 334 ASN A O   1 
ATOM   1323 C CB  . ASN A 1 178 ? 4.440   -11.748 -5.591  1.00 48.19  ? 334 ASN A CB  1 
ATOM   1324 C CG  . ASN A 1 178 ? 3.390   -11.877 -6.700  1.00 53.22  ? 334 ASN A CG  1 
ATOM   1325 O OD1 . ASN A 1 178 ? 3.412   -11.149 -7.711  1.00 46.39  ? 334 ASN A OD1 1 
ATOM   1326 N ND2 . ASN A 1 178 ? 2.446   -12.803 -6.498  1.00 53.17  ? 334 ASN A ND2 1 
ATOM   1327 N N   . LEU A 1 179 ? 6.664   -11.436 -7.391  1.00 47.40  ? 335 LEU A N   1 
ATOM   1328 C CA  . LEU A 1 179 ? 7.465   -11.379 -8.599  1.00 51.08  ? 335 LEU A CA  1 
ATOM   1329 C C   . LEU A 1 179 ? 6.695   -11.339 -9.905  1.00 55.24  ? 335 LEU A C   1 
ATOM   1330 O O   . LEU A 1 179 ? 7.258   -10.967 -10.935 1.00 59.77  ? 335 LEU A O   1 
ATOM   1331 C CB  . LEU A 1 179 ? 8.496   -12.496 -8.607  1.00 49.07  ? 335 LEU A CB  1 
ATOM   1332 C CG  . LEU A 1 179 ? 9.603   -12.229 -7.580  1.00 44.80  ? 335 LEU A CG  1 
ATOM   1333 C CD1 . LEU A 1 179 ? 10.901  -12.744 -8.103  1.00 42.33  ? 335 LEU A CD1 1 
ATOM   1334 C CD2 . LEU A 1 179 ? 9.730   -10.753 -7.285  1.00 39.73  ? 335 LEU A CD2 1 
ATOM   1335 N N   . ASP A 1 180 ? 5.408   -11.671 -9.869  1.00 61.93  ? 336 ASP A N   1 
ATOM   1336 C CA  . ASP A 1 180 ? 4.560   -11.501 -11.049 1.00 68.15  ? 336 ASP A CA  1 
ATOM   1337 C C   . ASP A 1 180 ? 4.130   -10.052 -11.197 1.00 67.67  ? 336 ASP A C   1 
ATOM   1338 O O   . ASP A 1 180 ? 3.672   -9.655  -12.261 1.00 76.36  ? 336 ASP A O   1 
ATOM   1339 C CB  . ASP A 1 180 ? 3.330   -12.413 -10.989 1.00 72.37  ? 336 ASP A CB  1 
ATOM   1340 C CG  . ASP A 1 180 ? 3.684   -13.890 -11.126 1.00 72.07  ? 336 ASP A CG  1 
ATOM   1341 O OD1 . ASP A 1 180 ? 4.673   -14.231 -11.816 1.00 72.70  ? 336 ASP A OD1 1 
ATOM   1342 O OD2 . ASP A 1 180 ? 2.959   -14.713 -10.543 1.00 75.63  ? 336 ASP A OD2 1 
ATOM   1343 N N   . GLY A 1 181 ? 4.291   -9.269  -10.133 1.00 67.06  ? 337 GLY A N   1 
ATOM   1344 C CA  . GLY A 1 181 ? 3.933   -7.851  -10.136 1.00 61.49  ? 337 GLY A CA  1 
ATOM   1345 C C   . GLY A 1 181 ? 2.526   -7.618  -9.611  1.00 61.13  ? 337 GLY A C   1 
ATOM   1346 O O   . GLY A 1 181 ? 1.921   -6.586  -9.892  1.00 63.40  ? 337 GLY A O   1 
ATOM   1347 N N   . GLU A 1 182 ? 2.010   -8.563  -8.833  1.00 59.99  ? 338 GLU A N   1 
ATOM   1348 C CA  . GLU A 1 182 ? 0.635   -8.511  -8.389  1.00 63.66  ? 338 GLU A CA  1 
ATOM   1349 C C   . GLU A 1 182 ? 0.585   -8.254  -6.905  1.00 62.33  ? 338 GLU A C   1 
ATOM   1350 O O   . GLU A 1 182 ? 1.338   -8.853  -6.141  1.00 69.92  ? 338 GLU A O   1 
ATOM   1351 C CB  . GLU A 1 182 ? -0.081  -9.835  -8.691  1.00 74.16  ? 338 GLU A CB  1 
ATOM   1352 C CG  . GLU A 1 182 ? 0.159   -10.378 -10.099 1.00 79.02  ? 338 GLU A CG  1 
ATOM   1353 C CD  . GLU A 1 182 ? -0.867  -11.429 -10.533 1.00 79.97  ? 338 GLU A CD  1 
ATOM   1354 O OE1 . GLU A 1 182 ? -1.213  -12.321 -9.721  1.00 85.30  ? 338 GLU A OE1 1 
ATOM   1355 O OE2 . GLU A 1 182 ? -1.310  -11.359 -11.702 1.00 66.50  ? 338 GLU A OE2 1 
ATOM   1356 N N   . VAL A 1 183 ? -0.341  -7.390  -6.507  1.00 63.26  ? 339 VAL A N   1 
ATOM   1357 C CA  . VAL A 1 183 ? -0.529  -7.021  -5.116  1.00 63.47  ? 339 VAL A CA  1 
ATOM   1358 C C   . VAL A 1 183 ? -1.008  -8.224  -4.313  1.00 61.82  ? 339 VAL A C   1 
ATOM   1359 O O   . VAL A 1 183 ? -2.123  -8.694  -4.492  1.00 69.24  ? 339 VAL A O   1 
ATOM   1360 C CB  . VAL A 1 183 ? -1.568  -5.868  -4.961  1.00 65.35  ? 339 VAL A CB  1 
ATOM   1361 C CG1 . VAL A 1 183 ? -1.765  -5.518  -3.497  1.00 62.74  ? 339 VAL A CG1 1 
ATOM   1362 C CG2 . VAL A 1 183 ? -1.158  -4.625  -5.769  1.00 59.69  ? 339 VAL A CG2 1 
ATOM   1363 N N   . ILE A 1 184 ? -0.146  -8.716  -3.434  1.00 63.75  ? 340 ILE A N   1 
ATOM   1364 C CA  . ILE A 1 184 ? -0.515  -9.742  -2.470  1.00 64.85  ? 340 ILE A CA  1 
ATOM   1365 C C   . ILE A 1 184 ? -0.865  -9.130  -1.123  1.00 62.60  ? 340 ILE A C   1 
ATOM   1366 O O   . ILE A 1 184 ? -1.265  -9.852  -0.211  1.00 67.25  ? 340 ILE A O   1 
ATOM   1367 C CB  . ILE A 1 184 ? 0.610   -10.783 -2.272  1.00 66.34  ? 340 ILE A CB  1 
ATOM   1368 C CG1 . ILE A 1 184 ? 1.879   -10.134 -1.700  1.00 76.68  ? 340 ILE A CG1 1 
ATOM   1369 C CG2 . ILE A 1 184 ? 0.942   -11.439 -3.590  1.00 69.88  ? 340 ILE A CG2 1 
ATOM   1370 C CD1 . ILE A 1 184 ? 2.952   -11.118 -1.277  1.00 83.16  ? 340 ILE A CD1 1 
ATOM   1371 N N   . GLY A 1 185 ? -0.707  -7.815  -0.977  1.00 57.18  ? 341 GLY A N   1 
ATOM   1372 C CA  . GLY A 1 185 ? -1.017  -7.179  0.308   1.00 59.66  ? 341 GLY A CA  1 
ATOM   1373 C C   . GLY A 1 185 ? -0.861  -5.666  0.403   1.00 58.72  ? 341 GLY A C   1 
ATOM   1374 O O   . GLY A 1 185 ? -0.262  -5.027  -0.470  1.00 52.94  ? 341 GLY A O   1 
ATOM   1375 N N   . ILE A 1 186 ? -1.439  -5.098  1.467   1.00 63.04  ? 342 ILE A N   1 
ATOM   1376 C CA  . ILE A 1 186 ? -1.249  -3.689  1.812   1.00 65.61  ? 342 ILE A CA  1 
ATOM   1377 C C   . ILE A 1 186 ? -0.420  -3.617  3.077   1.00 61.65  ? 342 ILE A C   1 
ATOM   1378 O O   . ILE A 1 186 ? -0.807  -4.184  4.108   1.00 49.92  ? 342 ILE A O   1 
ATOM   1379 C CB  . ILE A 1 186 ? -2.567  -2.947  2.105   1.00 75.69  ? 342 ILE A CB  1 
ATOM   1380 C CG1 . ILE A 1 186 ? -3.428  -2.830  0.863   1.00 82.69  ? 342 ILE A CG1 1 
ATOM   1381 C CG2 . ILE A 1 186 ? -2.283  -1.528  2.575   1.00 78.66  ? 342 ILE A CG2 1 
ATOM   1382 C CD1 . ILE A 1 186 ? -4.839  -2.398  1.181   1.00 87.61  ? 342 ILE A CD1 1 
ATOM   1383 N N   . ASN A 1 187 ? 0.697   -2.897  2.997   1.00 58.29  ? 343 ASN A N   1 
ATOM   1384 C CA  . ASN A 1 187 ? 1.590   -2.712  4.138   1.00 63.87  ? 343 ASN A CA  1 
ATOM   1385 C C   . ASN A 1 187 ? 0.910   -1.882  5.217   1.00 60.13  ? 343 ASN A C   1 
ATOM   1386 O O   . ASN A 1 187 ? 0.500   -0.755  4.943   1.00 67.32  ? 343 ASN A O   1 
ATOM   1387 C CB  . ASN A 1 187 ? 2.865   -2.011  3.688   1.00 65.78  ? 343 ASN A CB  1 
ATOM   1388 C CG  . ASN A 1 187 ? 3.588   -2.770  2.602   1.00 66.69  ? 343 ASN A CG  1 
ATOM   1389 O OD1 . ASN A 1 187 ? 3.708   -3.995  2.667   1.00 60.33  ? 343 ASN A OD1 1 
ATOM   1390 N ND2 . ASN A 1 187 ? 4.079   -2.045  1.597   1.00 66.56  ? 343 ASN A ND2 1 
ATOM   1391 N N   . THR A 1 188 ? 0.834   -2.418  6.437   1.00 54.94  ? 344 THR A N   1 
ATOM   1392 C CA  . THR A 1 188 ? -0.115  -1.933  7.435   1.00 64.44  ? 344 THR A CA  1 
ATOM   1393 C C   . THR A 1 188 ? 0.451   -1.740  8.853   1.00 65.84  ? 344 THR A C   1 
ATOM   1394 O O   . THR A 1 188 ? 0.268   -0.681  9.436   1.00 62.78  ? 344 THR A O   1 
ATOM   1395 C CB  . THR A 1 188 ? -1.340  -2.878  7.465   1.00 71.84  ? 344 THR A CB  1 
ATOM   1396 O OG1 . THR A 1 188 ? -1.870  -2.986  6.137   1.00 70.89  ? 344 THR A OG1 1 
ATOM   1397 C CG2 . THR A 1 188 ? -2.429  -2.363  8.394   1.00 71.94  ? 344 THR A CG2 1 
ATOM   1398 N N   . LEU A 1 189 ? 1.101   -2.754  9.422   1.00 73.41  ? 345 LEU A N   1 
ATOM   1399 C CA  . LEU A 1 189 ? 1.710   -2.629  10.764  1.00 67.72  ? 345 LEU A CA  1 
ATOM   1400 C C   . LEU A 1 189 ? 3.209   -2.874  10.701  1.00 62.74  ? 345 LEU A C   1 
ATOM   1401 O O   . LEU A 1 189 ? 3.730   -3.315  9.687   1.00 68.23  ? 345 LEU A O   1 
ATOM   1402 C CB  . LEU A 1 189 ? 1.094   -3.618  11.766  1.00 68.00  ? 345 LEU A CB  1 
ATOM   1403 C CG  . LEU A 1 189 ? -0.386  -3.982  11.597  1.00 72.05  ? 345 LEU A CG  1 
ATOM   1404 C CD1 . LEU A 1 189 ? -0.870  -4.803  12.771  1.00 68.71  ? 345 LEU A CD1 1 
ATOM   1405 C CD2 . LEU A 1 189 ? -1.248  -2.750  11.440  1.00 78.08  ? 345 LEU A CD2 1 
ATOM   1406 N N   . LYS A 1 190 ? 3.887   -2.577  11.804  1.00 60.16  ? 346 LYS A N   1 
ATOM   1407 C CA  . LYS A 1 190 ? 5.302   -2.895  11.991  1.00 54.47  ? 346 LYS A CA  1 
ATOM   1408 C C   . LYS A 1 190 ? 5.539   -3.209  13.474  1.00 54.84  ? 346 LYS A C   1 
ATOM   1409 O O   . LYS A 1 190 ? 4.975   -2.544  14.340  1.00 68.10  ? 346 LYS A O   1 
ATOM   1410 C CB  . LYS A 1 190 ? 6.178   -1.737  11.481  1.00 53.88  ? 346 LYS A CB  1 
ATOM   1411 C CG  . LYS A 1 190 ? 7.421   -1.378  12.321  1.00 58.32  ? 346 LYS A CG  1 
ATOM   1412 C CD  . LYS A 1 190 ? 8.200   -0.210  11.682  1.00 59.97  ? 346 LYS A CD  1 
ATOM   1413 C CE  . LYS A 1 190 ? 9.138   0.511   12.666  1.00 62.79  ? 346 LYS A CE  1 
ATOM   1414 N NZ  . LYS A 1 190 ? 8.394   1.432   13.590  1.00 63.91  ? 346 LYS A NZ  1 
ATOM   1415 N N   . VAL A 1 191 ? 6.333   -4.242  13.764  1.00 56.32  ? 347 VAL A N   1 
ATOM   1416 C CA  . VAL A 1 191 ? 6.764   -4.539  15.138  1.00 54.56  ? 347 VAL A CA  1 
ATOM   1417 C C   . VAL A 1 191 ? 8.168   -3.990  15.327  1.00 57.22  ? 347 VAL A C   1 
ATOM   1418 O O   . VAL A 1 191 ? 8.417   -3.205  16.235  1.00 64.47  ? 347 VAL A O   1 
ATOM   1419 C CB  . VAL A 1 191 ? 6.765   -6.033  15.446  1.00 51.79  ? 347 VAL A CB  1 
ATOM   1420 C CG1 . VAL A 1 191 ? 7.456   -6.283  16.756  1.00 51.41  ? 347 VAL A CG1 1 
ATOM   1421 C CG2 . VAL A 1 191 ? 5.343   -6.570  15.491  1.00 55.59  ? 347 VAL A CG2 1 
ATOM   1422 N N   . THR A 1 192 ? 9.073   -4.397  14.444  1.00 57.53  ? 348 THR A N   1 
ATOM   1423 C CA  . THR A 1 192 ? 10.429  -3.859  14.398  1.00 53.17  ? 348 THR A CA  1 
ATOM   1424 C C   . THR A 1 192 ? 10.975  -3.932  12.959  1.00 51.93  ? 348 THR A C   1 
ATOM   1425 O O   . THR A 1 192 ? 10.372  -4.573  12.098  1.00 55.99  ? 348 THR A O   1 
ATOM   1426 C CB  . THR A 1 192 ? 11.352  -4.638  15.358  1.00 52.95  ? 348 THR A CB  1 
ATOM   1427 O OG1 . THR A 1 192 ? 12.598  -3.947  15.492  1.00 53.48  ? 348 THR A OG1 1 
ATOM   1428 C CG2 . THR A 1 192 ? 11.599  -6.087  14.864  1.00 55.30  ? 348 THR A CG2 1 
ATOM   1429 N N   . ALA A 1 193 ? 12.108  -3.286  12.687  1.00 47.42  ? 349 ALA A N   1 
ATOM   1430 C CA  . ALA A 1 193 ? 12.712  -3.399  11.366  1.00 47.98  ? 349 ALA A CA  1 
ATOM   1431 C C   . ALA A 1 193 ? 12.867  -4.892  11.077  1.00 53.72  ? 349 ALA A C   1 
ATOM   1432 O O   . ALA A 1 193 ? 13.418  -5.640  11.900  1.00 55.72  ? 349 ALA A O   1 
ATOM   1433 C CB  . ALA A 1 193 ? 14.059  -2.674  11.274  1.00 39.16  ? 349 ALA A CB  1 
ATOM   1434 N N   . GLY A 1 194 ? 12.331  -5.320  9.934   1.00 48.68  ? 350 GLY A N   1 
ATOM   1435 C CA  . GLY A 1 194 ? 12.402  -6.708  9.533   1.00 51.15  ? 350 GLY A CA  1 
ATOM   1436 C C   . GLY A 1 194 ? 11.205  -7.528  9.962   1.00 51.04  ? 350 GLY A C   1 
ATOM   1437 O O   . GLY A 1 194 ? 11.095  -8.697  9.581   1.00 57.58  ? 350 GLY A O   1 
ATOM   1438 N N   . ILE A 1 195 ? 10.322  -6.941  10.768  1.00 48.36  ? 351 ILE A N   1 
ATOM   1439 C CA  . ILE A 1 195 ? 9.026   -7.557  11.060  1.00 44.33  ? 351 ILE A CA  1 
ATOM   1440 C C   . ILE A 1 195 ? 7.890   -6.544  10.822  1.00 48.32  ? 351 ILE A C   1 
ATOM   1441 O O   . ILE A 1 195 ? 7.660   -5.636  11.610  1.00 49.96  ? 351 ILE A O   1 
ATOM   1442 C CB  . ILE A 1 195 ? 8.983   -8.127  12.459  1.00 42.71  ? 351 ILE A CB  1 
ATOM   1443 C CG1 . ILE A 1 195 ? 10.250  -8.952  12.731  1.00 49.13  ? 351 ILE A CG1 1 
ATOM   1444 C CG2 . ILE A 1 195 ? 7.750   -8.990  12.608  1.00 46.47  ? 351 ILE A CG2 1 
ATOM   1445 C CD1 . ILE A 1 195 ? 10.147  -9.919  13.927  1.00 48.38  ? 351 ILE A CD1 1 
ATOM   1446 N N   . SER A 1 196 ? 7.202   -6.711  9.701   1.00 51.84  ? 352 SER A N   1 
ATOM   1447 C CA  . SER A 1 196 ? 6.194   -5.771  9.234   1.00 48.82  ? 352 SER A CA  1 
ATOM   1448 C C   . SER A 1 196 ? 5.062   -6.595  8.649   1.00 50.32  ? 352 SER A C   1 
ATOM   1449 O O   . SER A 1 196 ? 5.265   -7.735  8.268   1.00 45.93  ? 352 SER A O   1 
ATOM   1450 C CB  . SER A 1 196 ? 6.786   -4.866  8.162   1.00 51.84  ? 352 SER A CB  1 
ATOM   1451 O OG  . SER A 1 196 ? 8.133   -4.520  8.477   1.00 60.58  ? 352 SER A OG  1 
ATOM   1452 N N   . PHE A 1 197 ? 3.870   -6.022  8.580   1.00 57.37  ? 353 PHE A N   1 
ATOM   1453 C CA  . PHE A 1 197 ? 2.683   -6.800  8.251   1.00 54.86  ? 353 PHE A CA  1 
ATOM   1454 C C   . PHE A 1 197 ? 1.806   -6.113  7.232   1.00 55.76  ? 353 PHE A C   1 
ATOM   1455 O O   . PHE A 1 197 ? 1.819   -4.887  7.103   1.00 51.91  ? 353 PHE A O   1 
ATOM   1456 C CB  . PHE A 1 197 ? 1.885   -7.078  9.509   1.00 52.23  ? 353 PHE A CB  1 
ATOM   1457 C CG  . PHE A 1 197 ? 2.624   -7.900  10.510  1.00 52.93  ? 353 PHE A CG  1 
ATOM   1458 C CD1 . PHE A 1 197 ? 3.383   -7.294  11.498  1.00 56.75  ? 353 PHE A CD1 1 
ATOM   1459 C CD2 . PHE A 1 197 ? 2.580   -9.280  10.454  1.00 50.87  ? 353 PHE A CD2 1 
ATOM   1460 C CE1 . PHE A 1 197 ? 4.068   -8.060  12.427  1.00 58.67  ? 353 PHE A CE1 1 
ATOM   1461 C CE2 . PHE A 1 197 ? 3.258   -10.049 11.377  1.00 52.38  ? 353 PHE A CE2 1 
ATOM   1462 C CZ  . PHE A 1 197 ? 4.002   -9.444  12.365  1.00 54.17  ? 353 PHE A CZ  1 
ATOM   1463 N N   . ALA A 1 198 ? 1.045   -6.924  6.507   1.00 54.13  ? 354 ALA A N   1 
ATOM   1464 C CA  . ALA A 1 198 ? 0.247   -6.427  5.413   1.00 57.09  ? 354 ALA A CA  1 
ATOM   1465 C C   . ALA A 1 198 ? -1.104  -7.125  5.409   1.00 60.99  ? 354 ALA A C   1 
ATOM   1466 O O   . ALA A 1 198 ? -1.191  -8.315  5.738   1.00 60.05  ? 354 ALA A O   1 
ATOM   1467 C CB  . ALA A 1 198 ? 0.983   -6.640  4.080   1.00 47.90  ? 354 ALA A CB  1 
ATOM   1468 N N   . ILE A 1 199 ? -2.155  -6.386  5.046   1.00 64.10  ? 355 ILE A N   1 
ATOM   1469 C CA  . ILE A 1 199 ? -3.486  -6.980  4.942   1.00 63.06  ? 355 ILE A CA  1 
ATOM   1470 C C   . ILE A 1 199 ? -3.443  -7.815  3.694   1.00 57.96  ? 355 ILE A C   1 
ATOM   1471 O O   . ILE A 1 199 ? -2.990  -7.321  2.665   1.00 59.34  ? 355 ILE A O   1 
ATOM   1472 C CB  . ILE A 1 199 ? -4.642  -5.971  4.740   1.00 67.36  ? 355 ILE A CB  1 
ATOM   1473 C CG1 . ILE A 1 199 ? -4.514  -4.727  5.622   1.00 65.74  ? 355 ILE A CG1 1 
ATOM   1474 C CG2 . ILE A 1 199 ? -5.964  -6.662  5.016   1.00 74.45  ? 355 ILE A CG2 1 
ATOM   1475 C CD1 . ILE A 1 199 ? -4.385  -5.018  7.059   1.00 64.05  ? 355 ILE A CD1 1 
ATOM   1476 N N   . PRO A 1 200 ? -3.917  -9.070  3.763   1.00 57.67  ? 356 PRO A N   1 
ATOM   1477 C CA  . PRO A 1 200 ? -3.912  -9.907  2.565   1.00 58.63  ? 356 PRO A CA  1 
ATOM   1478 C C   . PRO A 1 200 ? -4.720  -9.312  1.438   1.00 63.40  ? 356 PRO A C   1 
ATOM   1479 O O   . PRO A 1 200 ? -5.697  -8.599  1.679   1.00 67.92  ? 356 PRO A O   1 
ATOM   1480 C CB  . PRO A 1 200 ? -4.564  -11.207 3.023   1.00 64.14  ? 356 PRO A CB  1 
ATOM   1481 C CG  . PRO A 1 200 ? -4.443  -11.229 4.482   1.00 63.77  ? 356 PRO A CG  1 
ATOM   1482 C CD  . PRO A 1 200 ? -4.386  -9.804  4.949   1.00 62.88  ? 356 PRO A CD  1 
ATOM   1483 N N   . SER A 1 201 ? -4.308  -9.617  0.214   1.00 70.73  ? 357 SER A N   1 
ATOM   1484 C CA  . SER A 1 201 ? -4.989  -9.128  -0.974  1.00 73.36  ? 357 SER A CA  1 
ATOM   1485 C C   . SER A 1 201 ? -6.394  -9.707  -1.122  1.00 73.75  ? 357 SER A C   1 
ATOM   1486 O O   . SER A 1 201 ? -7.270  -9.064  -1.683  1.00 81.75  ? 357 SER A O   1 
ATOM   1487 C CB  . SER A 1 201 ? -4.163  -9.449  -2.214  1.00 72.48  ? 357 SER A CB  1 
ATOM   1488 O OG  . SER A 1 201 ? -3.790  -10.810 -2.208  1.00 76.15  ? 357 SER A OG  1 
ATOM   1489 N N   . ASP A 1 202 ? -6.615  -10.912 -0.614  1.00 78.03  ? 358 ASP A N   1 
ATOM   1490 C CA  . ASP A 1 202 ? -7.913  -11.559 -0.759  1.00 84.24  ? 358 ASP A CA  1 
ATOM   1491 C C   . ASP A 1 202 ? -8.966  -10.936 0.145   1.00 84.11  ? 358 ASP A C   1 
ATOM   1492 O O   . ASP A 1 202 ? -10.134 -10.849 -0.231  1.00 91.43  ? 358 ASP A O   1 
ATOM   1493 C CB  . ASP A 1 202 ? -7.791  -13.067 -0.526  1.00 93.48  ? 358 ASP A CB  1 
ATOM   1494 C CG  . ASP A 1 202 ? -6.980  -13.760 -1.621  1.00 101.95 ? 358 ASP A CG  1 
ATOM   1495 O OD1 . ASP A 1 202 ? -6.520  -13.065 -2.561  1.00 103.19 ? 358 ASP A OD1 1 
ATOM   1496 O OD2 . ASP A 1 202 ? -6.798  -14.995 -1.544  1.00 101.66 ? 358 ASP A OD2 1 
ATOM   1497 N N   . LYS A 1 203 ? -8.559  -10.487 1.326   1.00 83.07  ? 359 LYS A N   1 
ATOM   1498 C CA  . LYS A 1 203 ? -9.448  -9.689  2.169   1.00 81.22  ? 359 LYS A CA  1 
ATOM   1499 C C   . LYS A 1 203 ? -9.656  -8.323  1.537   1.00 78.92  ? 359 LYS A C   1 
ATOM   1500 O O   . LYS A 1 203 ? -10.744 -7.769  1.611   1.00 88.44  ? 359 LYS A O   1 
ATOM   1501 C CB  . LYS A 1 203 ? -8.881  -9.530  3.573   1.00 81.90  ? 359 LYS A CB  1 
ATOM   1502 C CG  . LYS A 1 203 ? -8.729  -10.840 4.314   1.00 84.02  ? 359 LYS A CG  1 
ATOM   1503 C CD  . LYS A 1 203 ? -10.048 -11.366 4.845   1.00 83.18  ? 359 LYS A CD  1 
ATOM   1504 C CE  . LYS A 1 203 ? -9.842  -12.681 5.581   1.00 89.82  ? 359 LYS A CE  1 
ATOM   1505 N NZ  . LYS A 1 203 ? -11.065 -13.524 5.596   1.00 95.02  ? 359 LYS A NZ  1 
ATOM   1506 N N   . ILE A 1 204 ? -8.613  -7.778  0.919   1.00 74.65  ? 360 ILE A N   1 
ATOM   1507 C CA  . ILE A 1 204 ? -8.763  -6.552  0.146   1.00 76.98  ? 360 ILE A CA  1 
ATOM   1508 C C   . ILE A 1 204 ? -9.844  -6.741  -0.901  1.00 87.33  ? 360 ILE A C   1 
ATOM   1509 O O   . ILE A 1 204 ? -10.795 -5.967  -0.969  1.00 95.68  ? 360 ILE A O   1 
ATOM   1510 C CB  . ILE A 1 204 ? -7.475  -6.180  -0.576  1.00 73.80  ? 360 ILE A CB  1 
ATOM   1511 C CG1 . ILE A 1 204 ? -6.464  -5.617  0.413   1.00 74.82  ? 360 ILE A CG1 1 
ATOM   1512 C CG2 . ILE A 1 204 ? -7.747  -5.182  -1.692  1.00 67.94  ? 360 ILE A CG2 1 
ATOM   1513 C CD1 . ILE A 1 204 ? -5.075  -5.605  -0.144  1.00 76.83  ? 360 ILE A CD1 1 
ATOM   1514 N N   . LYS A 1 205 ? -9.689  -7.785  -1.710  1.00 96.30  ? 361 LYS A N   1 
ATOM   1515 C CA  . LYS A 1 205 ? -10.640 -8.092  -2.775  1.00 96.22  ? 361 LYS A CA  1 
ATOM   1516 C C   . LYS A 1 205 ? -12.059 -7.993  -2.226  1.00 95.26  ? 361 LYS A C   1 
ATOM   1517 O O   . LYS A 1 205 ? -12.871 -7.221  -2.743  1.00 89.13  ? 361 LYS A O   1 
ATOM   1518 C CB  . LYS A 1 205 ? -10.366 -9.487  -3.362  1.00 102.58 ? 361 LYS A CB  1 
ATOM   1519 C CG  . LYS A 1 205 ? -10.890 -9.701  -4.789  1.00 108.40 ? 361 LYS A CG  1 
ATOM   1520 C CD  . LYS A 1 205 ? -10.021 -10.693 -5.596  1.00 112.36 ? 361 LYS A CD  1 
ATOM   1521 C CE  . LYS A 1 205 ? -10.058 -12.120 -5.026  1.00 119.79 ? 361 LYS A CE  1 
ATOM   1522 N NZ  . LYS A 1 205 ? -9.152  -13.067 -5.752  1.00 114.39 ? 361 LYS A NZ  1 
ATOM   1523 N N   . LYS A 1 206 ? -12.336 -8.738  -1.155  1.00 88.96  ? 362 LYS A N   1 
ATOM   1524 C CA  . LYS A 1 206 ? -13.638 -8.676  -0.498  1.00 90.20  ? 362 LYS A CA  1 
ATOM   1525 C C   . LYS A 1 206 ? -14.092 -7.222  -0.373  1.00 91.16  ? 362 LYS A C   1 
ATOM   1526 O O   . LYS A 1 206 ? -15.118 -6.837  -0.934  1.00 99.79  ? 362 LYS A O   1 
ATOM   1527 C CB  . LYS A 1 206 ? -13.594 -9.343  0.882   1.00 93.32  ? 362 LYS A CB  1 
ATOM   1528 C CG  . LYS A 1 206 ? -14.891 -9.219  1.673   1.00 98.24  ? 362 LYS A CG  1 
ATOM   1529 C CD  . LYS A 1 206 ? -14.890 -10.070 2.938   1.00 103.89 ? 362 LYS A CD  1 
ATOM   1530 C CE  . LYS A 1 206 ? -16.216 -9.930  3.690   1.00 105.69 ? 362 LYS A CE  1 
ATOM   1531 N NZ  . LYS A 1 206 ? -16.176 -10.457 5.088   1.00 105.46 ? 362 LYS A NZ  1 
ATOM   1532 N N   . PHE A 1 207 ? -13.308 -6.417  0.331   1.00 86.85  ? 363 PHE A N   1 
ATOM   1533 C CA  . PHE A 1 207 ? -13.650 -5.015  0.555   1.00 86.05  ? 363 PHE A CA  1 
ATOM   1534 C C   . PHE A 1 207 ? -14.061 -4.282  -0.728  1.00 91.35  ? 363 PHE A C   1 
ATOM   1535 O O   . PHE A 1 207 ? -14.990 -3.471  -0.700  1.00 96.26  ? 363 PHE A O   1 
ATOM   1536 C CB  . PHE A 1 207 ? -12.496 -4.288  1.250   1.00 84.76  ? 363 PHE A CB  1 
ATOM   1537 C CG  . PHE A 1 207 ? -12.606 -2.794  1.205   1.00 81.68  ? 363 PHE A CG  1 
ATOM   1538 C CD1 . PHE A 1 207 ? -13.315 -2.106  2.183   1.00 81.26  ? 363 PHE A CD1 1 
ATOM   1539 C CD2 . PHE A 1 207 ? -11.999 -2.072  0.179   1.00 78.43  ? 363 PHE A CD2 1 
ATOM   1540 C CE1 . PHE A 1 207 ? -13.419 -0.714  2.141   1.00 84.23  ? 363 PHE A CE1 1 
ATOM   1541 C CE2 . PHE A 1 207 ? -12.098 -0.681  0.122   1.00 79.64  ? 363 PHE A CE2 1 
ATOM   1542 C CZ  . PHE A 1 207 ? -12.810 -0.001  1.104   1.00 84.46  ? 363 PHE A CZ  1 
ATOM   1543 N N   . LEU A 1 208 ? -13.385 -4.568  -1.842  1.00 94.06  ? 364 LEU A N   1 
ATOM   1544 C CA  . LEU A 1 208 ? -13.696 -3.908  -3.121  1.00 95.98  ? 364 LEU A CA  1 
ATOM   1545 C C   . LEU A 1 208 ? -15.062 -4.318  -3.672  1.00 100.11 ? 364 LEU A C   1 
ATOM   1546 O O   . LEU A 1 208 ? -15.863 -3.468  -4.070  1.00 83.29  ? 364 LEU A O   1 
ATOM   1547 C CB  . LEU A 1 208 ? -12.646 -4.227  -4.194  1.00 92.79  ? 364 LEU A CB  1 
ATOM   1548 C CG  . LEU A 1 208 ? -11.252 -3.599  -4.177  1.00 85.28  ? 364 LEU A CG  1 
ATOM   1549 C CD1 . LEU A 1 208 ? -11.342 -2.095  -4.056  1.00 84.56  ? 364 LEU A CD1 1 
ATOM   1550 C CD2 . LEU A 1 208 ? -10.409 -4.189  -3.069  1.00 90.69  ? 364 LEU A CD2 1 
ATOM   1551 N N   . THR A 1 209 ? -15.299 -5.629  -3.716  1.00 108.40 ? 365 THR A N   1 
ATOM   1552 C CA  . THR A 1 209 ? -16.540 -6.190  -4.254  1.00 112.01 ? 365 THR A CA  1 
ATOM   1553 C C   . THR A 1 209 ? -17.772 -5.750  -3.464  1.00 120.90 ? 365 THR A C   1 
ATOM   1554 O O   . THR A 1 209 ? -18.852 -5.587  -4.036  1.00 136.02 ? 365 THR A O   1 
ATOM   1555 C CB  . THR A 1 209 ? -16.485 -7.727  -4.271  1.00 111.72 ? 365 THR A CB  1 
ATOM   1556 O OG1 . THR A 1 209 ? -15.404 -8.153  -5.106  1.00 101.79 ? 365 THR A OG1 1 
ATOM   1557 C CG2 . THR A 1 209 ? -17.794 -8.316  -4.796  1.00 117.91 ? 365 THR A CG2 1 
ATOM   1558 N N   . GLU A 1 210 ? -17.603 -5.552  -2.159  1.00 120.02 ? 366 GLU A N   1 
ATOM   1559 C CA  . GLU A 1 210 ? -18.679 -5.050  -1.300  1.00 121.41 ? 366 GLU A CA  1 
ATOM   1560 C C   . GLU A 1 210 ? -18.799 -3.519  -1.338  1.00 123.58 ? 366 GLU A C   1 
ATOM   1561 O O   . GLU A 1 210 ? -19.567 -2.938  -0.570  1.00 126.84 ? 366 GLU A O   1 
ATOM   1562 C CB  . GLU A 1 210 ? -18.467 -5.520  0.141   1.00 120.90 ? 366 GLU A CB  1 
ATOM   1563 C CG  . GLU A 1 210 ? -18.401 -7.034  0.293   1.00 121.31 ? 366 GLU A CG  1 
ATOM   1564 C CD  . GLU A 1 210 ? -18.131 -7.473  1.724   1.00 127.67 ? 366 GLU A CD  1 
ATOM   1565 O OE1 . GLU A 1 210 ? -17.494 -6.712  2.487   1.00 121.69 ? 366 GLU A OE1 1 
ATOM   1566 O OE2 . GLU A 1 210 ? -18.555 -8.592  2.083   1.00 131.39 ? 366 GLU A OE2 1 
ATOM   1567 N N   . SER A 1 211 ? -18.041 -2.876  -2.227  1.00 129.27 ? 367 SER A N   1 
ATOM   1568 C CA  . SER A 1 211 ? -18.111 -1.429  -2.439  1.00 132.73 ? 367 SER A CA  1 
ATOM   1569 C C   . SER A 1 211 ? -18.774 -1.109  -3.784  1.00 142.21 ? 367 SER A C   1 
ATOM   1570 O O   . SER A 1 211 ? -19.666 -0.260  -3.857  1.00 142.32 ? 367 SER A O   1 
ATOM   1571 C CB  . SER A 1 211 ? -16.710 -0.824  -2.387  1.00 126.43 ? 367 SER A CB  1 
ATOM   1572 O OG  . SER A 1 211 ? -16.773 0.578   -2.221  1.00 121.88 ? 367 SER A OG  1 
ATOM   1573 N N   . HIS A 1 212 ? -18.324 -1.785  -4.842  1.00 149.18 ? 368 HIS A N   1 
ATOM   1574 C CA  . HIS A 1 212 ? -18.942 -1.681  -6.170  1.00 151.40 ? 368 HIS A CA  1 
ATOM   1575 C C   . HIS A 1 212 ? -20.391 -2.178  -6.113  1.00 157.99 ? 368 HIS A C   1 
ATOM   1576 O O   . HIS A 1 212 ? -21.296 -1.539  -6.655  1.00 157.57 ? 368 HIS A O   1 
ATOM   1577 C CB  . HIS A 1 212 ? -18.135 -2.490  -7.199  1.00 150.92 ? 368 HIS A CB  1 
ATOM   1578 C CG  . HIS A 1 212 ? -18.419 -2.126  -8.626  1.00 143.98 ? 368 HIS A CG  1 
ATOM   1579 N ND1 . HIS A 1 212 ? -19.056 -2.980  -9.500  1.00 138.19 ? 368 HIS A ND1 1 
ATOM   1580 C CD2 . HIS A 1 212 ? -18.138 -1.005  -9.333  1.00 138.59 ? 368 HIS A CD2 1 
ATOM   1581 C CE1 . HIS A 1 212 ? -19.161 -2.400  -10.683 1.00 135.14 ? 368 HIS A CE1 1 
ATOM   1582 N NE2 . HIS A 1 212 ? -18.612 -1.201  -10.607 1.00 135.17 ? 368 HIS A NE2 1 
ATOM   1583 N N   . ASP A 1 213 ? -20.592 -3.319  -5.452  1.00 156.88 ? 369 ASP A N   1 
ATOM   1584 C CA  . ASP A 1 213 ? -21.927 -3.831  -5.139  1.00 148.45 ? 369 ASP A CA  1 
ATOM   1585 C C   . ASP A 1 213 ? -22.377 -3.271  -3.785  1.00 154.48 ? 369 ASP A C   1 
ATOM   1586 O O   . ASP A 1 213 ? -21.952 -3.758  -2.735  1.00 163.62 ? 369 ASP A O   1 
ATOM   1587 C CB  . ASP A 1 213 ? -21.937 -5.361  -5.120  1.00 20.00  ? 369 ASP A CB  1 
ATOM   1588 N N   . ARG A 1 214 ? -23.233 -2.249  -3.825  1.00 154.51 ? 370 ARG A N   1 
ATOM   1589 C CA  . ARG A 1 214 ? -23.718 -1.549  -2.626  1.00 150.66 ? 370 ARG A CA  1 
ATOM   1590 C C   . ARG A 1 214 ? -22.719 -0.487  -2.165  1.00 150.48 ? 370 ARG A C   1 
ATOM   1591 O O   . ARG A 1 214 ? -22.222 -0.508  -1.036  1.00 153.02 ? 370 ARG A O   1 
ATOM   1592 C CB  . ARG A 1 214 ? -23.986 -2.545  -1.496  1.00 20.00  ? 370 ARG A CB  1 
ATOM   1593 N N   . MET B 2 3   ? 4.350   -5.519  21.188  1.00 121.22 ? 4   MET B N   1 
ATOM   1594 C CA  . MET B 2 3   ? 3.197   -5.194  20.300  1.00 118.86 ? 4   MET B CA  1 
ATOM   1595 C C   . MET B 2 3   ? 3.660   -4.532  18.994  1.00 108.56 ? 4   MET B C   1 
ATOM   1596 O O   . MET B 2 3   ? 4.857   -4.447  18.721  1.00 106.18 ? 4   MET B O   1 
ATOM   1597 C CB  . MET B 2 3   ? 2.191   -4.299  21.046  1.00 131.33 ? 4   MET B CB  1 
ATOM   1598 C CG  . MET B 2 3   ? 2.643   -2.850  21.282  1.00 134.75 ? 4   MET B CG  1 
ATOM   1599 S SD  . MET B 2 3   ? 1.334   -1.804  21.970  1.00 142.61 ? 4   MET B SD  1 
ATOM   1600 C CE  . MET B 2 3   ? 0.234   -1.634  20.563  1.00 128.26 ? 4   MET B CE  1 
ATOM   1601 N N   . PHE B 2 4   ? 2.698   -4.055  18.208  1.00 100.69 ? 5   PHE B N   1 
ATOM   1602 C CA  . PHE B 2 4   ? 2.945   -3.464  16.889  1.00 99.55  ? 5   PHE B CA  1 
ATOM   1603 C C   . PHE B 2 4   ? 2.887   -1.931  16.925  1.00 93.34  ? 5   PHE B C   1 
ATOM   1604 O O   . PHE B 2 4   ? 2.788   -1.327  17.989  1.00 104.94 ? 5   PHE B O   1 
ATOM   1605 C CB  . PHE B 2 4   ? 1.905   -3.996  15.887  1.00 101.68 ? 5   PHE B CB  1 
ATOM   1606 C CG  . PHE B 2 4   ? 0.484   -3.655  16.249  1.00 106.31 ? 5   PHE B CG  1 
ATOM   1607 C CD1 . PHE B 2 4   ? -0.081  -2.443  15.862  1.00 114.29 ? 5   PHE B CD1 1 
ATOM   1608 C CD2 . PHE B 2 4   ? -0.285  -4.541  16.994  1.00 117.01 ? 5   PHE B CD2 1 
ATOM   1609 C CE1 . PHE B 2 4   ? -1.392  -2.120  16.209  1.00 120.43 ? 5   PHE B CE1 1 
ATOM   1610 C CE2 . PHE B 2 4   ? -1.597  -4.227  17.343  1.00 127.76 ? 5   PHE B CE2 1 
ATOM   1611 C CZ  . PHE B 2 4   ? -2.151  -3.014  16.948  1.00 125.86 ? 5   PHE B CZ  1 
ATOM   1612 N N   . LYS B 2 5   ? 2.967   -1.316  15.748  1.00 86.30  ? 6   LYS B N   1 
ATOM   1613 C CA  . LYS B 2 5   ? 2.622   0.089   15.550  1.00 78.30  ? 6   LYS B CA  1 
ATOM   1614 C C   . LYS B 2 5   ? 2.139   0.241   14.107  1.00 74.27  ? 6   LYS B C   1 
ATOM   1615 O O   . LYS B 2 5   ? 2.669   -0.427  13.219  1.00 84.84  ? 6   LYS B O   1 
ATOM   1616 C CB  . LYS B 2 5   ? 3.814   1.005   15.831  1.00 20.00  ? 6   LYS B CB  1 
ATOM   1617 N N   . LEU B 2 6   ? 1.133   1.088   13.874  1.00 69.27  ? 7   LEU B N   1 
ATOM   1618 C CA  . LEU B 2 6   ? 0.629   1.347   12.510  1.00 69.21  ? 7   LEU B CA  1 
ATOM   1619 C C   . LEU B 2 6   ? 1.558   2.306   11.756  1.00 69.76  ? 7   LEU B C   1 
ATOM   1620 O O   . LEU B 2 6   ? 2.243   3.118   12.376  1.00 85.28  ? 7   LEU B O   1 
ATOM   1621 C CB  . LEU B 2 6   ? -0.803  1.916   12.534  1.00 70.27  ? 7   LEU B CB  1 
ATOM   1622 C CG  . LEU B 2 6   ? -1.891  1.189   13.348  1.00 72.78  ? 7   LEU B CG  1 
ATOM   1623 C CD1 . LEU B 2 6   ? -3.290  1.575   12.871  1.00 65.77  ? 7   LEU B CD1 1 
ATOM   1624 C CD2 . LEU B 2 6   ? -1.728  -0.322  13.308  1.00 66.46  ? 7   LEU B CD2 1 
HETATM 1625 N N   . B2V B 2 7   ? 1.556   2.215   10.423  1.00 73.41  ? 8   B2V B N   1 
HETATM 1626 C CA  . B2V B 2 7   ? 2.495   2.972   9.560   1.00 70.66  ? 8   B2V B CA  1 
HETATM 1627 C CB  . B2V B 2 7   ? 3.457   1.994   8.836   1.00 68.41  ? 8   B2V B CB  1 
HETATM 1628 C CG1 . B2V B 2 7   ? 4.501   1.452   9.811   1.00 59.29  ? 8   B2V B CG1 1 
HETATM 1629 C CG2 . B2V B 2 7   ? 2.806   0.789   8.149   1.00 60.03  ? 8   B2V B CG2 1 
HETATM 1630 B B   . B2V B 2 7   ? 1.715   3.965   8.549   1.00 74.20  ? 8   B2V B B   1 
HETATM 1631 O O1  . B2V B 2 7   ? 0.783   4.953   9.253   1.00 79.95  ? 8   B2V B O1  1 
HETATM 1632 O O2  . B2V B 2 7   ? 2.604   4.646   7.499   1.00 83.54  ? 8   B2V B O2  1 
# 
